data_6XDK
#
_entry.id   6XDK
#
_cell.length_a   64.350
_cell.length_b   71.620
_cell.length_c   89.860
_cell.angle_alpha   84.985
_cell.angle_beta   88.816
_cell.angle_gamma   63.369
#
_symmetry.space_group_name_H-M   'P 1'
#
loop_
_entity.id
_entity.type
_entity.pdbx_description
1 polymer 'Phosphoserine aminotransferase'
2 non-polymer 'CHLORIDE ION'
3 non-polymer 1,2-ETHANEDIOL
4 non-polymer 'CALCIUM ION'
5 non-polymer "PYRIDOXAL-5'-PHOSPHATE"
6 water water
#
_entity_poly.entity_id   1
_entity_poly.type   'polypeptide(L)'
_entity_poly.pdbx_seq_one_letter_code
;MAHHHHHHMTRAFNFSAGPATLPESVLRQAQAEMLDWHGSGASIVEMSHRGAEFMSVAAEAEADLRRLLDIPDDYAVLFL
SGGATTQQALIPLNFAAPGQRADYVVSGHWGKTAVKQAGVYVDVNIAASSEANGYRELPARADWQLSRDAAYVHITANET
IHGVEFRDVPDTGNVPLIADFSSSIASEPLDVRRYGVIYAGAQKNLGPVGVAVMIIRRDLLERSGQPRADIFDYRSHVAR
DSMLNTPPTWNWYLAGLVFKWMLAEGGVTEFAKRNAAKAALVYGAIDGSGGFYRNEVAYAARSRMNIPFFLPDAELDARF
VAEAKAAGLLALKGHKVVGGIRASLYNAMPLAGAEALVAFMADFQQRHG
;
_entity_poly.pdbx_strand_id   A,B,C,D
#
loop_
_chem_comp.id
_chem_comp.type
_chem_comp.name
_chem_comp.formula
CA non-polymer 'CALCIUM ION' 'Ca 2'
CL non-polymer 'CHLORIDE ION' 'Cl -1'
EDO non-polymer 1,2-ETHANEDIOL 'C2 H6 O2'
PLP non-polymer PYRIDOXAL-5'-PHOSPHATE 'C8 H10 N O6 P'
#
# COMPACT_ATOMS: atom_id res chain seq x y z
N ALA A 12 25.59 25.55 -13.19
CA ALA A 12 25.24 24.67 -12.08
C ALA A 12 25.61 23.23 -12.39
N PHE A 13 25.83 22.45 -11.34
CA PHE A 13 26.09 21.02 -11.48
C PHE A 13 24.99 20.27 -10.75
N ASN A 14 24.46 19.23 -11.39
CA ASN A 14 23.35 18.46 -10.87
C ASN A 14 23.88 17.13 -10.37
N PHE A 15 23.95 16.97 -9.05
CA PHE A 15 24.47 15.74 -8.44
C PHE A 15 23.37 14.70 -8.16
N SER A 16 22.21 14.83 -8.80
CA SER A 16 21.10 13.89 -8.59
C SER A 16 21.50 12.43 -8.84
N ALA A 17 21.08 11.55 -7.93
CA ALA A 17 21.23 10.11 -8.13
C ALA A 17 20.22 9.53 -9.11
N GLY A 18 19.24 10.32 -9.51
CA GLY A 18 18.23 9.86 -10.43
C GLY A 18 17.06 10.81 -10.36
N PRO A 19 16.65 11.34 -11.52
CA PRO A 19 17.29 11.10 -12.83
C PRO A 19 18.65 11.82 -12.96
N ALA A 20 19.58 11.19 -13.66
N ALA A 20 19.64 11.09 -13.45
CA ALA A 20 20.94 11.66 -13.83
CA ALA A 20 20.94 11.67 -13.74
C ALA A 20 21.06 12.78 -14.87
C ALA A 20 20.82 12.64 -14.90
N THR A 21 22.10 13.61 -14.70
N THR A 21 21.25 13.88 -14.72
CA THR A 21 22.37 14.67 -15.66
CA THR A 21 21.13 14.79 -15.84
C THR A 21 22.61 14.06 -17.06
C THR A 21 22.21 14.47 -16.87
N LEU A 22 21.80 14.51 -18.09
CA LEU A 22 22.00 14.07 -19.47
CA LEU A 22 22.09 14.02 -19.42
C LEU A 22 23.02 14.98 -20.16
N PRO A 23 23.88 14.47 -21.07
CA PRO A 23 24.80 15.38 -21.74
C PRO A 23 24.02 16.43 -22.50
N GLU A 24 24.45 17.68 -22.37
CA GLU A 24 23.74 18.78 -23.01
C GLU A 24 23.66 18.59 -24.52
N SER A 25 24.72 18.04 -25.11
CA SER A 25 24.73 17.85 -26.56
C SER A 25 23.69 16.82 -27.01
N VAL A 26 23.45 15.79 -26.21
CA VAL A 26 22.41 14.80 -26.57
C VAL A 26 21.03 15.45 -26.63
N LEU A 27 20.68 16.24 -25.61
CA LEU A 27 19.40 16.92 -25.64
C LEU A 27 19.30 17.91 -26.79
N ARG A 28 20.39 18.61 -27.10
CA ARG A 28 20.36 19.54 -28.22
C ARG A 28 20.13 18.83 -29.54
N GLN A 29 20.80 17.70 -29.75
CA GLN A 29 20.61 16.95 -30.98
C GLN A 29 19.20 16.40 -31.06
N ALA A 30 18.71 15.82 -29.96
CA ALA A 30 17.35 15.28 -29.96
C ALA A 30 16.32 16.36 -30.28
N GLN A 31 16.45 17.54 -29.66
CA GLN A 31 15.53 18.62 -29.97
C GLN A 31 15.63 19.03 -31.43
N ALA A 32 16.85 19.17 -31.95
CA ALA A 32 17.03 19.68 -33.29
C ALA A 32 16.44 18.74 -34.33
N GLU A 33 16.58 17.44 -34.13
CA GLU A 33 16.08 16.58 -35.20
CA GLU A 33 16.17 16.41 -35.08
C GLU A 33 14.75 15.91 -34.85
N MET A 34 14.05 16.41 -33.83
CA MET A 34 12.80 15.78 -33.43
CA MET A 34 12.80 15.78 -33.43
C MET A 34 11.82 15.69 -34.58
N LEU A 35 11.75 16.72 -35.41
CA LEU A 35 10.84 16.73 -36.54
C LEU A 35 11.55 16.57 -37.87
N ASP A 36 12.82 16.18 -37.85
CA ASP A 36 13.64 16.23 -39.04
C ASP A 36 14.84 15.31 -38.86
N TRP A 37 14.59 14.04 -38.61
CA TRP A 37 15.66 13.09 -38.34
C TRP A 37 16.57 12.96 -39.55
N HIS A 38 17.87 13.24 -39.35
CA HIS A 38 18.86 13.10 -40.43
C HIS A 38 18.48 13.86 -41.68
N GLY A 39 17.83 15.00 -41.51
CA GLY A 39 17.45 15.84 -42.65
C GLY A 39 16.30 15.31 -43.46
N SER A 40 15.64 14.24 -42.99
CA SER A 40 14.61 13.52 -43.72
C SER A 40 13.24 14.17 -43.65
N GLY A 41 13.03 15.12 -42.73
CA GLY A 41 11.71 15.69 -42.51
C GLY A 41 10.77 14.79 -41.72
N ALA A 42 11.26 13.66 -41.24
CA ALA A 42 10.44 12.70 -40.52
C ALA A 42 10.73 12.79 -39.02
N SER A 43 9.72 12.56 -38.19
CA SER A 43 9.95 12.55 -36.75
CA SER A 43 9.93 12.55 -36.76
C SER A 43 10.18 11.13 -36.26
N ILE A 44 11.17 10.98 -35.38
CA ILE A 44 11.40 9.68 -34.75
C ILE A 44 10.13 9.19 -34.05
N VAL A 45 9.37 10.10 -33.44
CA VAL A 45 8.19 9.72 -32.67
CA VAL A 45 8.23 9.61 -32.66
C VAL A 45 7.14 9.05 -33.55
N GLU A 46 7.17 9.32 -34.85
CA GLU A 46 6.14 8.74 -35.73
C GLU A 46 6.68 7.64 -36.64
N MET A 47 7.93 7.23 -36.45
CA MET A 47 8.50 6.16 -37.28
C MET A 47 7.95 4.80 -36.87
N SER A 48 7.60 3.98 -37.85
CA SER A 48 7.25 2.60 -37.57
CA SER A 48 7.25 2.60 -37.57
C SER A 48 8.50 1.84 -37.16
N HIS A 49 8.39 1.05 -36.10
CA HIS A 49 9.58 0.32 -35.66
CA HIS A 49 9.50 0.22 -35.61
C HIS A 49 10.01 -0.74 -36.69
N ARG A 50 9.12 -1.21 -37.55
CA ARG A 50 9.53 -2.15 -38.58
C ARG A 50 9.84 -1.47 -39.90
N GLY A 51 9.81 -0.14 -39.95
CA GLY A 51 10.23 0.55 -41.15
C GLY A 51 11.75 0.59 -41.26
N ALA A 52 12.25 0.77 -42.49
CA ALA A 52 13.68 0.72 -42.70
C ALA A 52 14.41 1.83 -41.94
N GLU A 53 13.80 3.00 -41.75
CA GLU A 53 14.52 4.05 -41.03
C GLU A 53 14.75 3.65 -39.58
N PHE A 54 13.68 3.29 -38.85
CA PHE A 54 13.93 2.95 -37.46
C PHE A 54 14.71 1.65 -37.33
N MET A 55 14.54 0.70 -38.25
CA MET A 55 15.37 -0.50 -38.14
CA MET A 55 15.36 -0.52 -38.22
C MET A 55 16.84 -0.16 -38.22
N SER A 56 17.20 0.88 -38.99
CA SER A 56 18.60 1.30 -39.05
C SER A 56 19.04 1.95 -37.74
N VAL A 57 18.14 2.67 -37.07
CA VAL A 57 18.42 3.25 -35.74
C VAL A 57 18.66 2.15 -34.71
N ALA A 58 17.79 1.13 -34.72
CA ALA A 58 17.94 0.03 -33.78
C ALA A 58 19.22 -0.75 -34.03
N ALA A 59 19.58 -0.96 -35.30
CA ALA A 59 20.83 -1.65 -35.60
C ALA A 59 22.03 -0.84 -35.11
N GLU A 60 22.00 0.48 -35.30
CA GLU A 60 23.12 1.29 -34.77
C GLU A 60 23.19 1.22 -33.25
N ALA A 61 22.02 1.24 -32.60
CA ALA A 61 22.01 1.25 -31.14
C ALA A 61 22.65 -0.01 -30.60
N GLU A 62 22.27 -1.17 -31.16
CA GLU A 62 22.89 -2.43 -30.73
C GLU A 62 24.37 -2.47 -31.08
N ALA A 63 24.74 -2.07 -32.30
CA ALA A 63 26.15 -2.08 -32.70
C ALA A 63 26.98 -1.18 -31.81
N ASP A 64 26.47 0.02 -31.50
CA ASP A 64 27.20 0.97 -30.69
C ASP A 64 27.36 0.46 -29.25
N LEU A 65 26.32 -0.17 -28.71
CA LEU A 65 26.41 -0.75 -27.36
C LEU A 65 27.38 -1.92 -27.35
N ARG A 66 27.33 -2.76 -28.38
CA ARG A 66 28.28 -3.87 -28.44
C ARG A 66 29.73 -3.34 -28.50
N ARG A 67 29.95 -2.24 -29.22
CA ARG A 67 31.28 -1.65 -29.36
CA ARG A 67 31.32 -1.77 -29.31
C ARG A 67 31.73 -1.01 -28.06
N LEU A 68 30.79 -0.31 -27.42
CA LEU A 68 31.07 0.40 -26.18
C LEU A 68 31.53 -0.55 -25.08
N LEU A 69 30.84 -1.67 -24.92
CA LEU A 69 31.12 -2.62 -23.83
C LEU A 69 31.89 -3.86 -24.29
N ASP A 70 32.30 -3.94 -25.55
CA ASP A 70 32.99 -5.12 -26.09
C ASP A 70 32.20 -6.40 -25.80
N ILE A 71 30.96 -6.39 -26.26
CA ILE A 71 30.03 -7.50 -26.03
C ILE A 71 30.28 -8.56 -27.08
N PRO A 72 30.60 -9.79 -26.70
CA PRO A 72 30.88 -10.83 -27.71
C PRO A 72 29.60 -11.29 -28.42
N ASP A 73 29.84 -11.95 -29.58
CA ASP A 73 28.72 -12.41 -30.40
C ASP A 73 27.87 -13.47 -29.68
N ASP A 74 28.43 -14.21 -28.73
CA ASP A 74 27.62 -15.24 -28.07
C ASP A 74 26.84 -14.70 -26.87
N TYR A 75 26.65 -13.37 -26.79
CA TYR A 75 25.72 -12.72 -25.89
C TYR A 75 24.66 -12.02 -26.72
N ALA A 76 23.40 -12.10 -26.28
CA ALA A 76 22.31 -11.36 -26.89
C ALA A 76 22.14 -10.01 -26.19
N VAL A 77 21.63 -9.03 -26.94
CA VAL A 77 21.38 -7.68 -26.44
C VAL A 77 19.92 -7.36 -26.64
N LEU A 78 19.23 -7.00 -25.54
CA LEU A 78 17.83 -6.60 -25.58
C LEU A 78 17.66 -5.17 -25.12
N PHE A 79 16.74 -4.45 -25.77
CA PHE A 79 16.26 -3.15 -25.33
C PHE A 79 14.81 -3.33 -24.90
N LEU A 80 14.50 -3.02 -23.63
CA LEU A 80 13.22 -3.42 -23.02
C LEU A 80 12.49 -2.28 -22.32
N SER A 81 11.16 -2.34 -22.32
CA SER A 81 10.39 -1.43 -21.47
C SER A 81 10.24 -2.01 -20.06
N GLY A 82 9.78 -1.18 -19.12
CA GLY A 82 9.44 -1.69 -17.78
C GLY A 82 10.48 -1.52 -16.69
N GLY A 83 11.65 -1.00 -17.01
CA GLY A 83 12.65 -0.73 -15.99
C GLY A 83 13.29 -1.97 -15.39
N ALA A 84 14.20 -1.69 -14.45
CA ALA A 84 14.91 -2.77 -13.78
C ALA A 84 13.95 -3.65 -12.96
N THR A 85 12.91 -3.06 -12.35
CA THR A 85 12.02 -3.84 -11.50
CA THR A 85 12.03 -3.86 -11.50
C THR A 85 11.27 -4.89 -12.32
N THR A 86 10.84 -4.53 -13.53
CA THR A 86 10.24 -5.53 -14.41
C THR A 86 11.21 -6.66 -14.70
N GLN A 87 12.48 -6.32 -14.98
CA GLN A 87 13.41 -7.39 -15.29
C GLN A 87 13.71 -8.24 -14.06
N GLN A 88 13.58 -7.65 -12.86
CA GLN A 88 13.78 -8.44 -11.66
C GLN A 88 12.68 -9.49 -11.45
N ALA A 89 11.50 -9.31 -12.04
CA ALA A 89 10.49 -10.38 -12.03
C ALA A 89 10.74 -11.35 -13.18
N LEU A 90 11.14 -10.82 -14.35
CA LEU A 90 11.32 -11.66 -15.52
C LEU A 90 12.54 -12.58 -15.40
N ILE A 91 13.61 -12.15 -14.68
CA ILE A 91 14.80 -12.99 -14.56
C ILE A 91 14.48 -14.37 -13.97
N PRO A 92 13.80 -14.49 -12.82
CA PRO A 92 13.50 -15.84 -12.34
C PRO A 92 12.51 -16.57 -13.23
N LEU A 93 11.61 -15.85 -13.89
CA LEU A 93 10.64 -16.51 -14.77
C LEU A 93 11.31 -17.09 -16.01
N ASN A 94 12.44 -16.52 -16.43
CA ASN A 94 13.13 -16.96 -17.62
C ASN A 94 14.30 -17.90 -17.35
N PHE A 95 14.96 -17.77 -16.20
CA PHE A 95 16.25 -18.46 -16.02
C PHE A 95 16.24 -19.46 -14.87
N ALA A 96 15.09 -19.69 -14.25
CA ALA A 96 14.94 -20.65 -13.17
C ALA A 96 13.70 -21.52 -13.41
N ALA A 97 13.78 -22.77 -12.97
CA ALA A 97 12.58 -23.59 -12.91
C ALA A 97 11.70 -23.12 -11.76
N PRO A 98 10.39 -23.37 -11.83
CA PRO A 98 9.52 -22.95 -10.72
C PRO A 98 10.03 -23.47 -9.38
N GLY A 99 10.15 -22.55 -8.42
CA GLY A 99 10.56 -22.89 -7.08
C GLY A 99 12.02 -23.26 -6.93
N GLN A 100 12.81 -23.19 -8.00
CA GLN A 100 14.24 -23.47 -7.89
C GLN A 100 14.91 -22.47 -6.95
N ARG A 101 15.94 -22.94 -6.27
CA ARG A 101 16.81 -22.05 -5.51
C ARG A 101 17.40 -20.97 -6.41
N ALA A 102 17.41 -19.74 -5.92
CA ALA A 102 18.15 -18.64 -6.54
C ALA A 102 18.86 -17.88 -5.44
N ASP A 103 20.14 -17.58 -5.62
CA ASP A 103 20.92 -16.90 -4.58
C ASP A 103 20.95 -15.41 -4.85
N TYR A 104 20.76 -14.63 -3.80
CA TYR A 104 20.82 -13.17 -3.91
C TYR A 104 21.82 -12.63 -2.90
N VAL A 105 22.57 -11.62 -3.32
CA VAL A 105 23.51 -10.91 -2.46
C VAL A 105 22.96 -9.51 -2.27
N VAL A 106 22.63 -9.15 -1.04
CA VAL A 106 21.99 -7.87 -0.73
C VAL A 106 23.05 -6.96 -0.11
N SER A 107 23.46 -5.96 -0.88
CA SER A 107 24.33 -4.90 -0.40
C SER A 107 23.60 -3.56 -0.30
N GLY A 108 22.29 -3.54 -0.48
CA GLY A 108 21.53 -2.30 -0.34
C GLY A 108 20.08 -2.49 -0.75
N HIS A 109 19.40 -1.34 -0.98
CA HIS A 109 17.95 -1.36 -1.16
CA HIS A 109 17.96 -1.29 -1.20
C HIS A 109 17.55 -1.90 -2.53
N TRP A 110 18.37 -1.69 -3.58
CA TRP A 110 17.98 -2.21 -4.87
C TRP A 110 18.09 -3.72 -4.90
N GLY A 111 18.99 -4.29 -4.08
CA GLY A 111 18.99 -5.73 -3.91
C GLY A 111 17.74 -6.20 -3.20
N LYS A 112 17.29 -5.47 -2.18
CA LYS A 112 16.04 -5.82 -1.49
CA LYS A 112 16.06 -5.84 -1.50
C LYS A 112 14.88 -5.83 -2.47
N THR A 113 14.88 -4.88 -3.40
CA THR A 113 13.78 -4.80 -4.37
C THR A 113 13.84 -5.98 -5.33
N ALA A 114 15.05 -6.36 -5.75
CA ALA A 114 15.19 -7.53 -6.61
C ALA A 114 14.70 -8.80 -5.91
N VAL A 115 15.05 -8.97 -4.63
CA VAL A 115 14.55 -10.11 -3.86
C VAL A 115 13.03 -10.10 -3.81
N LYS A 116 12.45 -8.91 -3.58
CA LYS A 116 11.01 -8.80 -3.46
C LYS A 116 10.30 -9.29 -4.73
N GLN A 117 10.80 -8.90 -5.91
CA GLN A 117 10.13 -9.30 -7.16
C GLN A 117 10.26 -10.79 -7.41
N ALA A 118 11.36 -11.40 -6.96
CA ALA A 118 11.65 -12.80 -7.30
C ALA A 118 11.01 -13.80 -6.35
N GLY A 119 10.66 -13.40 -5.12
CA GLY A 119 10.36 -14.37 -4.09
C GLY A 119 9.14 -15.23 -4.37
N VAL A 120 8.23 -14.76 -5.21
CA VAL A 120 7.05 -15.54 -5.55
C VAL A 120 7.38 -16.66 -6.51
N TYR A 121 8.47 -16.53 -7.26
CA TYR A 121 8.77 -17.43 -8.35
C TYR A 121 9.88 -18.42 -8.08
N VAL A 122 10.83 -18.07 -7.19
CA VAL A 122 11.97 -18.92 -6.88
C VAL A 122 12.13 -18.97 -5.37
N ASP A 123 12.89 -19.98 -4.92
CA ASP A 123 13.25 -20.10 -3.51
C ASP A 123 14.46 -19.21 -3.28
N VAL A 124 14.20 -17.96 -2.87
CA VAL A 124 15.28 -16.99 -2.68
C VAL A 124 16.08 -17.38 -1.45
N ASN A 125 17.38 -17.50 -1.63
CA ASN A 125 18.32 -17.65 -0.52
C ASN A 125 19.18 -16.41 -0.47
N ILE A 126 19.25 -15.75 0.69
CA ILE A 126 20.15 -14.60 0.84
C ILE A 126 21.54 -15.16 1.13
N ALA A 127 22.39 -15.19 0.10
CA ALA A 127 23.72 -15.78 0.27
C ALA A 127 24.61 -14.87 1.11
N ALA A 128 24.37 -13.57 1.07
CA ALA A 128 25.11 -12.62 1.88
C ALA A 128 24.32 -11.32 1.92
N SER A 129 24.38 -10.63 3.07
CA SER A 129 23.64 -9.37 3.25
C SER A 129 24.35 -8.50 4.25
N SER A 130 24.24 -7.18 4.06
CA SER A 130 24.66 -6.21 5.06
C SER A 130 23.49 -5.49 5.74
N GLU A 131 22.25 -5.98 5.59
CA GLU A 131 21.11 -5.22 6.10
C GLU A 131 21.13 -5.02 7.61
N ALA A 132 21.58 -6.03 8.36
CA ALA A 132 21.43 -5.97 9.79
C ALA A 132 22.29 -4.89 10.43
N ASN A 133 23.29 -4.36 9.70
CA ASN A 133 24.11 -3.25 10.18
C ASN A 133 23.91 -1.99 9.32
N GLY A 134 22.71 -1.79 8.78
CA GLY A 134 22.44 -0.60 8.00
C GLY A 134 23.19 -0.59 6.69
N TYR A 135 23.50 -1.77 6.15
CA TYR A 135 24.17 -1.91 4.87
C TYR A 135 25.56 -1.32 4.87
N ARG A 136 26.23 -1.29 6.02
CA ARG A 136 27.57 -0.69 6.00
C ARG A 136 28.60 -1.65 5.41
N GLU A 137 28.50 -2.96 5.69
CA GLU A 137 29.56 -3.89 5.29
C GLU A 137 29.06 -5.31 5.06
N LEU A 138 29.47 -5.86 3.96
CA LEU A 138 29.11 -7.22 3.53
C LEU A 138 29.97 -8.26 4.24
N PRO A 139 29.47 -9.48 4.41
CA PRO A 139 30.33 -10.54 4.93
C PRO A 139 31.46 -10.88 3.97
N ALA A 140 32.53 -11.43 4.54
CA ALA A 140 33.63 -11.96 3.74
C ALA A 140 33.11 -13.03 2.78
N ARG A 141 33.74 -13.11 1.61
CA ARG A 141 33.31 -14.07 0.59
CA ARG A 141 33.34 -14.08 0.59
C ARG A 141 33.24 -15.49 1.14
N ALA A 142 34.18 -15.89 2.00
CA ALA A 142 34.16 -17.23 2.56
C ALA A 142 32.92 -17.48 3.41
N ASP A 143 32.25 -16.43 3.87
CA ASP A 143 31.06 -16.62 4.69
C ASP A 143 29.76 -16.53 3.87
N TRP A 144 29.85 -16.41 2.55
CA TRP A 144 28.65 -16.43 1.74
C TRP A 144 28.04 -17.82 1.71
N GLN A 145 26.72 -17.89 1.75
CA GLN A 145 26.02 -19.17 1.75
C GLN A 145 25.47 -19.38 0.34
N LEU A 146 26.33 -19.83 -0.57
CA LEU A 146 25.95 -20.09 -1.95
C LEU A 146 25.42 -21.51 -2.10
N SER A 147 24.41 -21.66 -2.95
CA SER A 147 23.69 -22.91 -3.11
C SER A 147 24.19 -23.63 -4.37
N ARG A 148 24.52 -24.92 -4.24
CA ARG A 148 25.01 -25.69 -5.37
C ARG A 148 23.97 -25.78 -6.48
N ASP A 149 22.69 -25.79 -6.12
CA ASP A 149 21.59 -25.99 -7.05
C ASP A 149 20.96 -24.68 -7.53
N ALA A 150 21.59 -23.54 -7.25
CA ALA A 150 20.97 -22.26 -7.60
C ALA A 150 20.89 -22.07 -9.11
N ALA A 151 19.80 -21.41 -9.54
CA ALA A 151 19.65 -21.06 -10.94
C ALA A 151 20.61 -19.96 -11.32
N TYR A 152 20.97 -19.09 -10.38
CA TYR A 152 21.84 -17.97 -10.64
C TYR A 152 22.20 -17.36 -9.29
N VAL A 153 23.22 -16.50 -9.31
CA VAL A 153 23.54 -15.62 -8.20
C VAL A 153 23.29 -14.20 -8.67
N HIS A 154 22.42 -13.46 -7.97
CA HIS A 154 22.11 -12.08 -8.33
C HIS A 154 22.84 -11.12 -7.41
N ILE A 155 23.56 -10.17 -8.00
CA ILE A 155 24.22 -9.09 -7.26
C ILE A 155 23.77 -7.75 -7.82
N THR A 156 23.98 -6.69 -7.02
CA THR A 156 23.75 -5.30 -7.44
C THR A 156 25.12 -4.65 -7.54
N ALA A 157 25.54 -4.34 -8.77
CA ALA A 157 26.93 -3.91 -8.97
C ALA A 157 27.22 -2.67 -8.16
N ASN A 158 26.27 -1.75 -8.09
CA ASN A 158 26.47 -0.48 -7.40
C ASN A 158 25.18 -0.11 -6.72
N GLU A 159 25.24 0.21 -5.43
CA GLU A 159 24.07 0.56 -4.64
C GLU A 159 24.07 2.06 -4.34
N THR A 160 23.08 2.79 -4.88
CA THR A 160 23.17 4.25 -4.91
C THR A 160 22.92 4.92 -3.57
N ILE A 161 22.16 4.30 -2.66
CA ILE A 161 21.82 4.96 -1.40
C ILE A 161 22.97 4.91 -0.43
N HIS A 162 23.66 3.75 -0.36
CA HIS A 162 24.75 3.56 0.59
C HIS A 162 26.13 3.70 -0.04
N GLY A 163 26.21 3.84 -1.35
CA GLY A 163 27.50 4.08 -1.98
C GLY A 163 28.42 2.89 -1.94
N VAL A 164 27.88 1.70 -2.18
CA VAL A 164 28.61 0.45 -2.07
C VAL A 164 28.70 -0.17 -3.45
N GLU A 165 29.94 -0.49 -3.90
CA GLU A 165 30.15 -0.99 -5.26
C GLU A 165 31.06 -2.20 -5.25
N PHE A 166 30.73 -3.19 -6.09
CA PHE A 166 31.66 -4.27 -6.38
C PHE A 166 32.79 -3.73 -7.24
N ARG A 167 34.00 -3.83 -6.75
CA ARG A 167 35.13 -3.45 -7.54
C ARG A 167 35.83 -4.69 -8.09
N ASP A 168 35.16 -5.83 -7.97
CA ASP A 168 35.60 -7.08 -8.60
C ASP A 168 34.36 -7.81 -9.11
N VAL A 169 34.56 -9.06 -9.51
CA VAL A 169 33.47 -9.94 -9.92
C VAL A 169 33.53 -11.15 -9.00
N PRO A 170 32.51 -11.42 -8.18
CA PRO A 170 32.58 -12.62 -7.31
C PRO A 170 32.59 -13.92 -8.10
N ASP A 171 33.32 -14.89 -7.56
CA ASP A 171 33.44 -16.23 -8.13
C ASP A 171 32.24 -17.05 -7.68
N THR A 172 31.35 -17.40 -8.60
CA THR A 172 30.19 -18.22 -8.27
C THR A 172 30.27 -19.61 -8.91
N GLY A 173 31.48 -20.05 -9.27
CA GLY A 173 31.61 -21.40 -9.79
C GLY A 173 30.89 -21.53 -11.11
N ASN A 174 30.16 -22.64 -11.30
CA ASN A 174 29.41 -22.84 -12.53
C ASN A 174 27.99 -22.30 -12.46
N VAL A 175 27.65 -21.52 -11.43
CA VAL A 175 26.32 -20.91 -11.36
C VAL A 175 26.40 -19.53 -12.02
N PRO A 176 25.55 -19.19 -12.99
CA PRO A 176 25.75 -17.92 -13.69
C PRO A 176 25.52 -16.72 -12.78
N LEU A 177 26.32 -15.68 -13.00
CA LEU A 177 26.22 -14.45 -12.25
C LEU A 177 25.34 -13.46 -13.01
N ILE A 178 24.36 -12.90 -12.32
CA ILE A 178 23.42 -11.95 -12.87
C ILE A 178 23.58 -10.66 -12.10
N ALA A 179 23.83 -9.56 -12.80
CA ALA A 179 24.24 -8.34 -12.10
C ALA A 179 23.42 -7.14 -12.56
N ASP A 180 22.82 -6.42 -11.60
CA ASP A 180 22.15 -5.14 -11.85
C ASP A 180 23.19 -4.03 -11.93
N PHE A 181 23.43 -3.52 -13.15
CA PHE A 181 24.35 -2.42 -13.41
C PHE A 181 23.63 -1.10 -13.68
N SER A 182 22.39 -0.93 -13.20
CA SER A 182 21.66 0.31 -13.49
C SER A 182 22.46 1.58 -13.21
N SER A 183 23.18 1.62 -12.10
CA SER A 183 23.86 2.87 -11.77
C SER A 183 25.34 2.88 -12.10
N SER A 184 25.87 1.86 -12.78
CA SER A 184 27.29 1.88 -13.11
C SER A 184 27.60 1.32 -14.50
N ILE A 185 26.60 0.99 -15.31
CA ILE A 185 26.90 0.38 -16.60
C ILE A 185 27.70 1.36 -17.47
N ALA A 186 28.74 0.85 -18.16
CA ALA A 186 29.59 1.64 -19.05
C ALA A 186 30.36 2.72 -18.30
N SER A 187 30.62 2.52 -17.00
CA SER A 187 31.44 3.45 -16.24
C SER A 187 32.91 3.08 -16.21
N GLU A 188 33.29 2.00 -16.89
CA GLU A 188 34.63 1.43 -16.94
C GLU A 188 34.50 0.19 -17.80
N PRO A 189 35.62 -0.39 -18.25
CA PRO A 189 35.55 -1.65 -18.99
C PRO A 189 34.94 -2.74 -18.13
N LEU A 190 34.21 -3.63 -18.80
CA LEU A 190 33.55 -4.76 -18.17
CA LEU A 190 33.56 -4.76 -18.17
C LEU A 190 33.88 -6.01 -18.97
N ASP A 191 34.37 -7.04 -18.30
CA ASP A 191 34.59 -8.31 -19.01
C ASP A 191 33.24 -9.04 -19.00
N VAL A 192 32.45 -8.84 -20.05
CA VAL A 192 31.09 -9.36 -20.13
C VAL A 192 31.08 -10.87 -19.98
N ARG A 193 32.17 -11.54 -20.40
CA ARG A 193 32.20 -13.00 -20.35
CA ARG A 193 32.25 -13.01 -20.34
C ARG A 193 32.16 -13.54 -18.92
N ARG A 194 32.45 -12.71 -17.92
CA ARG A 194 32.41 -13.17 -16.53
C ARG A 194 30.99 -13.16 -15.98
N TYR A 195 30.00 -12.75 -16.77
CA TYR A 195 28.62 -12.63 -16.30
C TYR A 195 27.71 -13.53 -17.13
N GLY A 196 26.68 -14.07 -16.50
CA GLY A 196 25.57 -14.68 -17.23
C GLY A 196 24.62 -13.63 -17.78
N VAL A 197 24.29 -12.62 -16.97
CA VAL A 197 23.36 -11.57 -17.40
C VAL A 197 23.84 -10.27 -16.78
N ILE A 198 23.92 -9.23 -17.61
CA ILE A 198 24.13 -7.86 -17.16
C ILE A 198 22.89 -7.09 -17.53
N TYR A 199 22.32 -6.34 -16.60
CA TYR A 199 21.17 -5.51 -16.99
C TYR A 199 21.22 -4.14 -16.33
N ALA A 200 20.47 -3.19 -16.92
CA ALA A 200 20.48 -1.81 -16.44
C ALA A 200 19.17 -1.15 -16.80
N GLY A 201 18.47 -0.67 -15.81
CA GLY A 201 17.38 0.26 -16.07
C GLY A 201 17.91 1.65 -16.41
N ALA A 202 16.99 2.50 -16.89
CA ALA A 202 17.33 3.88 -17.16
C ALA A 202 17.40 4.69 -15.87
N GLN A 203 17.73 5.97 -16.01
CA GLN A 203 17.67 7.05 -15.02
C GLN A 203 18.93 7.22 -14.19
N LYS A 204 19.91 6.31 -14.29
CA LYS A 204 21.11 6.45 -13.48
C LYS A 204 22.30 6.63 -14.41
N ASN A 205 23.19 5.65 -14.56
CA ASN A 205 24.34 5.95 -15.40
C ASN A 205 24.00 6.04 -16.87
N LEU A 206 22.87 5.49 -17.32
CA LEU A 206 22.44 5.75 -18.70
C LEU A 206 21.76 7.10 -18.85
N GLY A 207 21.37 7.74 -17.75
CA GLY A 207 20.57 8.94 -17.85
C GLY A 207 19.12 8.58 -18.14
N PRO A 208 18.26 9.59 -18.20
CA PRO A 208 16.80 9.34 -18.36
C PRO A 208 16.44 9.08 -19.82
N VAL A 209 16.84 7.90 -20.29
CA VAL A 209 16.63 7.53 -21.69
C VAL A 209 15.38 6.71 -21.88
N GLY A 210 14.77 6.20 -20.81
CA GLY A 210 13.46 5.60 -20.95
C GLY A 210 13.44 4.21 -21.51
N VAL A 211 14.57 3.50 -21.46
CA VAL A 211 14.65 2.11 -21.90
C VAL A 211 15.66 1.40 -21.02
N ALA A 212 15.44 0.10 -20.82
CA ALA A 212 16.35 -0.77 -20.08
C ALA A 212 17.14 -1.62 -21.06
N VAL A 213 18.35 -2.02 -20.68
CA VAL A 213 19.14 -2.89 -21.54
CA VAL A 213 19.21 -2.85 -21.51
C VAL A 213 19.48 -4.16 -20.79
N MET A 214 19.52 -5.26 -21.53
CA MET A 214 19.93 -6.54 -20.97
CA MET A 214 19.90 -6.56 -20.99
C MET A 214 20.91 -7.20 -21.91
N ILE A 215 21.91 -7.84 -21.32
CA ILE A 215 22.96 -8.52 -22.04
C ILE A 215 22.98 -9.93 -21.51
N ILE A 216 22.66 -10.90 -22.37
CA ILE A 216 22.37 -12.27 -21.93
C ILE A 216 23.29 -13.25 -22.63
N ARG A 217 24.01 -14.05 -21.83
CA ARG A 217 24.83 -15.12 -22.39
C ARG A 217 23.89 -16.10 -23.08
N ARG A 218 24.15 -16.40 -24.37
CA ARG A 218 23.08 -16.98 -25.17
C ARG A 218 22.72 -18.40 -24.70
N ASP A 219 23.64 -19.11 -24.04
CA ASP A 219 23.29 -20.46 -23.59
C ASP A 219 22.20 -20.44 -22.52
N LEU A 220 22.05 -19.34 -21.78
CA LEU A 220 21.00 -19.29 -20.77
C LEU A 220 19.63 -19.26 -21.41
N LEU A 221 19.52 -18.81 -22.66
CA LEU A 221 18.26 -18.87 -23.40
C LEU A 221 17.87 -20.28 -23.83
N GLU A 222 18.73 -21.27 -23.61
CA GLU A 222 18.33 -22.66 -23.80
C GLU A 222 17.57 -23.22 -22.62
N ARG A 223 17.53 -22.49 -21.50
CA ARG A 223 16.74 -22.93 -20.35
C ARG A 223 15.26 -22.75 -20.64
N SER A 224 14.44 -23.54 -19.96
CA SER A 224 13.01 -23.45 -20.18
CA SER A 224 13.00 -23.48 -20.15
C SER A 224 12.32 -22.42 -19.29
N GLY A 225 12.91 -22.07 -18.15
CA GLY A 225 12.28 -21.14 -17.21
C GLY A 225 10.93 -21.69 -16.74
N GLN A 226 10.01 -20.77 -16.48
CA GLN A 226 8.71 -21.11 -15.94
C GLN A 226 7.60 -20.82 -16.95
N PRO A 227 6.49 -21.56 -16.92
CA PRO A 227 5.40 -21.28 -17.86
C PRO A 227 5.02 -19.80 -17.81
N ARG A 228 4.99 -19.15 -18.97
CA ARG A 228 4.79 -17.70 -18.92
C ARG A 228 4.27 -17.23 -20.28
N ALA A 229 3.62 -16.07 -20.25
CA ALA A 229 3.20 -15.47 -21.50
C ALA A 229 4.39 -15.19 -22.39
N ASP A 230 4.14 -15.25 -23.71
CA ASP A 230 5.18 -14.94 -24.69
C ASP A 230 5.79 -13.55 -24.47
N ILE A 231 4.98 -12.57 -24.08
CA ILE A 231 5.52 -11.22 -23.86
C ILE A 231 6.49 -11.17 -22.67
N PHE A 232 6.47 -12.20 -21.82
CA PHE A 232 7.38 -12.31 -20.70
C PHE A 232 8.52 -13.29 -20.99
N ASP A 233 8.76 -13.61 -22.25
CA ASP A 233 9.72 -14.65 -22.63
C ASP A 233 10.88 -14.00 -23.38
N TYR A 234 12.04 -13.90 -22.73
CA TYR A 234 13.18 -13.28 -23.41
C TYR A 234 13.56 -14.01 -24.68
N ARG A 235 13.30 -15.32 -24.76
CA ARG A 235 13.60 -16.06 -25.98
C ARG A 235 12.86 -15.46 -27.17
N SER A 236 11.60 -15.08 -26.96
CA SER A 236 10.83 -14.46 -28.02
C SER A 236 11.30 -13.04 -28.29
N HIS A 237 11.69 -12.30 -27.24
CA HIS A 237 12.25 -10.96 -27.44
C HIS A 237 13.52 -11.03 -28.28
N VAL A 238 14.37 -12.02 -28.01
CA VAL A 238 15.59 -12.16 -28.80
C VAL A 238 15.27 -12.57 -30.24
N ALA A 239 14.35 -13.52 -30.42
CA ALA A 239 13.96 -13.93 -31.76
C ALA A 239 13.38 -12.78 -32.56
N ARG A 240 12.73 -11.82 -31.91
CA ARG A 240 12.12 -10.69 -32.61
C ARG A 240 12.93 -9.41 -32.47
N ASP A 241 14.21 -9.51 -32.08
CA ASP A 241 15.13 -8.37 -32.03
C ASP A 241 14.57 -7.19 -31.24
N SER A 242 14.04 -7.47 -30.05
CA SER A 242 13.48 -6.45 -29.15
C SER A 242 12.29 -5.72 -29.77
N MET A 243 11.65 -6.34 -30.76
CA MET A 243 10.40 -5.80 -31.33
C MET A 243 9.31 -6.86 -31.28
N LEU A 244 9.27 -7.60 -30.18
CA LEU A 244 8.21 -8.59 -29.97
C LEU A 244 6.83 -7.93 -29.99
N ASN A 245 6.71 -6.77 -29.33
CA ASN A 245 5.55 -5.90 -29.54
C ASN A 245 6.04 -4.50 -29.83
N THR A 246 5.17 -3.49 -29.73
CA THR A 246 5.59 -2.12 -30.04
C THR A 246 6.62 -1.65 -29.03
N PRO A 247 7.84 -1.30 -29.43
N PRO A 247 10.41 -0.90 -26.57
CA PRO A 247 8.84 -0.84 -28.49
CA PRO A 247 10.39 0.51 -26.16
C PRO A 247 8.71 0.66 -28.27
C PRO A 247 10.02 1.41 -27.33
N PRO A 248 9.41 1.21 -27.28
N PRO A 248 9.37 2.53 -27.04
CA PRO A 248 9.41 2.67 -27.12
CA PRO A 248 9.03 3.48 -28.12
C PRO A 248 10.48 3.34 -27.98
C PRO A 248 10.27 3.85 -28.91
N THR A 249 10.08 3.69 -29.21
N THR A 249 10.08 4.06 -30.22
CA THR A 249 11.02 4.07 -30.28
CA THR A 249 11.20 4.48 -31.05
C THR A 249 11.87 5.30 -29.92
C THR A 249 11.91 5.66 -30.45
N TRP A 250 11.22 6.44 -29.64
CA TRP A 250 11.90 7.66 -29.19
C TRP A 250 12.95 7.37 -28.11
N ASN A 251 12.61 6.50 -27.15
CA ASN A 251 13.51 6.20 -26.05
C ASN A 251 14.69 5.36 -26.50
N TRP A 252 14.44 4.38 -27.38
CA TRP A 252 15.53 3.62 -27.98
C TRP A 252 16.48 4.57 -28.74
N TYR A 253 15.92 5.52 -29.49
CA TYR A 253 16.71 6.56 -30.18
C TYR A 253 17.54 7.40 -29.20
N LEU A 254 16.93 7.84 -28.08
CA LEU A 254 17.70 8.62 -27.09
CA LEU A 254 17.68 8.62 -27.09
C LEU A 254 18.81 7.80 -26.48
N ALA A 255 18.54 6.54 -26.12
CA ALA A 255 19.59 5.67 -25.63
C ALA A 255 20.71 5.55 -26.66
N GLY A 256 20.35 5.42 -27.93
CA GLY A 256 21.37 5.36 -28.95
C GLY A 256 22.22 6.61 -29.04
N LEU A 257 21.62 7.79 -28.84
CA LEU A 257 22.43 9.02 -28.81
C LEU A 257 23.40 9.01 -27.65
N VAL A 258 22.95 8.50 -26.50
CA VAL A 258 23.85 8.41 -25.34
C VAL A 258 25.01 7.47 -25.63
N PHE A 259 24.75 6.31 -26.23
CA PHE A 259 25.87 5.42 -26.60
C PHE A 259 26.86 6.12 -27.52
N LYS A 260 26.34 6.84 -28.53
CA LYS A 260 27.22 7.55 -29.46
C LYS A 260 28.02 8.61 -28.74
N TRP A 261 27.38 9.36 -27.84
CA TRP A 261 28.11 10.36 -27.06
C TRP A 261 29.21 9.69 -26.25
N MET A 262 28.90 8.55 -25.61
CA MET A 262 29.92 7.86 -24.81
C MET A 262 31.10 7.40 -25.67
N LEU A 263 30.83 6.92 -26.88
CA LEU A 263 31.92 6.51 -27.76
C LEU A 263 32.72 7.73 -28.23
N ALA A 264 32.03 8.83 -28.53
CA ALA A 264 32.73 10.02 -29.00
C ALA A 264 33.56 10.67 -27.90
N GLU A 265 33.29 10.39 -26.62
CA GLU A 265 34.13 10.87 -25.53
C GLU A 265 35.37 10.02 -25.33
N GLY A 266 35.43 8.87 -25.96
CA GLY A 266 36.57 7.98 -25.85
C GLY A 266 36.22 6.63 -25.26
N GLY A 267 34.93 6.36 -25.05
CA GLY A 267 34.52 5.05 -24.60
C GLY A 267 34.80 4.76 -23.13
N VAL A 268 34.64 3.48 -22.77
CA VAL A 268 34.65 3.15 -21.34
C VAL A 268 36.04 3.25 -20.71
N THR A 269 37.13 3.17 -21.49
CA THR A 269 38.44 3.43 -20.90
CA THR A 269 38.44 3.42 -20.88
C THR A 269 38.55 4.87 -20.43
N GLU A 270 37.97 5.81 -21.21
CA GLU A 270 37.97 7.20 -20.79
C GLU A 270 37.07 7.42 -19.60
N PHE A 271 35.87 6.82 -19.57
CA PHE A 271 35.04 6.99 -18.38
C PHE A 271 35.66 6.34 -17.14
N ALA A 272 36.34 5.19 -17.26
CA ALA A 272 37.09 4.66 -16.12
C ALA A 272 38.03 5.70 -15.54
N LYS A 273 38.79 6.40 -16.41
CA LYS A 273 39.74 7.42 -15.97
CA LYS A 273 39.73 7.42 -15.96
C LYS A 273 39.01 8.60 -15.31
N ARG A 274 37.96 9.11 -15.98
CA ARG A 274 37.24 10.26 -15.45
C ARG A 274 36.56 9.94 -14.14
N ASN A 275 35.93 8.77 -14.06
CA ASN A 275 35.17 8.43 -12.86
C ASN A 275 36.12 8.11 -11.71
N ALA A 276 37.26 7.46 -12.00
CA ALA A 276 38.25 7.25 -10.94
C ALA A 276 38.74 8.60 -10.42
N ALA A 277 38.90 9.58 -11.32
CA ALA A 277 39.43 10.88 -10.89
C ALA A 277 38.39 11.66 -10.09
N LYS A 278 37.12 11.61 -10.50
CA LYS A 278 36.07 12.34 -9.74
C LYS A 278 35.94 11.76 -8.35
N ALA A 279 35.88 10.43 -8.27
CA ALA A 279 35.74 9.79 -6.97
C ALA A 279 36.94 10.03 -6.09
N ALA A 280 38.15 9.99 -6.66
CA ALA A 280 39.35 10.22 -5.85
C ALA A 280 39.33 11.61 -5.25
N LEU A 281 38.85 12.60 -6.02
CA LEU A 281 38.78 13.95 -5.48
C LEU A 281 37.84 14.02 -4.29
N VAL A 282 36.62 13.49 -4.44
CA VAL A 282 35.62 13.58 -3.37
C VAL A 282 36.02 12.74 -2.15
N TYR A 283 36.48 11.49 -2.35
CA TYR A 283 36.95 10.72 -1.18
C TYR A 283 38.20 11.37 -0.56
N GLY A 284 39.04 12.02 -1.38
CA GLY A 284 40.15 12.77 -0.81
C GLY A 284 39.69 13.87 0.15
N ALA A 285 38.67 14.62 -0.26
CA ALA A 285 38.10 15.66 0.59
C ALA A 285 37.49 15.07 1.86
N ILE A 286 36.81 13.94 1.74
CA ILE A 286 36.26 13.27 2.92
C ILE A 286 37.38 12.76 3.83
N ASP A 287 38.34 12.05 3.25
CA ASP A 287 39.36 11.39 4.05
C ASP A 287 40.31 12.37 4.71
N GLY A 288 40.50 13.55 4.13
CA GLY A 288 41.37 14.54 4.74
C GLY A 288 40.69 15.45 5.73
N SER A 289 39.43 15.23 6.05
CA SER A 289 38.65 16.24 6.77
C SER A 289 38.71 16.09 8.29
N GLY A 290 39.48 15.14 8.81
CA GLY A 290 39.53 14.96 10.26
C GLY A 290 38.24 14.46 10.86
N GLY A 291 37.43 13.74 10.07
CA GLY A 291 36.15 13.26 10.54
C GLY A 291 35.00 14.23 10.36
N PHE A 292 35.26 15.43 9.86
CA PHE A 292 34.19 16.41 9.64
C PHE A 292 33.20 15.93 8.58
N TYR A 293 33.71 15.32 7.50
CA TYR A 293 32.85 14.58 6.58
C TYR A 293 33.10 13.10 6.85
N ARG A 294 32.02 12.37 7.15
CA ARG A 294 32.10 10.98 7.60
C ARG A 294 31.58 10.09 6.48
N ASN A 295 32.39 9.12 6.04
CA ASN A 295 31.89 8.03 5.20
C ASN A 295 32.48 6.75 5.78
N GLU A 296 31.64 5.78 6.12
CA GLU A 296 32.08 4.59 6.84
C GLU A 296 32.24 3.36 5.96
N VAL A 297 32.08 3.50 4.64
CA VAL A 297 32.18 2.34 3.76
C VAL A 297 33.64 1.96 3.61
N ALA A 298 33.94 0.67 3.76
CA ALA A 298 35.31 0.17 3.61
C ALA A 298 35.85 0.55 2.23
N TYR A 299 37.14 0.91 2.17
CA TYR A 299 37.70 1.49 0.94
CA TYR A 299 37.66 1.50 0.93
C TYR A 299 37.46 0.58 -0.25
N ALA A 300 37.60 -0.74 -0.06
CA ALA A 300 37.50 -1.62 -1.22
C ALA A 300 36.09 -1.71 -1.78
N ALA A 301 35.09 -1.20 -1.06
CA ALA A 301 33.70 -1.28 -1.49
C ALA A 301 33.14 0.10 -1.81
N ARG A 302 33.96 1.13 -1.75
CA ARG A 302 33.48 2.49 -1.98
C ARG A 302 33.06 2.73 -3.42
N SER A 303 31.82 3.16 -3.61
CA SER A 303 31.32 3.48 -4.94
C SER A 303 32.07 4.65 -5.57
N ARG A 304 32.37 4.53 -6.86
CA ARG A 304 32.85 5.67 -7.64
C ARG A 304 31.70 6.56 -8.11
N MET A 305 30.48 6.02 -8.12
CA MET A 305 29.35 6.64 -8.79
C MET A 305 28.41 7.39 -7.86
N ASN A 306 28.29 6.99 -6.60
CA ASN A 306 27.39 7.63 -5.64
C ASN A 306 28.12 7.67 -4.31
N ILE A 307 28.41 8.87 -3.82
CA ILE A 307 29.29 9.04 -2.68
C ILE A 307 28.51 9.74 -1.57
N PRO A 308 28.04 8.98 -0.57
CA PRO A 308 27.35 9.59 0.59
C PRO A 308 28.35 9.97 1.67
N PHE A 309 28.01 11.03 2.40
CA PHE A 309 28.83 11.38 3.55
C PHE A 309 27.97 12.20 4.50
N PHE A 310 28.44 12.31 5.74
CA PHE A 310 27.66 12.94 6.80
C PHE A 310 28.47 14.01 7.50
N LEU A 311 27.81 15.15 7.74
CA LEU A 311 28.37 16.23 8.57
C LEU A 311 28.28 15.82 10.03
N PRO A 312 28.88 16.58 10.95
CA PRO A 312 28.86 16.13 12.36
C PRO A 312 27.46 16.04 12.95
N ASP A 313 26.48 16.75 12.41
CA ASP A 313 25.11 16.56 12.81
C ASP A 313 24.17 16.94 11.66
N ALA A 314 22.90 16.57 11.84
CA ALA A 314 21.91 16.73 10.81
C ALA A 314 21.62 18.19 10.52
N GLU A 315 21.80 19.06 11.51
CA GLU A 315 21.66 20.49 11.23
C GLU A 315 22.73 20.96 10.24
N LEU A 316 23.97 20.51 10.41
CA LEU A 316 25.01 20.87 9.44
C LEU A 316 24.79 20.18 8.09
N ASP A 317 24.22 18.95 8.08
CA ASP A 317 23.83 18.39 6.79
C ASP A 317 22.89 19.32 6.06
N ALA A 318 21.90 19.89 6.77
CA ALA A 318 20.96 20.76 6.11
C ALA A 318 21.62 22.05 5.65
N ARG A 319 22.55 22.57 6.44
CA ARG A 319 23.27 23.76 5.99
C ARG A 319 24.12 23.43 4.77
N PHE A 320 24.72 22.24 4.73
CA PHE A 320 25.52 21.87 3.56
C PHE A 320 24.66 21.83 2.30
N VAL A 321 23.52 21.13 2.36
CA VAL A 321 22.64 21.08 1.19
C VAL A 321 22.26 22.50 0.74
N ALA A 322 21.86 23.33 1.68
CA ALA A 322 21.33 24.65 1.31
C ALA A 322 22.43 25.57 0.79
N GLU A 323 23.58 25.61 1.47
CA GLU A 323 24.64 26.48 0.98
C GLU A 323 25.22 25.97 -0.33
N ALA A 324 25.23 24.64 -0.53
CA ALA A 324 25.72 24.11 -1.80
C ALA A 324 24.79 24.50 -2.93
N LYS A 325 23.48 24.41 -2.69
CA LYS A 325 22.49 24.81 -3.69
C LYS A 325 22.71 26.24 -4.12
N ALA A 326 22.90 27.12 -3.13
CA ALA A 326 23.18 28.52 -3.42
C ALA A 326 24.49 28.70 -4.17
N ALA A 327 25.43 27.74 -4.05
CA ALA A 327 26.66 27.77 -4.84
C ALA A 327 26.50 27.08 -6.19
N GLY A 328 25.28 26.71 -6.57
CA GLY A 328 25.08 26.06 -7.85
C GLY A 328 25.37 24.59 -7.86
N LEU A 329 25.38 23.94 -6.70
CA LEU A 329 25.68 22.51 -6.58
C LEU A 329 24.36 21.87 -6.14
N LEU A 330 23.68 21.20 -7.06
CA LEU A 330 22.28 20.84 -6.88
C LEU A 330 22.10 19.36 -6.46
N ALA A 331 20.98 19.11 -5.78
CA ALA A 331 20.49 17.75 -5.55
C ALA A 331 21.48 16.90 -4.76
N LEU A 332 22.09 17.50 -3.73
CA LEU A 332 23.07 16.84 -2.90
C LEU A 332 22.46 16.20 -1.64
N LYS A 333 21.16 16.38 -1.37
CA LYS A 333 20.60 15.77 -0.15
C LYS A 333 20.63 14.25 -0.27
N GLY A 334 21.06 13.58 0.79
CA GLY A 334 21.04 12.13 0.81
C GLY A 334 19.63 11.56 0.71
N HIS A 335 19.55 10.26 0.38
CA HIS A 335 18.25 9.59 0.36
C HIS A 335 17.59 9.71 1.72
N LYS A 336 16.26 9.87 1.72
CA LYS A 336 15.51 10.07 2.95
C LYS A 336 15.78 8.98 3.99
N VAL A 337 16.00 7.75 3.56
CA VAL A 337 16.16 6.66 4.53
C VAL A 337 17.50 6.72 5.27
N VAL A 338 18.48 7.45 4.78
CA VAL A 338 19.75 7.56 5.48
C VAL A 338 20.08 8.98 5.89
N GLY A 339 19.53 9.99 5.25
CA GLY A 339 19.91 11.35 5.59
C GLY A 339 21.28 11.67 5.00
N GLY A 340 21.94 12.65 5.60
CA GLY A 340 23.26 13.04 5.12
C GLY A 340 23.27 13.69 3.74
N ILE A 341 24.42 13.58 3.10
CA ILE A 341 24.72 14.16 1.78
C ILE A 341 24.97 13.01 0.82
N ARG A 342 24.67 13.21 -0.48
CA ARG A 342 25.04 12.21 -1.49
C ARG A 342 25.41 12.93 -2.78
N ALA A 343 26.68 12.73 -3.23
CA ALA A 343 27.17 13.29 -4.49
C ALA A 343 27.17 12.16 -5.49
N SER A 344 26.29 12.23 -6.49
CA SER A 344 26.32 11.27 -7.58
C SER A 344 27.13 11.84 -8.73
N LEU A 345 27.93 10.96 -9.35
CA LEU A 345 29.05 11.33 -10.24
C LEU A 345 29.00 10.47 -11.49
N TYR A 346 27.82 10.45 -12.13
CA TYR A 346 27.61 9.59 -13.30
C TYR A 346 28.49 10.03 -14.47
N ASN A 347 28.50 9.22 -15.53
CA ASN A 347 29.36 9.47 -16.68
C ASN A 347 29.24 10.90 -17.19
N ALA A 348 28.01 11.42 -17.26
CA ALA A 348 27.80 12.76 -17.80
C ALA A 348 28.28 13.88 -16.85
N MET A 349 28.64 13.57 -15.62
CA MET A 349 29.14 14.60 -14.71
C MET A 349 30.60 14.86 -15.03
N PRO A 350 30.99 16.07 -15.44
CA PRO A 350 32.40 16.31 -15.76
C PRO A 350 33.25 16.38 -14.51
N LEU A 351 34.56 16.18 -14.71
CA LEU A 351 35.50 16.33 -13.59
C LEU A 351 35.32 17.68 -12.91
N ALA A 352 35.01 18.74 -13.67
CA ALA A 352 34.83 20.07 -13.11
C ALA A 352 33.74 20.11 -12.04
N GLY A 353 32.74 19.23 -12.15
CA GLY A 353 31.70 19.18 -11.12
C GLY A 353 32.25 18.67 -9.81
N ALA A 354 33.09 17.63 -9.87
CA ALA A 354 33.70 17.14 -8.63
C ALA A 354 34.66 18.19 -8.06
N GLU A 355 35.42 18.86 -8.94
CA GLU A 355 36.30 19.93 -8.47
C GLU A 355 35.49 21.03 -7.76
N ALA A 356 34.35 21.42 -8.34
CA ALA A 356 33.54 22.45 -7.69
C ALA A 356 33.00 21.99 -6.34
N LEU A 357 32.60 20.72 -6.24
CA LEU A 357 32.10 20.18 -4.98
C LEU A 357 33.20 20.19 -3.93
N VAL A 358 34.41 19.75 -4.30
CA VAL A 358 35.50 19.67 -3.33
CA VAL A 358 35.43 19.68 -3.26
C VAL A 358 35.93 21.07 -2.88
N ALA A 359 35.88 22.04 -3.78
CA ALA A 359 36.19 23.41 -3.37
C ALA A 359 35.13 23.92 -2.39
N PHE A 360 33.88 23.55 -2.65
CA PHE A 360 32.83 23.95 -1.71
C PHE A 360 32.99 23.21 -0.39
N MET A 361 33.38 21.94 -0.43
CA MET A 361 33.59 21.19 0.82
C MET A 361 34.70 21.80 1.66
N ALA A 362 35.75 22.27 1.00
CA ALA A 362 36.84 22.90 1.75
C ALA A 362 36.38 24.21 2.38
N ASP A 363 35.64 25.03 1.63
CA ASP A 363 35.20 26.30 2.19
C ASP A 363 34.16 26.07 3.29
N PHE A 364 33.26 25.12 3.10
CA PHE A 364 32.27 24.82 4.13
C PHE A 364 32.92 24.42 5.44
N GLN A 365 33.94 23.56 5.39
CA GLN A 365 34.61 23.15 6.63
C GLN A 365 35.40 24.32 7.22
N GLN A 366 36.08 25.11 6.39
CA GLN A 366 36.76 26.29 6.93
CA GLN A 366 36.76 26.31 6.90
C GLN A 366 35.80 27.22 7.67
N ARG A 367 34.56 27.36 7.16
CA ARG A 367 33.60 28.25 7.77
C ARG A 367 32.95 27.66 9.00
N HIS A 368 32.43 26.43 8.89
CA HIS A 368 31.63 25.84 9.94
C HIS A 368 32.40 24.97 10.91
N GLY A 369 33.61 24.54 10.54
CA GLY A 369 34.31 23.46 11.23
C GLY A 369 35.08 23.76 12.50
N ARG B 11 -1.27 19.19 -48.41
CA ARG B 11 -0.63 18.67 -47.20
C ARG B 11 -0.24 17.21 -47.36
N ALA B 12 0.63 16.75 -46.46
CA ALA B 12 1.07 15.35 -46.40
C ALA B 12 0.25 14.62 -45.35
N PHE B 13 -0.65 13.75 -45.79
CA PHE B 13 -1.51 12.99 -44.91
C PHE B 13 -0.94 11.60 -44.64
N ASN B 14 -0.85 11.24 -43.38
CA ASN B 14 -0.21 9.98 -42.96
C ASN B 14 -1.29 9.02 -42.46
N PHE B 15 -1.61 8.05 -43.29
CA PHE B 15 -2.67 7.09 -42.99
C PHE B 15 -2.15 5.84 -42.27
N SER B 16 -0.96 5.92 -41.69
CA SER B 16 -0.38 4.78 -40.97
C SER B 16 -1.32 4.25 -39.89
N ALA B 17 -1.43 2.91 -39.82
CA ALA B 17 -2.15 2.25 -38.74
C ALA B 17 -1.38 2.27 -37.43
N GLY B 18 -0.09 2.58 -37.48
CA GLY B 18 0.74 2.65 -36.30
C GLY B 18 2.21 2.87 -36.65
N PRO B 19 2.81 3.95 -36.13
CA PRO B 19 2.18 4.96 -35.28
C PRO B 19 1.12 5.82 -35.96
N ALA B 20 0.10 6.18 -35.18
CA ALA B 20 -0.87 7.17 -35.63
C ALA B 20 -0.20 8.52 -35.89
N THR B 21 -0.64 9.20 -36.93
CA THR B 21 -0.33 10.61 -37.09
C THR B 21 -0.65 11.40 -35.82
N LEU B 22 0.32 12.28 -35.39
CA LEU B 22 0.13 13.13 -34.22
C LEU B 22 -0.20 14.54 -34.69
N PRO B 23 -0.97 15.28 -33.90
CA PRO B 23 -1.29 16.66 -34.30
C PRO B 23 -0.01 17.44 -34.43
N GLU B 24 0.09 18.22 -35.51
CA GLU B 24 1.28 19.03 -35.77
C GLU B 24 1.58 19.97 -34.62
N SER B 25 0.54 20.61 -34.08
CA SER B 25 0.77 21.60 -33.02
C SER B 25 1.37 20.97 -31.78
N VAL B 26 0.99 19.71 -31.50
CA VAL B 26 1.50 18.98 -30.35
C VAL B 26 2.98 18.68 -30.52
N LEU B 27 3.36 18.13 -31.68
CA LEU B 27 4.77 17.90 -31.96
C LEU B 27 5.57 19.19 -31.92
N ARG B 28 5.04 20.26 -32.51
CA ARG B 28 5.74 21.54 -32.48
CA ARG B 28 5.71 21.56 -32.48
C ARG B 28 5.95 22.03 -31.05
N GLN B 29 4.95 21.86 -30.18
CA GLN B 29 5.10 22.33 -28.80
C GLN B 29 6.13 21.50 -28.05
N ALA B 30 6.09 20.18 -28.22
CA ALA B 30 7.05 19.32 -27.54
C ALA B 30 8.47 19.64 -27.96
N GLN B 31 8.69 19.89 -29.25
CA GLN B 31 10.02 20.33 -29.68
C GLN B 31 10.40 21.66 -29.07
N ALA B 32 9.47 22.64 -29.08
CA ALA B 32 9.85 24.00 -28.71
C ALA B 32 10.26 24.08 -27.24
N GLU B 33 9.59 23.35 -26.36
CA GLU B 33 9.90 23.48 -24.94
C GLU B 33 10.67 22.28 -24.41
N MET B 34 11.36 21.52 -25.28
CA MET B 34 12.09 20.34 -24.84
CA MET B 34 12.07 20.34 -24.80
C MET B 34 13.28 20.69 -23.96
N LEU B 35 13.81 21.91 -24.07
CA LEU B 35 14.90 22.35 -23.21
C LEU B 35 14.43 23.35 -22.16
N ASP B 36 13.12 23.63 -22.08
CA ASP B 36 12.63 24.76 -21.31
C ASP B 36 11.13 24.63 -21.08
N TRP B 37 10.71 23.65 -20.29
CA TRP B 37 9.28 23.40 -20.08
C TRP B 37 8.63 24.57 -19.34
N HIS B 38 7.55 25.11 -19.93
CA HIS B 38 6.77 26.23 -19.36
C HIS B 38 7.66 27.39 -18.95
N GLY B 39 8.82 27.55 -19.60
CA GLY B 39 9.78 28.57 -19.24
C GLY B 39 10.63 28.26 -18.04
N SER B 40 10.49 27.07 -17.46
CA SER B 40 11.18 26.71 -16.21
C SER B 40 12.69 26.58 -16.37
N GLY B 41 13.21 26.38 -17.57
CA GLY B 41 14.64 26.24 -17.75
C GLY B 41 15.18 24.82 -17.73
N ALA B 42 14.32 23.82 -17.56
CA ALA B 42 14.77 22.43 -17.57
C ALA B 42 13.90 21.61 -18.51
N SER B 43 14.48 20.50 -18.99
CA SER B 43 13.79 19.62 -19.90
C SER B 43 12.85 18.72 -19.14
N ILE B 44 11.69 18.47 -19.75
CA ILE B 44 10.78 17.45 -19.24
C ILE B 44 11.51 16.12 -19.09
N VAL B 45 12.44 15.85 -20.01
CA VAL B 45 13.14 14.57 -20.04
C VAL B 45 13.90 14.33 -18.74
N GLU B 46 14.44 15.39 -18.13
CA GLU B 46 15.24 15.23 -16.92
CA GLU B 46 15.26 15.34 -16.93
C GLU B 46 14.46 15.51 -15.64
N MET B 47 13.14 15.63 -15.70
CA MET B 47 12.34 15.83 -14.50
C MET B 47 12.25 14.57 -13.65
N SER B 48 12.38 14.75 -12.33
CA SER B 48 12.05 13.67 -11.41
C SER B 48 10.56 13.38 -11.44
N HIS B 49 10.20 12.09 -11.55
CA HIS B 49 8.80 11.69 -11.46
C HIS B 49 8.15 12.16 -10.17
N ARG B 50 8.95 12.31 -9.10
CA ARG B 50 8.44 12.68 -7.80
C ARG B 50 8.56 14.17 -7.50
N GLY B 51 9.09 14.96 -8.44
CA GLY B 51 9.18 16.39 -8.20
C GLY B 51 7.86 17.09 -8.46
N ALA B 52 7.73 18.31 -7.92
CA ALA B 52 6.45 19.01 -7.99
C ALA B 52 6.05 19.32 -9.44
N GLU B 53 7.03 19.65 -10.28
CA GLU B 53 6.74 19.98 -11.67
CA GLU B 53 6.74 19.98 -11.67
C GLU B 53 6.11 18.80 -12.38
N PHE B 54 6.77 17.64 -12.35
CA PHE B 54 6.22 16.52 -13.09
C PHE B 54 4.95 16.00 -12.45
N MET B 55 4.84 16.04 -11.12
CA MET B 55 3.61 15.58 -10.49
CA MET B 55 3.61 15.59 -10.48
C MET B 55 2.42 16.36 -11.02
N SER B 56 2.60 17.67 -11.31
CA SER B 56 1.50 18.43 -11.89
C SER B 56 1.18 17.97 -13.32
N VAL B 57 2.21 17.61 -14.10
CA VAL B 57 2.00 17.11 -15.45
C VAL B 57 1.20 15.80 -15.41
N ALA B 58 1.61 14.89 -14.52
CA ALA B 58 0.92 13.60 -14.42
C ALA B 58 -0.52 13.77 -13.94
N ALA B 59 -0.73 14.70 -13.01
CA ALA B 59 -2.06 14.93 -12.47
C ALA B 59 -2.97 15.53 -13.52
N GLU B 60 -2.44 16.47 -14.32
CA GLU B 60 -3.23 17.03 -15.40
C GLU B 60 -3.53 15.99 -16.48
N ALA B 61 -2.56 15.11 -16.79
CA ALA B 61 -2.83 14.03 -17.74
C ALA B 61 -3.99 13.15 -17.27
N GLU B 62 -3.96 12.73 -16.00
CA GLU B 62 -5.06 11.91 -15.50
C GLU B 62 -6.35 12.71 -15.47
N ALA B 63 -6.31 13.96 -14.98
CA ALA B 63 -7.55 14.75 -14.91
C ALA B 63 -8.12 14.99 -16.31
N ASP B 64 -7.26 15.24 -17.28
CA ASP B 64 -7.74 15.51 -18.64
C ASP B 64 -8.32 14.26 -19.29
N LEU B 65 -7.67 13.10 -19.10
CA LEU B 65 -8.22 11.86 -19.62
C LEU B 65 -9.57 11.57 -18.96
N ARG B 66 -9.67 11.74 -17.64
CA ARG B 66 -10.96 11.52 -16.98
C ARG B 66 -12.04 12.42 -17.55
N ARG B 67 -11.71 13.68 -17.87
CA ARG B 67 -12.73 14.58 -18.41
C ARG B 67 -13.08 14.22 -19.85
N LEU B 68 -12.06 13.87 -20.65
CA LEU B 68 -12.26 13.49 -22.05
C LEU B 68 -13.22 12.31 -22.17
N LEU B 69 -13.05 11.28 -21.33
CA LEU B 69 -13.82 10.06 -21.46
C LEU B 69 -14.93 9.95 -20.43
N ASP B 70 -15.10 10.93 -19.55
CA ASP B 70 -16.12 10.88 -18.50
C ASP B 70 -15.92 9.63 -17.63
N ILE B 71 -14.74 9.55 -17.06
CA ILE B 71 -14.34 8.41 -16.23
C ILE B 71 -14.75 8.71 -14.79
N PRO B 72 -15.64 7.93 -14.19
CA PRO B 72 -16.06 8.18 -12.81
C PRO B 72 -14.92 7.94 -11.82
N ASP B 73 -15.11 8.50 -10.62
CA ASP B 73 -14.17 8.32 -9.52
C ASP B 73 -14.05 6.86 -9.07
N ASP B 74 -15.04 6.00 -9.32
CA ASP B 74 -14.87 4.62 -8.88
C ASP B 74 -14.20 3.73 -9.94
N TYR B 75 -13.52 4.36 -10.89
CA TYR B 75 -12.54 3.72 -11.77
C TYR B 75 -11.18 4.31 -11.48
N ALA B 76 -10.15 3.45 -11.48
CA ALA B 76 -8.75 3.85 -11.44
C ALA B 76 -8.21 4.06 -12.85
N VAL B 77 -7.25 4.96 -12.99
CA VAL B 77 -6.60 5.23 -14.27
C VAL B 77 -5.10 4.98 -14.10
N LEU B 78 -4.52 4.14 -14.98
CA LEU B 78 -3.10 3.84 -14.95
CA LEU B 78 -3.11 3.84 -14.95
C LEU B 78 -2.46 4.20 -16.28
N PHE B 79 -1.24 4.74 -16.19
CA PHE B 79 -0.40 4.99 -17.36
C PHE B 79 0.78 4.03 -17.24
N LEU B 80 1.00 3.22 -18.28
CA LEU B 80 1.85 2.04 -18.10
C LEU B 80 2.79 1.86 -19.27
N SER B 81 3.93 1.26 -18.98
CA SER B 81 4.84 0.83 -20.03
CA SER B 81 4.86 0.82 -20.02
C SER B 81 4.49 -0.59 -20.49
N GLY B 82 5.06 -1.00 -21.61
CA GLY B 82 4.93 -2.38 -22.06
C GLY B 82 3.81 -2.66 -23.06
N GLY B 83 3.05 -1.66 -23.45
CA GLY B 83 2.08 -1.86 -24.51
C GLY B 83 0.85 -2.66 -24.12
N ALA B 84 0.00 -2.85 -25.12
CA ALA B 84 -1.21 -3.62 -24.87
C ALA B 84 -0.88 -5.08 -24.57
N THR B 85 0.14 -5.64 -25.22
CA THR B 85 0.40 -7.07 -25.06
C THR B 85 0.81 -7.40 -23.62
N THR B 86 1.60 -6.52 -22.98
CA THR B 86 1.89 -6.73 -21.57
C THR B 86 0.61 -6.77 -20.74
N GLN B 87 -0.35 -5.87 -21.00
CA GLN B 87 -1.57 -5.90 -20.22
C GLN B 87 -2.40 -7.13 -20.49
N GLN B 88 -2.26 -7.69 -21.69
CA GLN B 88 -2.97 -8.92 -22.03
C GLN B 88 -2.48 -10.11 -21.22
N ALA B 89 -1.21 -10.08 -20.78
CA ALA B 89 -0.70 -11.08 -19.84
C ALA B 89 -1.12 -10.75 -18.41
N LEU B 90 -1.08 -9.46 -18.03
CA LEU B 90 -1.36 -9.09 -16.64
C LEU B 90 -2.82 -9.19 -16.29
N ILE B 91 -3.73 -9.00 -17.26
CA ILE B 91 -5.16 -9.04 -16.99
C ILE B 91 -5.59 -10.37 -16.35
N PRO B 92 -5.27 -11.54 -16.93
CA PRO B 92 -5.63 -12.79 -16.23
C PRO B 92 -4.89 -12.97 -14.92
N LEU B 93 -3.66 -12.45 -14.80
CA LEU B 93 -2.94 -12.61 -13.54
C LEU B 93 -3.50 -11.74 -12.43
N ASN B 94 -4.18 -10.66 -12.78
CA ASN B 94 -4.76 -9.77 -11.78
C ASN B 94 -6.23 -9.98 -11.51
N PHE B 95 -6.98 -10.42 -12.51
CA PHE B 95 -8.45 -10.43 -12.37
C PHE B 95 -9.06 -11.81 -12.49
N ALA B 96 -8.28 -12.89 -12.46
CA ALA B 96 -8.80 -14.24 -12.45
C ALA B 96 -8.08 -15.08 -11.42
N ALA B 97 -8.80 -16.05 -10.83
CA ALA B 97 -8.15 -17.07 -10.02
C ALA B 97 -7.35 -18.01 -10.94
N PRO B 98 -6.29 -18.65 -10.43
CA PRO B 98 -5.50 -19.53 -11.32
C PRO B 98 -6.35 -20.60 -12.00
N GLY B 99 -6.22 -20.69 -13.33
CA GLY B 99 -7.04 -21.57 -14.16
C GLY B 99 -8.55 -21.37 -14.13
N GLN B 100 -9.04 -20.27 -13.55
CA GLN B 100 -10.45 -19.89 -13.70
C GLN B 100 -10.74 -19.68 -15.17
N ARG B 101 -12.00 -19.94 -15.59
CA ARG B 101 -12.32 -19.69 -17.00
C ARG B 101 -12.39 -18.20 -17.28
N ALA B 102 -11.94 -17.81 -18.46
CA ALA B 102 -12.10 -16.45 -18.98
C ALA B 102 -12.61 -16.56 -20.41
N ASP B 103 -13.62 -15.77 -20.76
CA ASP B 103 -14.21 -15.83 -22.10
C ASP B 103 -13.59 -14.78 -23.00
N TYR B 104 -13.23 -15.18 -24.21
CA TYR B 104 -12.67 -14.29 -25.22
C TYR B 104 -13.53 -14.36 -26.47
N VAL B 105 -13.81 -13.19 -27.05
CA VAL B 105 -14.46 -13.12 -28.36
C VAL B 105 -13.40 -12.70 -29.37
N VAL B 106 -13.15 -13.52 -30.37
CA VAL B 106 -12.07 -13.28 -31.32
C VAL B 106 -12.67 -12.80 -32.64
N SER B 107 -12.38 -11.55 -32.97
CA SER B 107 -12.83 -10.95 -34.23
C SER B 107 -11.66 -10.48 -35.09
N GLY B 108 -10.44 -10.84 -34.73
CA GLY B 108 -9.30 -10.46 -35.54
C GLY B 108 -7.99 -10.78 -34.85
N HIS B 109 -6.91 -10.27 -35.48
CA HIS B 109 -5.54 -10.54 -35.05
C HIS B 109 -5.27 -10.16 -33.61
N TRP B 110 -5.74 -8.98 -33.18
CA TRP B 110 -5.35 -8.51 -31.85
C TRP B 110 -6.06 -9.28 -30.75
N GLY B 111 -7.28 -9.79 -31.02
CA GLY B 111 -7.89 -10.70 -30.07
C GLY B 111 -7.18 -12.03 -30.01
N LYS B 112 -6.72 -12.54 -31.15
CA LYS B 112 -5.91 -13.75 -31.13
CA LYS B 112 -5.92 -13.75 -31.13
C LYS B 112 -4.67 -13.56 -30.27
N THR B 113 -4.06 -12.37 -30.36
CA THR B 113 -2.86 -12.09 -29.57
C THR B 113 -3.20 -12.07 -28.08
N ALA B 114 -4.35 -11.46 -27.72
CA ALA B 114 -4.78 -11.41 -26.32
C ALA B 114 -5.00 -12.82 -25.80
N VAL B 115 -5.58 -13.67 -26.64
CA VAL B 115 -5.78 -15.08 -26.27
C VAL B 115 -4.44 -15.76 -26.05
N LYS B 116 -3.45 -15.52 -26.94
CA LYS B 116 -2.13 -16.14 -26.84
C LYS B 116 -1.45 -15.80 -25.50
N GLN B 117 -1.58 -14.56 -25.03
CA GLN B 117 -0.89 -14.24 -23.78
C GLN B 117 -1.54 -14.89 -22.57
N ALA B 118 -2.83 -15.16 -22.64
CA ALA B 118 -3.58 -15.50 -21.45
C ALA B 118 -3.67 -16.99 -21.21
N GLY B 119 -3.41 -17.81 -22.24
CA GLY B 119 -3.64 -19.24 -22.11
C GLY B 119 -2.81 -19.89 -21.03
N VAL B 120 -1.62 -19.38 -20.77
CA VAL B 120 -0.80 -19.94 -19.71
C VAL B 120 -1.45 -19.82 -18.32
N TYR B 121 -2.24 -18.78 -18.11
CA TYR B 121 -2.68 -18.37 -16.79
C TYR B 121 -4.12 -18.68 -16.47
N VAL B 122 -5.00 -18.75 -17.47
CA VAL B 122 -6.42 -18.97 -17.23
C VAL B 122 -6.88 -20.01 -18.24
N ASP B 123 -8.08 -20.53 -17.99
CA ASP B 123 -8.75 -21.47 -18.88
C ASP B 123 -9.44 -20.61 -19.95
N VAL B 124 -8.77 -20.41 -21.08
CA VAL B 124 -9.26 -19.47 -22.09
C VAL B 124 -10.32 -20.16 -22.94
N ASN B 125 -11.53 -19.67 -22.86
CA ASN B 125 -12.67 -20.16 -23.61
C ASN B 125 -12.89 -19.21 -24.78
N ILE B 126 -12.98 -19.74 -25.99
CA ILE B 126 -13.32 -18.93 -27.17
CA ILE B 126 -13.32 -18.92 -27.16
C ILE B 126 -14.85 -18.93 -27.25
N ALA B 127 -15.47 -17.90 -26.67
CA ALA B 127 -16.93 -17.83 -26.63
C ALA B 127 -17.52 -17.64 -28.01
N ALA B 128 -16.75 -17.01 -28.92
CA ALA B 128 -17.14 -16.82 -30.31
C ALA B 128 -15.92 -16.38 -31.10
N SER B 129 -15.92 -16.70 -32.39
CA SER B 129 -14.81 -16.31 -33.26
C SER B 129 -15.30 -16.20 -34.70
N SER B 130 -14.85 -15.17 -35.40
CA SER B 130 -15.12 -15.08 -36.83
C SER B 130 -13.93 -15.54 -37.68
N GLU B 131 -12.98 -16.28 -37.09
CA GLU B 131 -11.77 -16.66 -37.82
C GLU B 131 -12.08 -17.52 -39.05
N ALA B 132 -13.13 -18.35 -38.99
CA ALA B 132 -13.40 -19.25 -40.11
C ALA B 132 -13.81 -18.51 -41.37
N ASN B 133 -14.41 -17.33 -41.25
CA ASN B 133 -14.74 -16.49 -42.40
C ASN B 133 -13.69 -15.43 -42.67
N GLY B 134 -12.49 -15.61 -42.12
CA GLY B 134 -11.40 -14.67 -42.30
C GLY B 134 -11.62 -13.33 -41.64
N TYR B 135 -12.34 -13.30 -40.51
CA TYR B 135 -12.57 -12.06 -39.76
C TYR B 135 -13.20 -10.97 -40.61
N ARG B 136 -14.28 -11.31 -41.32
CA ARG B 136 -15.00 -10.36 -42.14
C ARG B 136 -16.30 -9.89 -41.49
N GLU B 137 -16.52 -10.25 -40.24
CA GLU B 137 -17.74 -9.87 -39.54
C GLU B 137 -17.47 -10.03 -38.05
N LEU B 138 -18.37 -9.50 -37.24
CA LEU B 138 -18.34 -9.88 -35.84
C LEU B 138 -19.17 -11.15 -35.63
N PRO B 139 -18.71 -12.11 -34.84
CA PRO B 139 -19.57 -13.28 -34.56
C PRO B 139 -20.86 -12.84 -33.88
N ALA B 140 -21.99 -13.31 -34.40
CA ALA B 140 -23.29 -12.84 -33.94
C ALA B 140 -23.44 -13.08 -32.45
N ARG B 141 -23.83 -12.02 -31.72
CA ARG B 141 -23.98 -12.12 -30.25
C ARG B 141 -24.83 -13.31 -29.86
N ALA B 142 -25.84 -13.68 -30.68
CA ALA B 142 -26.72 -14.80 -30.35
C ALA B 142 -25.97 -16.12 -30.27
N ASP B 143 -24.86 -16.25 -30.97
CA ASP B 143 -24.11 -17.51 -30.96
C ASP B 143 -22.98 -17.52 -29.95
N TRP B 144 -22.79 -16.45 -29.17
CA TRP B 144 -21.71 -16.47 -28.18
C TRP B 144 -22.02 -17.51 -27.11
N GLN B 145 -20.98 -18.21 -26.66
CA GLN B 145 -21.17 -19.25 -25.65
CA GLN B 145 -21.12 -19.27 -25.67
C GLN B 145 -20.41 -18.78 -24.41
N LEU B 146 -21.11 -18.02 -23.58
CA LEU B 146 -20.49 -17.43 -22.41
C LEU B 146 -20.60 -18.33 -21.19
N SER B 147 -19.62 -18.16 -20.29
CA SER B 147 -19.45 -19.00 -19.11
C SER B 147 -20.00 -18.27 -17.88
N ARG B 148 -20.86 -18.95 -17.14
CA ARG B 148 -21.43 -18.34 -15.95
C ARG B 148 -20.34 -17.88 -14.98
N ASP B 149 -19.30 -18.68 -14.81
CA ASP B 149 -18.28 -18.38 -13.80
C ASP B 149 -17.02 -17.76 -14.40
N ALA B 150 -17.15 -17.13 -15.57
CA ALA B 150 -15.97 -16.53 -16.16
C ALA B 150 -15.45 -15.39 -15.33
N ALA B 151 -14.12 -15.23 -15.32
CA ALA B 151 -13.54 -14.07 -14.63
C ALA B 151 -13.88 -12.78 -15.35
N TYR B 152 -14.07 -12.83 -16.66
CA TYR B 152 -14.32 -11.67 -17.46
C TYR B 152 -14.64 -12.15 -18.87
N VAL B 153 -15.22 -11.26 -19.67
CA VAL B 153 -15.35 -11.45 -21.11
C VAL B 153 -14.47 -10.40 -21.78
N HIS B 154 -13.52 -10.86 -22.60
CA HIS B 154 -12.58 -9.98 -23.29
C HIS B 154 -13.02 -9.83 -24.75
N ILE B 155 -13.12 -8.57 -25.19
CA ILE B 155 -13.38 -8.24 -26.59
C ILE B 155 -12.31 -7.26 -27.07
N THR B 156 -12.18 -7.18 -28.38
CA THR B 156 -11.33 -6.19 -29.03
C THR B 156 -12.26 -5.23 -29.74
N ALA B 157 -12.36 -3.99 -29.22
CA ALA B 157 -13.39 -3.08 -29.71
C ALA B 157 -13.25 -2.83 -31.20
N ASN B 158 -12.02 -2.60 -31.64
CA ASN B 158 -11.78 -2.31 -33.04
C ASN B 158 -10.58 -3.13 -33.45
N GLU B 159 -10.78 -4.00 -34.45
CA GLU B 159 -9.70 -4.84 -34.95
C GLU B 159 -9.00 -4.12 -36.10
N THR B 160 -7.75 -3.72 -35.81
N THR B 160 -7.80 -3.61 -35.85
CA THR B 160 -7.04 -2.70 -36.56
CA THR B 160 -7.22 -2.64 -36.79
C THR B 160 -6.57 -3.21 -37.92
C THR B 160 -6.78 -3.28 -38.09
N ILE B 161 -6.28 -4.51 -38.03
CA ILE B 161 -5.80 -5.11 -39.26
C ILE B 161 -6.96 -5.48 -40.17
N HIS B 162 -8.06 -5.93 -39.56
CA HIS B 162 -9.16 -6.49 -40.33
C HIS B 162 -10.31 -5.51 -40.53
N GLY B 163 -10.28 -4.35 -39.90
CA GLY B 163 -11.34 -3.34 -40.09
C GLY B 163 -12.70 -3.73 -39.51
N VAL B 164 -12.71 -4.44 -38.39
CA VAL B 164 -13.94 -4.99 -37.80
C VAL B 164 -14.15 -4.35 -36.42
N GLU B 165 -15.33 -3.73 -36.23
CA GLU B 165 -15.54 -2.89 -35.05
C GLU B 165 -16.89 -3.17 -34.42
N PHE B 166 -16.91 -3.24 -33.08
CA PHE B 166 -18.18 -3.26 -32.32
C PHE B 166 -18.85 -1.89 -32.36
N ARG B 167 -20.16 -1.89 -32.60
CA ARG B 167 -20.91 -0.65 -32.50
CA ARG B 167 -20.99 -0.71 -32.56
C ARG B 167 -21.88 -0.67 -31.33
N ASP B 168 -22.01 -1.78 -30.61
CA ASP B 168 -22.85 -1.93 -29.43
C ASP B 168 -22.02 -2.54 -28.32
N VAL B 169 -22.25 -2.10 -27.08
CA VAL B 169 -21.61 -2.75 -25.93
C VAL B 169 -22.31 -4.08 -25.69
N PRO B 170 -21.63 -5.22 -25.80
CA PRO B 170 -22.35 -6.48 -25.58
C PRO B 170 -22.75 -6.69 -24.13
N ASP B 171 -23.91 -7.28 -23.94
CA ASP B 171 -24.32 -7.70 -22.61
C ASP B 171 -23.58 -8.98 -22.23
N THR B 172 -22.95 -8.96 -21.06
CA THR B 172 -22.28 -10.14 -20.54
C THR B 172 -22.79 -10.48 -19.15
N GLY B 173 -24.06 -10.21 -18.90
CA GLY B 173 -24.61 -10.53 -17.60
C GLY B 173 -23.89 -9.81 -16.49
N ASN B 174 -23.56 -10.55 -15.44
CA ASN B 174 -22.84 -9.97 -14.31
CA ASN B 174 -22.84 -10.01 -14.28
C ASN B 174 -21.34 -10.24 -14.37
N VAL B 175 -20.83 -10.64 -15.54
CA VAL B 175 -19.40 -10.89 -15.74
C VAL B 175 -18.79 -9.60 -16.29
N PRO B 176 -17.68 -9.10 -15.73
CA PRO B 176 -17.13 -7.84 -16.24
C PRO B 176 -16.64 -7.94 -17.67
N LEU B 177 -16.92 -6.87 -18.41
CA LEU B 177 -16.43 -6.73 -19.78
C LEU B 177 -15.07 -6.05 -19.78
N ILE B 178 -14.14 -6.67 -20.49
CA ILE B 178 -12.80 -6.12 -20.65
C ILE B 178 -12.55 -5.92 -22.14
N ALA B 179 -12.14 -4.71 -22.53
CA ALA B 179 -12.09 -4.39 -23.96
C ALA B 179 -10.78 -3.72 -24.33
N ASP B 180 -10.14 -4.24 -25.36
CA ASP B 180 -8.98 -3.61 -25.98
C ASP B 180 -9.47 -2.52 -26.93
N PHE B 181 -9.29 -1.26 -26.53
CA PHE B 181 -9.66 -0.06 -27.29
C PHE B 181 -8.43 0.64 -27.90
N SER B 182 -7.34 -0.09 -28.11
CA SER B 182 -6.11 0.53 -28.60
C SER B 182 -6.36 1.42 -29.81
N SER B 183 -7.14 0.96 -30.78
CA SER B 183 -7.25 1.74 -32.01
C SER B 183 -8.52 2.57 -32.12
N SER B 184 -9.35 2.62 -31.07
CA SER B 184 -10.52 3.46 -31.13
C SER B 184 -10.83 4.24 -29.86
N ILE B 185 -10.02 4.14 -28.81
CA ILE B 185 -10.37 4.86 -27.58
C ILE B 185 -10.45 6.36 -27.87
N ALA B 186 -11.48 7.00 -27.32
CA ALA B 186 -11.73 8.44 -27.46
C ALA B 186 -12.05 8.83 -28.90
N SER B 187 -12.50 7.87 -29.71
CA SER B 187 -12.93 8.15 -31.08
C SER B 187 -14.41 8.55 -31.15
N GLU B 188 -15.11 8.54 -30.01
CA GLU B 188 -16.55 8.76 -29.88
C GLU B 188 -16.83 8.56 -28.39
N PRO B 189 -18.01 8.93 -27.88
CA PRO B 189 -18.29 8.66 -26.46
C PRO B 189 -18.09 7.19 -26.11
N LEU B 190 -17.52 6.97 -24.93
CA LEU B 190 -17.27 5.64 -24.35
C LEU B 190 -17.98 5.63 -23.00
N ASP B 191 -18.96 4.74 -22.82
CA ASP B 191 -19.71 4.66 -21.56
C ASP B 191 -18.90 3.77 -20.64
N VAL B 192 -17.98 4.41 -19.91
CA VAL B 192 -17.01 3.69 -19.10
C VAL B 192 -17.70 2.76 -18.10
N ARG B 193 -18.87 3.14 -17.59
CA ARG B 193 -19.52 2.40 -16.52
C ARG B 193 -19.97 1.02 -16.98
N ARG B 194 -20.10 0.81 -18.29
CA ARG B 194 -20.45 -0.50 -18.85
C ARG B 194 -19.31 -1.49 -18.83
N TYR B 195 -18.08 -1.08 -18.47
CA TYR B 195 -16.89 -1.92 -18.60
C TYR B 195 -16.25 -2.21 -17.26
N GLY B 196 -15.66 -3.40 -17.15
CA GLY B 196 -14.77 -3.68 -16.04
C GLY B 196 -13.39 -3.10 -16.26
N VAL B 197 -12.84 -3.31 -17.46
CA VAL B 197 -11.51 -2.80 -17.82
C VAL B 197 -11.55 -2.31 -19.26
N ILE B 198 -11.08 -1.09 -19.48
CA ILE B 198 -10.80 -0.55 -20.82
C ILE B 198 -9.29 -0.34 -20.90
N TYR B 199 -8.64 -0.80 -21.97
CA TYR B 199 -7.20 -0.53 -22.06
C TYR B 199 -6.83 -0.20 -23.50
N ALA B 200 -5.69 0.47 -23.63
CA ALA B 200 -5.21 0.86 -24.95
C ALA B 200 -3.70 0.89 -24.96
N GLY B 201 -3.10 0.22 -25.94
CA GLY B 201 -1.68 0.39 -26.21
C GLY B 201 -1.36 1.76 -26.76
N ALA B 202 -0.06 2.03 -26.88
CA ALA B 202 0.51 3.26 -27.42
C ALA B 202 0.54 3.25 -28.93
N GLN B 203 0.78 4.43 -29.50
CA GLN B 203 1.01 4.67 -30.90
C GLN B 203 -0.20 4.35 -31.78
N LYS B 204 -1.40 4.27 -31.18
CA LYS B 204 -2.63 4.10 -31.95
C LYS B 204 -3.49 5.35 -31.71
N ASN B 205 -4.73 5.21 -31.22
N ASN B 205 -4.79 5.18 -31.39
CA ASN B 205 -5.57 6.41 -31.25
CA ASN B 205 -5.65 6.37 -31.35
C ASN B 205 -5.26 7.43 -30.15
C ASN B 205 -5.35 7.29 -30.19
N LEU B 206 -4.74 7.02 -28.97
N LEU B 206 -4.18 7.07 -29.60
CA LEU B 206 -4.68 7.87 -27.77
CA LEU B 206 -3.46 8.10 -28.86
C LEU B 206 -3.26 8.23 -27.30
C LEU B 206 -2.27 8.61 -29.66
N GLY B 207 -2.69 7.42 -26.40
N GLY B 207 -1.86 7.87 -30.66
CA GLY B 207 -1.36 7.68 -25.92
CA GLY B 207 -0.66 8.21 -31.35
C GLY B 207 -0.34 7.48 -27.02
C GLY B 207 0.53 7.74 -30.55
N PRO B 208 0.58 8.45 -27.18
N PRO B 208 1.68 7.96 -31.11
CA PRO B 208 1.68 8.28 -28.13
CA PRO B 208 2.94 7.45 -30.53
C PRO B 208 2.78 7.39 -27.57
C PRO B 208 3.35 8.08 -29.23
N VAL B 209 3.95 7.41 -28.20
N VAL B 209 2.58 7.88 -28.17
CA VAL B 209 5.05 6.48 -27.92
CA VAL B 209 2.91 8.49 -26.89
C VAL B 209 5.25 6.21 -26.43
C VAL B 209 3.74 7.58 -26.01
N GLY B 210 5.24 4.93 -26.05
N GLY B 210 4.01 6.35 -26.44
CA GLY B 210 5.55 4.50 -24.69
CA GLY B 210 4.81 5.44 -25.64
C GLY B 210 4.46 4.66 -23.64
C GLY B 210 4.24 5.17 -24.29
N VAL B 211 3.23 5.04 -24.01
N VAL B 211 2.94 5.41 -24.13
CA VAL B 211 2.17 5.31 -23.05
CA VAL B 211 2.20 5.28 -22.90
C VAL B 211 0.99 4.38 -23.34
C VAL B 211 0.96 4.46 -23.21
N ALA B 212 0.81 3.34 -22.52
CA ALA B 212 -0.43 2.57 -22.54
C ALA B 212 -1.35 3.08 -21.44
N VAL B 213 -2.65 2.92 -21.63
CA VAL B 213 -3.64 3.41 -20.67
C VAL B 213 -4.52 2.25 -20.22
N MET B 214 -4.82 2.18 -18.92
CA MET B 214 -5.81 1.24 -18.42
CA MET B 214 -5.80 1.23 -18.40
C MET B 214 -6.78 1.96 -17.51
N ILE B 215 -8.06 1.67 -17.69
CA ILE B 215 -9.15 2.24 -16.90
C ILE B 215 -9.81 1.03 -16.24
N ILE B 216 -9.80 0.98 -14.90
CA ILE B 216 -10.11 -0.24 -14.16
C ILE B 216 -11.20 0.03 -13.14
N ARG B 217 -12.34 -0.66 -13.26
CA ARG B 217 -13.38 -0.57 -12.23
C ARG B 217 -12.80 -1.01 -10.88
N ARG B 218 -12.87 -0.15 -9.86
CA ARG B 218 -12.08 -0.37 -8.66
C ARG B 218 -12.44 -1.65 -7.92
N ASP B 219 -13.69 -2.13 -8.03
CA ASP B 219 -14.01 -3.36 -7.32
C ASP B 219 -13.19 -4.52 -7.84
N LEU B 220 -12.76 -4.47 -9.09
CA LEU B 220 -11.95 -5.57 -9.62
C LEU B 220 -10.61 -5.66 -8.93
N LEU B 221 -10.12 -4.55 -8.38
CA LEU B 221 -8.87 -4.59 -7.63
C LEU B 221 -9.01 -5.33 -6.29
N GLU B 222 -10.21 -5.69 -5.88
CA GLU B 222 -10.43 -6.47 -4.67
C GLU B 222 -10.25 -7.97 -4.92
N ARG B 223 -10.08 -8.39 -6.17
CA ARG B 223 -9.85 -9.79 -6.50
C ARG B 223 -8.43 -10.20 -6.10
N SER B 224 -8.27 -11.49 -5.76
CA SER B 224 -6.96 -12.02 -5.40
C SER B 224 -6.05 -12.11 -6.61
N GLY B 225 -6.62 -12.50 -7.74
CA GLY B 225 -5.75 -12.81 -8.87
C GLY B 225 -4.89 -14.02 -8.56
N GLN B 226 -3.71 -14.05 -9.18
CA GLN B 226 -2.79 -15.17 -9.16
C GLN B 226 -1.45 -14.75 -8.56
N PRO B 227 -0.69 -15.68 -7.98
CA PRO B 227 0.60 -15.29 -7.41
C PRO B 227 1.43 -14.56 -8.45
N ARG B 228 1.94 -13.40 -8.06
CA ARG B 228 2.65 -12.57 -9.03
C ARG B 228 3.53 -11.58 -8.30
N ALA B 229 4.64 -11.20 -8.94
CA ALA B 229 5.50 -10.15 -8.42
C ALA B 229 4.74 -8.84 -8.27
N ASP B 230 5.21 -8.02 -7.33
CA ASP B 230 4.57 -6.74 -7.07
C ASP B 230 4.50 -5.86 -8.32
N ILE B 231 5.55 -5.88 -9.15
CA ILE B 231 5.57 -5.06 -10.36
C ILE B 231 4.49 -5.51 -11.35
N PHE B 232 3.97 -6.73 -11.19
CA PHE B 232 2.88 -7.24 -12.01
C PHE B 232 1.52 -7.14 -11.32
N ASP B 233 1.43 -6.35 -10.25
CA ASP B 233 0.21 -6.23 -9.46
C ASP B 233 -0.40 -4.84 -9.64
N TYR B 234 -1.53 -4.78 -10.34
CA TYR B 234 -2.18 -3.48 -10.57
C TYR B 234 -2.58 -2.82 -9.25
N ARG B 235 -2.88 -3.62 -8.23
CA ARG B 235 -3.25 -3.03 -6.94
C ARG B 235 -2.10 -2.22 -6.37
N SER B 236 -0.86 -2.68 -6.58
CA SER B 236 0.29 -1.91 -6.12
C SER B 236 0.51 -0.66 -6.96
N HIS B 237 0.31 -0.75 -8.27
CA HIS B 237 0.41 0.42 -9.12
C HIS B 237 -0.59 1.48 -8.68
N VAL B 238 -1.82 1.09 -8.34
CA VAL B 238 -2.83 2.06 -7.92
CA VAL B 238 -2.77 2.13 -7.96
C VAL B 238 -2.52 2.63 -6.55
N ALA B 239 -1.83 1.86 -5.71
CA ALA B 239 -1.51 2.34 -4.35
C ALA B 239 -0.57 3.53 -4.37
N ARG B 240 0.34 3.58 -5.34
CA ARG B 240 1.36 4.64 -5.40
C ARG B 240 1.37 5.32 -6.77
N ASN B 245 5.94 1.05 -12.88
CA ASN B 245 6.03 0.68 -14.29
C ASN B 245 5.30 1.69 -15.18
N THR B 246 5.56 3.09 -14.86
CA THR B 246 5.04 4.28 -15.54
C THR B 246 5.99 4.68 -16.65
N PRO B 247 5.43 5.30 -17.68
CA PRO B 247 6.25 5.76 -18.77
C PRO B 247 7.28 6.77 -18.28
N PRO B 248 8.33 6.95 -19.05
CA PRO B 248 9.22 8.10 -18.85
C PRO B 248 8.43 9.39 -18.81
N THR B 249 9.02 10.43 -18.21
CA THR B 249 8.28 11.67 -18.03
C THR B 249 7.93 12.32 -19.36
N TRP B 250 8.86 12.28 -20.33
CA TRP B 250 8.59 13.01 -21.58
C TRP B 250 7.46 12.32 -22.34
N ASN B 251 7.43 10.99 -22.31
CA ASN B 251 6.34 10.25 -22.94
C ASN B 251 5.01 10.56 -22.29
N TRP B 252 4.99 10.56 -20.95
CA TRP B 252 3.77 10.91 -20.22
C TRP B 252 3.36 12.34 -20.52
N TYR B 253 4.32 13.24 -20.57
CA TYR B 253 4.02 14.62 -20.94
C TYR B 253 3.46 14.71 -22.35
N LEU B 254 4.02 13.94 -23.28
CA LEU B 254 3.50 13.95 -24.65
C LEU B 254 2.06 13.44 -24.69
N ALA B 255 1.75 12.38 -23.93
CA ALA B 255 0.38 11.91 -23.84
C ALA B 255 -0.53 13.01 -23.30
N GLY B 256 -0.10 13.71 -22.25
CA GLY B 256 -0.87 14.82 -21.72
C GLY B 256 -1.13 15.91 -22.74
N LEU B 257 -0.15 16.19 -23.61
CA LEU B 257 -0.38 17.19 -24.65
C LEU B 257 -1.45 16.69 -25.63
N VAL B 258 -1.44 15.40 -25.93
CA VAL B 258 -2.47 14.85 -26.83
C VAL B 258 -3.83 14.98 -26.20
N PHE B 259 -3.95 14.67 -24.90
CA PHE B 259 -5.26 14.76 -24.24
C PHE B 259 -5.77 16.20 -24.27
N LYS B 260 -4.89 17.17 -24.01
CA LYS B 260 -5.28 18.57 -24.04
C LYS B 260 -5.73 18.97 -25.43
N TRP B 261 -5.03 18.48 -26.46
CA TRP B 261 -5.43 18.77 -27.82
C TRP B 261 -6.81 18.20 -28.11
N MET B 262 -7.05 16.95 -27.70
CA MET B 262 -8.36 16.35 -27.93
C MET B 262 -9.46 17.18 -27.28
N LEU B 263 -9.22 17.64 -26.06
CA LEU B 263 -10.20 18.47 -25.37
C LEU B 263 -10.42 19.78 -26.13
N ALA B 264 -9.32 20.41 -26.57
CA ALA B 264 -9.41 21.68 -27.28
C ALA B 264 -10.18 21.53 -28.60
N GLU B 265 -10.08 20.37 -29.24
CA GLU B 265 -10.81 20.15 -30.49
C GLU B 265 -12.30 19.96 -30.29
N GLY B 266 -12.77 19.81 -29.05
CA GLY B 266 -14.18 19.56 -28.80
C GLY B 266 -14.49 18.21 -28.18
N GLY B 267 -13.47 17.43 -27.84
CA GLY B 267 -13.69 16.17 -27.13
C GLY B 267 -14.30 15.08 -28.01
N VAL B 268 -14.79 14.05 -27.33
CA VAL B 268 -15.28 12.87 -28.05
C VAL B 268 -16.57 13.17 -28.81
N THR B 269 -17.33 14.20 -28.40
CA THR B 269 -18.48 14.62 -29.22
C THR B 269 -18.03 15.01 -30.63
N GLU B 270 -16.94 15.79 -30.72
CA GLU B 270 -16.43 16.23 -32.01
C GLU B 270 -15.80 15.07 -32.78
N PHE B 271 -14.97 14.24 -32.12
CA PHE B 271 -14.35 13.12 -32.84
C PHE B 271 -15.39 12.13 -33.33
N ALA B 272 -16.48 11.93 -32.59
CA ALA B 272 -17.55 11.06 -33.10
C ALA B 272 -18.00 11.56 -34.47
N LYS B 273 -18.25 12.85 -34.58
CA LYS B 273 -18.76 13.38 -35.84
C LYS B 273 -17.69 13.34 -36.91
N ARG B 274 -16.44 13.71 -36.54
CA ARG B 274 -15.37 13.77 -37.52
CA ARG B 274 -15.35 13.77 -37.50
C ARG B 274 -15.03 12.39 -38.04
N ASN B 275 -14.93 11.42 -37.15
CA ASN B 275 -14.58 10.08 -37.54
C ASN B 275 -15.70 9.43 -38.33
N ALA B 276 -16.96 9.64 -37.93
CA ALA B 276 -18.06 9.14 -38.76
C ALA B 276 -18.01 9.74 -40.16
N ALA B 277 -17.71 11.04 -40.27
CA ALA B 277 -17.67 11.66 -41.59
C ALA B 277 -16.52 11.12 -42.43
N LYS B 278 -15.34 11.00 -41.83
CA LYS B 278 -14.18 10.46 -42.58
C LYS B 278 -14.49 9.08 -43.11
N ALA B 279 -15.00 8.20 -42.25
CA ALA B 279 -15.27 6.84 -42.67
C ALA B 279 -16.39 6.78 -43.71
N ALA B 280 -17.46 7.57 -43.54
CA ALA B 280 -18.52 7.55 -44.54
C ALA B 280 -17.99 7.97 -45.91
N LEU B 281 -17.07 8.94 -45.94
CA LEU B 281 -16.53 9.36 -47.23
C LEU B 281 -15.78 8.22 -47.90
N VAL B 282 -14.96 7.50 -47.12
CA VAL B 282 -14.11 6.46 -47.71
C VAL B 282 -14.96 5.27 -48.12
N TYR B 283 -15.88 4.83 -47.25
CA TYR B 283 -16.76 3.73 -47.66
C TYR B 283 -17.65 4.13 -48.83
N GLY B 284 -18.11 5.39 -48.87
CA GLY B 284 -18.86 5.85 -50.03
C GLY B 284 -18.05 5.74 -51.31
N ALA B 285 -16.77 6.09 -51.23
CA ALA B 285 -15.90 6.01 -52.40
C ALA B 285 -15.70 4.56 -52.81
N ILE B 286 -15.60 3.66 -51.85
CA ILE B 286 -15.46 2.25 -52.14
C ILE B 286 -16.75 1.70 -52.75
N ASP B 287 -17.89 1.94 -52.08
CA ASP B 287 -19.15 1.33 -52.48
C ASP B 287 -19.66 1.89 -53.80
N GLY B 288 -19.31 3.13 -54.14
CA GLY B 288 -19.76 3.70 -55.40
C GLY B 288 -18.83 3.49 -56.57
N SER B 289 -17.76 2.71 -56.40
CA SER B 289 -16.72 2.56 -57.40
C SER B 289 -17.03 1.48 -58.42
N GLY B 290 -18.24 0.93 -58.40
CA GLY B 290 -18.55 -0.10 -59.38
C GLY B 290 -17.73 -1.36 -59.25
N GLY B 291 -17.19 -1.64 -58.06
CA GLY B 291 -16.41 -2.83 -57.82
C GLY B 291 -14.91 -2.67 -58.03
N PHE B 292 -14.45 -1.51 -58.48
CA PHE B 292 -13.01 -1.32 -58.63
C PHE B 292 -12.30 -1.35 -57.29
N TYR B 293 -12.86 -0.67 -56.28
CA TYR B 293 -12.43 -0.83 -54.89
C TYR B 293 -13.45 -1.71 -54.16
N ARG B 294 -12.96 -2.62 -53.34
CA ARG B 294 -13.80 -3.61 -52.69
C ARG B 294 -13.43 -3.71 -51.22
N ASN B 295 -14.41 -3.56 -50.34
CA ASN B 295 -14.26 -3.86 -48.93
C ASN B 295 -15.14 -5.05 -48.60
N GLU B 296 -14.61 -6.00 -47.83
CA GLU B 296 -15.24 -7.29 -47.63
C GLU B 296 -15.87 -7.46 -46.25
N VAL B 297 -15.96 -6.41 -45.47
CA VAL B 297 -16.46 -6.51 -44.09
C VAL B 297 -17.96 -6.25 -44.07
N ALA B 298 -18.68 -7.07 -43.29
CA ALA B 298 -20.09 -6.86 -43.08
C ALA B 298 -20.38 -5.41 -42.73
N TYR B 299 -21.44 -4.85 -43.33
CA TYR B 299 -21.70 -3.43 -43.13
C TYR B 299 -21.84 -3.09 -41.66
N ALA B 300 -22.43 -4.00 -40.86
CA ALA B 300 -22.69 -3.69 -39.46
C ALA B 300 -21.42 -3.66 -38.63
N ALA B 301 -20.32 -4.16 -39.17
CA ALA B 301 -19.06 -4.27 -38.44
C ALA B 301 -17.96 -3.40 -39.03
N ARG B 302 -18.26 -2.61 -40.06
CA ARG B 302 -17.23 -1.83 -40.73
C ARG B 302 -16.61 -0.79 -39.78
N SER B 303 -15.31 -0.90 -39.60
CA SER B 303 -14.58 0.01 -38.72
C SER B 303 -14.60 1.44 -39.26
N ARG B 304 -14.73 2.40 -38.35
CA ARG B 304 -14.55 3.80 -38.71
C ARG B 304 -13.08 4.18 -38.73
N MET B 305 -12.24 3.39 -38.10
CA MET B 305 -10.87 3.81 -37.82
C MET B 305 -9.83 3.20 -38.75
N ASN B 306 -10.06 1.98 -39.24
CA ASN B 306 -9.11 1.31 -40.14
C ASN B 306 -9.93 0.64 -41.22
N ILE B 307 -9.69 1.03 -42.47
CA ILE B 307 -10.55 0.62 -43.58
C ILE B 307 -9.71 -0.14 -44.59
N PRO B 308 -9.78 -1.47 -44.59
CA PRO B 308 -9.09 -2.26 -45.60
C PRO B 308 -9.93 -2.40 -46.86
N PHE B 309 -9.27 -2.25 -48.01
CA PHE B 309 -9.96 -2.48 -49.28
C PHE B 309 -8.96 -2.98 -50.31
N PHE B 310 -9.51 -3.50 -51.41
CA PHE B 310 -8.73 -4.17 -52.45
C PHE B 310 -9.08 -3.61 -53.81
N LEU B 311 -8.05 -3.44 -54.63
CA LEU B 311 -8.20 -3.14 -56.05
CA LEU B 311 -8.20 -3.14 -56.05
C LEU B 311 -8.34 -4.46 -56.81
N PRO B 312 -8.58 -4.46 -58.13
CA PRO B 312 -8.79 -5.74 -58.83
C PRO B 312 -7.64 -6.75 -58.77
N ASP B 313 -6.40 -6.32 -58.57
CA ASP B 313 -5.31 -7.26 -58.38
C ASP B 313 -4.22 -6.61 -57.53
N ALA B 314 -3.22 -7.42 -57.16
CA ALA B 314 -2.15 -6.93 -56.28
C ALA B 314 -1.22 -5.96 -57.00
N GLU B 315 -1.12 -6.06 -58.33
CA GLU B 315 -0.28 -5.11 -59.06
C GLU B 315 -0.88 -3.72 -58.98
N LEU B 316 -2.20 -3.63 -59.16
CA LEU B 316 -2.90 -2.36 -58.99
C LEU B 316 -2.84 -1.88 -57.53
N ASP B 317 -2.90 -2.81 -56.57
CA ASP B 317 -2.71 -2.43 -55.18
C ASP B 317 -1.40 -1.69 -55.00
N ALA B 318 -0.31 -2.24 -55.55
CA ALA B 318 1.01 -1.65 -55.36
C ALA B 318 1.11 -0.31 -56.08
N ARG B 319 0.55 -0.23 -57.28
CA ARG B 319 0.54 1.05 -57.99
CA ARG B 319 0.52 1.04 -58.00
C ARG B 319 -0.23 2.10 -57.21
N PHE B 320 -1.32 1.71 -56.57
CA PHE B 320 -2.10 2.65 -55.79
C PHE B 320 -1.30 3.18 -54.62
N VAL B 321 -0.61 2.29 -53.89
CA VAL B 321 0.17 2.73 -52.74
C VAL B 321 1.24 3.72 -53.19
N ALA B 322 1.94 3.38 -54.28
CA ALA B 322 3.05 4.22 -54.74
C ALA B 322 2.56 5.54 -55.31
N GLU B 323 1.49 5.53 -56.10
CA GLU B 323 0.99 6.80 -56.63
C GLU B 323 0.40 7.66 -55.53
N ALA B 324 -0.25 7.03 -54.53
CA ALA B 324 -0.76 7.77 -53.39
C ALA B 324 0.37 8.42 -52.62
N LYS B 325 1.44 7.66 -52.38
CA LYS B 325 2.59 8.22 -51.67
C LYS B 325 3.13 9.44 -52.41
N ALA B 326 3.22 9.36 -53.74
CA ALA B 326 3.70 10.48 -54.53
C ALA B 326 2.80 11.69 -54.41
N ALA B 327 1.51 11.46 -54.16
CA ALA B 327 0.51 12.50 -54.01
C ALA B 327 0.39 13.01 -52.59
N GLY B 328 1.28 12.59 -51.70
CA GLY B 328 1.23 13.04 -50.32
C GLY B 328 0.31 12.27 -49.42
N LEU B 329 0.00 11.02 -49.77
CA LEU B 329 -0.92 10.16 -49.00
C LEU B 329 -0.11 8.94 -48.58
N LEU B 330 0.31 8.92 -47.31
CA LEU B 330 1.37 8.01 -46.89
C LEU B 330 0.82 6.78 -46.18
N ALA B 331 1.58 5.67 -46.29
CA ALA B 331 1.44 4.50 -45.42
C ALA B 331 0.12 3.77 -45.63
N LEU B 332 -0.27 3.59 -46.90
CA LEU B 332 -1.56 3.01 -47.23
C LEU B 332 -1.50 1.51 -47.53
N LYS B 333 -0.31 0.91 -47.56
CA LYS B 333 -0.21 -0.53 -47.82
C LYS B 333 -0.88 -1.31 -46.70
N GLY B 334 -1.71 -2.28 -47.08
CA GLY B 334 -2.37 -3.10 -46.09
C GLY B 334 -1.40 -3.98 -45.32
N HIS B 335 -1.86 -4.44 -44.17
CA HIS B 335 -1.08 -5.38 -43.37
C HIS B 335 -0.82 -6.66 -44.18
N LYS B 336 0.35 -7.26 -43.94
CA LYS B 336 0.75 -8.45 -44.68
C LYS B 336 -0.28 -9.58 -44.60
N VAL B 337 -0.96 -9.76 -43.46
CA VAL B 337 -1.83 -10.92 -43.31
C VAL B 337 -3.15 -10.70 -44.06
N VAL B 338 -3.33 -9.51 -44.65
CA VAL B 338 -4.55 -9.17 -45.38
C VAL B 338 -4.26 -8.85 -46.84
N GLY B 339 -3.17 -8.13 -47.12
CA GLY B 339 -2.93 -7.58 -48.44
C GLY B 339 -3.71 -6.29 -48.64
N GLY B 340 -3.69 -5.82 -49.89
CA GLY B 340 -4.51 -4.69 -50.28
C GLY B 340 -4.05 -3.36 -49.71
N ILE B 341 -5.04 -2.50 -49.46
CA ILE B 341 -4.86 -1.14 -48.97
C ILE B 341 -5.49 -1.08 -47.59
N ARG B 342 -4.92 -0.25 -46.71
CA ARG B 342 -5.58 0.04 -45.45
C ARG B 342 -5.47 1.52 -45.15
N ALA B 343 -6.59 2.22 -45.08
CA ALA B 343 -6.64 3.63 -44.75
C ALA B 343 -6.99 3.75 -43.28
N SER B 344 -6.05 4.22 -42.47
CA SER B 344 -6.37 4.44 -41.07
C SER B 344 -6.67 5.92 -40.84
N LEU B 345 -7.66 6.18 -39.99
CA LEU B 345 -8.31 7.50 -39.91
C LEU B 345 -8.46 7.89 -38.44
N TYR B 346 -7.33 7.90 -37.74
CA TYR B 346 -7.32 8.16 -36.31
C TYR B 346 -7.74 9.60 -36.02
N ASN B 347 -7.88 9.92 -34.71
CA ASN B 347 -8.43 11.22 -34.32
C ASN B 347 -7.67 12.39 -34.94
N ALA B 348 -6.32 12.28 -35.06
CA ALA B 348 -5.55 13.41 -35.56
C ALA B 348 -5.54 13.52 -37.08
N MET B 349 -6.16 12.57 -37.78
CA MET B 349 -6.37 12.70 -39.22
C MET B 349 -7.54 13.64 -39.48
N PRO B 350 -7.33 14.79 -40.11
CA PRO B 350 -8.45 15.69 -40.36
C PRO B 350 -9.36 15.14 -41.45
N LEU B 351 -10.59 15.66 -41.47
CA LEU B 351 -11.52 15.32 -42.55
C LEU B 351 -10.90 15.59 -43.91
N ALA B 352 -10.08 16.63 -44.02
CA ALA B 352 -9.47 16.96 -45.30
C ALA B 352 -8.63 15.81 -45.84
N GLY B 353 -8.04 15.01 -44.95
CA GLY B 353 -7.25 13.87 -45.39
C GLY B 353 -8.09 12.78 -46.02
N ALA B 354 -9.28 12.51 -45.47
CA ALA B 354 -10.19 11.57 -46.11
C ALA B 354 -10.68 12.14 -47.45
N GLU B 355 -10.98 13.44 -47.48
CA GLU B 355 -11.34 14.07 -48.75
C GLU B 355 -10.23 13.91 -49.77
N ALA B 356 -8.98 14.07 -49.34
CA ALA B 356 -7.88 13.97 -50.29
C ALA B 356 -7.73 12.54 -50.79
N LEU B 357 -7.94 11.57 -49.91
CA LEU B 357 -7.87 10.17 -50.31
C LEU B 357 -8.98 9.83 -51.32
N VAL B 358 -10.19 10.31 -51.04
CA VAL B 358 -11.31 10.03 -51.93
C VAL B 358 -11.10 10.66 -53.30
N ALA B 359 -10.56 11.88 -53.33
CA ALA B 359 -10.27 12.51 -54.62
C ALA B 359 -9.20 11.74 -55.38
N PHE B 360 -8.18 11.25 -54.66
CA PHE B 360 -7.15 10.43 -55.30
C PHE B 360 -7.75 9.14 -55.81
N MET B 361 -8.63 8.52 -55.02
CA MET B 361 -9.25 7.27 -55.44
C MET B 361 -10.03 7.45 -56.74
N ALA B 362 -10.73 8.59 -56.88
CA ALA B 362 -11.48 8.85 -58.10
C ALA B 362 -10.54 9.02 -59.28
N ASP B 363 -9.48 9.81 -59.10
CA ASP B 363 -8.55 10.04 -60.19
CA ASP B 363 -8.53 10.05 -60.18
C ASP B 363 -7.80 8.77 -60.56
N PHE B 364 -7.33 8.02 -59.55
CA PHE B 364 -6.65 6.76 -59.83
C PHE B 364 -7.51 5.83 -60.65
N GLN B 365 -8.80 5.71 -60.31
CA GLN B 365 -9.68 4.82 -61.05
C GLN B 365 -9.90 5.31 -62.48
N GLN B 366 -10.07 6.62 -62.65
CA GLN B 366 -10.23 7.18 -63.99
C GLN B 366 -9.04 6.84 -64.87
N ARG B 367 -7.84 6.79 -64.27
CA ARG B 367 -6.61 6.57 -65.02
C ARG B 367 -6.25 5.09 -65.16
N HIS B 368 -6.70 4.22 -64.25
CA HIS B 368 -6.34 2.81 -64.31
C HIS B 368 -7.51 1.84 -64.39
N GLY B 369 -8.75 2.32 -64.27
CA GLY B 369 -9.88 1.43 -64.15
C GLY B 369 -10.53 1.12 -65.49
N ARG C 11 -12.22 19.38 47.46
CA ARG C 11 -13.02 18.44 46.67
C ARG C 11 -12.52 17.00 46.80
N ALA C 12 -12.88 16.18 45.79
CA ALA C 12 -12.50 14.77 45.69
C ALA C 12 -11.39 14.64 44.67
N PHE C 13 -10.15 14.51 45.13
CA PHE C 13 -9.01 14.50 44.22
C PHE C 13 -8.49 13.07 44.04
N ASN C 14 -8.35 12.66 42.80
CA ASN C 14 -7.93 11.30 42.46
C ASN C 14 -6.47 11.33 41.98
N PHE C 15 -5.56 10.88 42.84
CA PHE C 15 -4.14 10.87 42.55
C PHE C 15 -3.67 9.59 41.90
N SER C 16 -4.59 8.80 41.35
CA SER C 16 -4.22 7.53 40.74
C SER C 16 -3.16 7.69 39.66
N ALA C 17 -2.16 6.80 39.68
CA ALA C 17 -1.17 6.78 38.62
C ALA C 17 -1.72 6.22 37.32
N GLY C 18 -2.88 5.58 37.37
CA GLY C 18 -3.52 5.06 36.19
C GLY C 18 -4.72 4.22 36.59
N PRO C 19 -5.91 4.55 36.07
CA PRO C 19 -6.14 5.67 35.14
C PRO C 19 -6.00 7.07 35.76
N ALA C 20 -5.47 8.00 34.96
CA ALA C 20 -5.45 9.39 35.36
C ALA C 20 -6.87 9.93 35.53
N THR C 21 -7.02 10.83 36.49
CA THR C 21 -8.25 11.60 36.63
C THR C 21 -8.55 12.37 35.34
N LEU C 22 -9.86 12.29 34.85
CA LEU C 22 -10.21 13.03 33.65
C LEU C 22 -10.88 14.33 34.02
N PRO C 23 -10.80 15.35 33.17
CA PRO C 23 -11.49 16.60 33.48
C PRO C 23 -12.96 16.33 33.67
N GLU C 24 -13.51 16.91 34.74
CA GLU C 24 -14.92 16.71 35.07
C GLU C 24 -15.81 17.11 33.90
N SER C 25 -15.46 18.19 33.20
CA SER C 25 -16.32 18.70 32.14
C SER C 25 -16.28 17.81 30.90
N VAL C 26 -15.16 17.14 30.65
CA VAL C 26 -15.08 16.18 29.55
C VAL C 26 -16.00 15.00 29.79
N LEU C 27 -15.96 14.44 31.00
CA LEU C 27 -16.86 13.36 31.36
C LEU C 27 -18.32 13.77 31.25
N ARG C 28 -18.67 14.96 31.76
CA ARG C 28 -20.06 15.40 31.70
CA ARG C 28 -20.06 15.40 31.70
C ARG C 28 -20.51 15.57 30.25
N GLN C 29 -19.64 16.11 29.38
CA GLN C 29 -20.02 16.28 27.98
C GLN C 29 -20.23 14.93 27.31
N ALA C 30 -19.29 14.00 27.50
CA ALA C 30 -19.42 12.67 26.92
C ALA C 30 -20.70 12.00 27.35
N GLN C 31 -21.04 12.12 28.64
CA GLN C 31 -22.29 11.55 29.12
CA GLN C 31 -22.29 11.56 29.15
C GLN C 31 -23.50 12.22 28.48
N ALA C 32 -23.49 13.55 28.41
CA ALA C 32 -24.67 14.28 27.96
C ALA C 32 -24.98 14.04 26.49
N GLU C 33 -23.95 13.91 25.66
CA GLU C 33 -24.03 13.75 24.22
CA GLU C 33 -24.25 13.74 24.24
C GLU C 33 -24.08 12.30 23.79
N MET C 34 -24.14 11.36 24.73
CA MET C 34 -23.88 9.97 24.36
C MET C 34 -24.97 9.35 23.50
N LEU C 35 -26.20 9.85 23.58
CA LEU C 35 -27.28 9.40 22.72
C LEU C 35 -27.56 10.36 21.57
N ASP C 36 -26.83 11.48 21.48
CA ASP C 36 -27.20 12.54 20.56
C ASP C 36 -26.04 13.50 20.31
N TRP C 37 -25.04 13.05 19.54
CA TRP C 37 -23.82 13.82 19.35
C TRP C 37 -24.07 15.04 18.48
N HIS C 38 -23.69 16.21 19.00
CA HIS C 38 -23.88 17.50 18.33
C HIS C 38 -25.31 17.70 17.83
N GLY C 39 -26.28 17.08 18.49
CA GLY C 39 -27.66 17.19 18.07
C GLY C 39 -28.03 16.36 16.87
N SER C 40 -27.27 15.31 16.57
CA SER C 40 -27.46 14.49 15.37
C SER C 40 -28.48 13.37 15.54
N GLY C 41 -28.88 13.04 16.78
CA GLY C 41 -29.80 11.95 17.02
C GLY C 41 -29.17 10.58 17.21
N ALA C 42 -27.87 10.43 16.99
CA ALA C 42 -27.22 9.14 17.13
C ALA C 42 -25.97 9.25 17.99
N SER C 43 -25.58 8.12 18.55
CA SER C 43 -24.44 8.05 19.46
C SER C 43 -23.15 8.04 18.68
N ILE C 44 -22.11 8.63 19.27
CA ILE C 44 -20.76 8.43 18.75
C ILE C 44 -20.46 6.93 18.70
N VAL C 45 -20.96 6.18 19.67
CA VAL C 45 -20.70 4.74 19.72
C VAL C 45 -21.16 4.05 18.44
N GLU C 46 -22.23 4.55 17.84
CA GLU C 46 -22.87 3.93 16.68
C GLU C 46 -22.33 4.45 15.35
N MET C 47 -21.40 5.39 15.37
CA MET C 47 -20.93 6.01 14.13
C MET C 47 -20.04 5.08 13.33
N SER C 48 -20.28 5.05 12.03
CA SER C 48 -19.31 4.43 11.14
C SER C 48 -18.01 5.22 11.17
N HIS C 49 -16.88 4.49 11.30
CA HIS C 49 -15.57 5.11 11.18
C HIS C 49 -15.40 5.84 9.86
N ARG C 50 -16.14 5.41 8.84
CA ARG C 50 -16.03 5.88 7.47
C ARG C 50 -17.07 6.94 7.13
N GLY C 51 -17.96 7.29 8.06
CA GLY C 51 -18.95 8.30 7.79
C GLY C 51 -18.38 9.71 7.94
N ALA C 52 -19.08 10.69 7.36
CA ALA C 52 -18.57 12.06 7.36
C ALA C 52 -18.45 12.59 8.78
N GLU C 53 -19.39 12.22 9.67
CA GLU C 53 -19.37 12.72 11.03
C GLU C 53 -18.13 12.26 11.77
N PHE C 54 -17.91 10.94 11.84
CA PHE C 54 -16.73 10.48 12.57
C PHE C 54 -15.45 10.93 11.88
N MET C 55 -15.45 10.99 10.55
CA MET C 55 -14.25 11.45 9.88
C MET C 55 -13.85 12.84 10.35
N SER C 56 -14.84 13.70 10.67
CA SER C 56 -14.52 15.03 11.19
C SER C 56 -14.01 14.95 12.63
N VAL C 57 -14.57 14.06 13.44
CA VAL C 57 -14.07 13.87 14.80
C VAL C 57 -12.60 13.43 14.77
N ALA C 58 -12.30 12.44 13.91
CA ALA C 58 -10.92 11.95 13.82
C ALA C 58 -9.97 13.02 13.30
N ALA C 59 -10.42 13.77 12.28
CA ALA C 59 -9.61 14.84 11.72
C ALA C 59 -9.32 15.91 12.75
N GLU C 60 -10.34 16.28 13.54
CA GLU C 60 -10.13 17.31 14.57
C GLU C 60 -9.21 16.78 15.66
N ALA C 61 -9.35 15.50 16.03
CA ALA C 61 -8.47 14.93 17.06
C ALA C 61 -7.01 15.00 16.63
N GLU C 62 -6.71 14.61 15.39
CA GLU C 62 -5.34 14.75 14.89
C GLU C 62 -4.93 16.21 14.81
N ALA C 63 -5.78 17.07 14.25
CA ALA C 63 -5.43 18.49 14.11
C ALA C 63 -5.16 19.13 15.47
N ASP C 64 -6.01 18.83 16.46
CA ASP C 64 -5.84 19.42 17.78
C ASP C 64 -4.57 18.91 18.46
N LEU C 65 -4.25 17.62 18.33
CA LEU C 65 -3.00 17.12 18.90
C LEU C 65 -1.80 17.77 18.22
N ARG C 66 -1.87 17.94 16.89
CA ARG C 66 -0.76 18.59 16.19
C ARG C 66 -0.55 20.02 16.69
N ARG C 67 -1.65 20.72 16.98
CA ARG C 67 -1.54 22.08 17.49
C ARG C 67 -1.07 22.08 18.94
N LEU C 68 -1.61 21.16 19.75
CA LEU C 68 -1.22 21.06 21.16
C LEU C 68 0.28 20.86 21.32
N LEU C 69 0.87 19.95 20.53
CA LEU C 69 2.28 19.60 20.70
C LEU C 69 3.20 20.24 19.66
N ASP C 70 2.67 21.05 18.74
CA ASP C 70 3.46 21.61 17.64
C ASP C 70 4.16 20.50 16.85
N ILE C 71 3.35 19.63 16.25
CA ILE C 71 3.84 18.50 15.49
C ILE C 71 3.93 18.93 14.03
N PRO C 72 5.11 18.92 13.42
CA PRO C 72 5.25 19.39 12.04
C PRO C 72 4.68 18.40 11.05
N ASP C 73 4.48 18.90 9.83
CA ASP C 73 3.88 18.08 8.78
C ASP C 73 4.75 16.89 8.40
N ASP C 74 6.07 16.94 8.64
CA ASP C 74 6.89 15.79 8.27
C ASP C 74 6.93 14.72 9.36
N TYR C 75 6.00 14.78 10.32
CA TYR C 75 5.73 13.69 11.23
C TYR C 75 4.32 13.17 10.99
N ALA C 76 4.17 11.85 11.05
CA ALA C 76 2.87 11.20 11.00
C ALA C 76 2.33 11.02 12.42
N VAL C 77 1.00 11.06 12.55
CA VAL C 77 0.31 10.86 13.82
C VAL C 77 -0.63 9.67 13.70
N LEU C 78 -0.52 8.72 14.63
CA LEU C 78 -1.37 7.53 14.63
CA LEU C 78 -1.35 7.52 14.63
C LEU C 78 -2.07 7.41 15.97
N PHE C 79 -3.32 6.97 15.91
CA PHE C 79 -4.12 6.66 17.09
C PHE C 79 -4.34 5.16 17.05
N LEU C 80 -3.96 4.45 18.13
CA LEU C 80 -3.80 3.01 18.02
C LEU C 80 -4.40 2.27 19.20
N SER C 81 -4.79 1.03 18.96
CA SER C 81 -5.19 0.15 20.04
CA SER C 81 -5.19 0.15 20.04
C SER C 81 -3.97 -0.62 20.56
N GLY C 82 -4.13 -1.25 21.74
CA GLY C 82 -3.12 -2.17 22.25
C GLY C 82 -2.15 -1.59 23.26
N GLY C 83 -2.23 -0.30 23.54
CA GLY C 83 -1.42 0.27 24.60
C GLY C 83 0.03 0.50 24.22
N ALA C 84 0.77 1.02 25.20
CA ALA C 84 2.20 1.24 24.97
C ALA C 84 2.95 -0.08 24.74
N THR C 85 2.57 -1.13 25.44
CA THR C 85 3.33 -2.37 25.37
C THR C 85 3.27 -2.97 23.97
N THR C 86 2.10 -2.86 23.30
CA THR C 86 2.04 -3.28 21.90
C THR C 86 3.01 -2.49 21.03
N GLN C 87 3.11 -1.17 21.24
CA GLN C 87 4.03 -0.40 20.42
C GLN C 87 5.48 -0.74 20.73
N GLN C 88 5.75 -1.21 21.96
CA GLN C 88 7.11 -1.63 22.30
C GLN C 88 7.54 -2.87 21.52
N ALA C 89 6.60 -3.73 21.13
CA ALA C 89 6.91 -4.83 20.22
C ALA C 89 6.96 -4.36 18.78
N LEU C 90 6.04 -3.45 18.38
CA LEU C 90 5.98 -3.04 16.97
C LEU C 90 7.13 -2.13 16.58
N ILE C 91 7.70 -1.37 17.52
CA ILE C 91 8.78 -0.44 17.19
C ILE C 91 9.99 -1.18 16.58
N PRO C 92 10.51 -2.25 17.18
CA PRO C 92 11.64 -2.95 16.53
C PRO C 92 11.22 -3.66 15.25
N LEU C 93 9.96 -4.09 15.16
CA LEU C 93 9.51 -4.77 13.95
C LEU C 93 9.40 -3.82 12.77
N ASN C 94 9.19 -2.53 13.04
CA ASN C 94 9.01 -1.55 11.97
C ASN C 94 10.25 -0.73 11.67
N PHE C 95 11.11 -0.50 12.63
CA PHE C 95 12.20 0.46 12.47
C PHE C 95 13.59 -0.16 12.59
N ALA C 96 13.69 -1.47 12.71
CA ALA C 96 14.97 -2.15 12.77
C ALA C 96 14.98 -3.36 11.86
N ALA C 97 16.15 -3.68 11.31
CA ALA C 97 16.31 -4.95 10.61
C ALA C 97 16.33 -6.09 11.63
N PRO C 98 15.91 -7.29 11.22
CA PRO C 98 16.00 -8.44 12.14
C PRO C 98 17.39 -8.57 12.77
N GLY C 99 17.45 -8.59 14.10
CA GLY C 99 18.69 -8.74 14.81
C GLY C 99 19.62 -7.53 14.80
N GLN C 100 19.19 -6.41 14.23
CA GLN C 100 19.98 -5.19 14.34
C GLN C 100 20.10 -4.76 15.80
N ARG C 101 21.19 -4.09 16.13
CA ARG C 101 21.33 -3.49 17.46
C ARG C 101 20.29 -2.41 17.71
N ALA C 102 19.78 -2.35 18.94
CA ALA C 102 18.94 -1.25 19.36
C ALA C 102 19.33 -0.93 20.79
N ASP C 103 19.51 0.36 21.09
CA ASP C 103 20.02 0.79 22.37
C ASP C 103 18.86 1.20 23.25
N TYR C 104 18.83 0.70 24.49
CA TYR C 104 17.82 1.08 25.48
C TYR C 104 18.50 1.64 26.71
N VAL C 105 17.94 2.73 27.22
CA VAL C 105 18.35 3.29 28.51
C VAL C 105 17.28 2.92 29.52
N VAL C 106 17.66 2.21 30.57
CA VAL C 106 16.68 1.68 31.51
C VAL C 106 16.78 2.48 32.80
N SER C 107 15.74 3.23 33.08
CA SER C 107 15.68 4.07 34.28
C SER C 107 14.49 3.69 35.15
N GLY C 108 13.84 2.57 34.85
CA GLY C 108 12.75 2.12 35.70
C GLY C 108 11.99 0.98 35.04
N HIS C 109 10.85 0.66 35.65
CA HIS C 109 10.05 -0.51 35.30
C HIS C 109 9.55 -0.47 33.85
N TRP C 110 9.13 0.71 33.37
CA TRP C 110 8.51 0.72 32.04
C TRP C 110 9.56 0.57 30.95
N GLY C 111 10.79 1.04 31.18
CA GLY C 111 11.87 0.72 30.25
C GLY C 111 12.24 -0.75 30.25
N LYS C 112 12.25 -1.37 31.44
CA LYS C 112 12.49 -2.80 31.49
CA LYS C 112 12.47 -2.81 31.49
C LYS C 112 11.42 -3.55 30.69
N THR C 113 10.18 -3.07 30.74
CA THR C 113 9.12 -3.73 29.98
C THR C 113 9.34 -3.55 28.49
N ALA C 114 9.75 -2.33 28.08
CA ALA C 114 10.03 -2.10 26.67
C ALA C 114 11.16 -3.01 26.18
N VAL C 115 12.19 -3.19 27.02
CA VAL C 115 13.28 -4.09 26.68
C VAL C 115 12.76 -5.50 26.52
N LYS C 116 11.85 -5.91 27.40
CA LYS C 116 11.32 -7.28 27.35
C LYS C 116 10.59 -7.55 26.03
N GLN C 117 9.84 -6.58 25.52
CA GLN C 117 9.10 -6.83 24.27
C GLN C 117 10.03 -6.92 23.08
N ALA C 118 11.18 -6.26 23.14
CA ALA C 118 12.00 -6.10 21.96
C ALA C 118 13.06 -7.17 21.78
N GLY C 119 13.46 -7.88 22.83
CA GLY C 119 14.60 -8.78 22.73
C GLY C 119 14.45 -9.90 21.72
N VAL C 120 13.22 -10.34 21.46
CA VAL C 120 13.06 -11.34 20.41
C VAL C 120 13.49 -10.83 19.05
N TYR C 121 13.30 -9.53 18.79
CA TYR C 121 13.36 -9.02 17.42
C TYR C 121 14.63 -8.28 17.07
N VAL C 122 15.33 -7.72 18.07
CA VAL C 122 16.53 -6.93 17.82
C VAL C 122 17.55 -7.31 18.88
N ASP C 123 18.80 -6.95 18.62
CA ASP C 123 19.90 -7.17 19.57
C ASP C 123 19.83 -6.03 20.59
N VAL C 124 19.15 -6.26 21.72
CA VAL C 124 18.88 -5.19 22.68
C VAL C 124 20.12 -4.97 23.53
N ASN C 125 20.74 -3.80 23.39
CA ASN C 125 21.82 -3.35 24.24
C ASN C 125 21.22 -2.50 25.34
N ILE C 126 21.62 -2.75 26.59
CA ILE C 126 21.29 -1.87 27.70
CA ILE C 126 21.28 -1.85 27.68
C ILE C 126 22.43 -0.86 27.73
N ALA C 127 22.24 0.26 27.01
CA ALA C 127 23.27 1.28 26.90
C ALA C 127 23.59 1.92 28.24
N ALA C 128 22.61 1.97 29.14
CA ALA C 128 22.82 2.43 30.49
C ALA C 128 21.61 2.01 31.32
N SER C 129 21.83 1.93 32.63
CA SER C 129 20.76 1.53 33.53
C SER C 129 21.04 2.03 34.92
N SER C 130 19.99 2.47 35.62
CA SER C 130 20.14 2.79 37.04
C SER C 130 19.70 1.64 37.95
N GLU C 131 19.68 0.40 37.43
CA GLU C 131 19.24 -0.75 38.21
C GLU C 131 20.01 -0.90 39.52
N ALA C 132 21.33 -0.68 39.48
CA ALA C 132 22.15 -0.97 40.65
C ALA C 132 21.81 -0.07 41.84
N ASN C 133 21.21 1.10 41.63
CA ASN C 133 20.76 1.95 42.74
C ASN C 133 19.25 1.91 42.95
N GLY C 134 18.58 0.89 42.42
CA GLY C 134 17.14 0.82 42.58
C GLY C 134 16.36 1.84 41.78
N TYR C 135 16.88 2.28 40.64
CA TYR C 135 16.19 3.25 39.78
C TYR C 135 15.82 4.52 40.55
N ARG C 136 16.81 5.10 41.24
CA ARG C 136 16.66 6.33 42.01
C ARG C 136 17.34 7.52 41.35
N GLU C 137 17.83 7.34 40.13
CA GLU C 137 18.43 8.44 39.37
C GLU C 137 18.34 8.06 37.90
N LEU C 138 18.64 9.03 37.06
CA LEU C 138 18.95 8.68 35.67
C LEU C 138 20.41 8.27 35.57
N PRO C 139 20.73 7.20 34.83
CA PRO C 139 22.14 6.88 34.62
C PRO C 139 22.83 8.05 33.90
N ALA C 140 23.96 8.48 34.44
CA ALA C 140 24.67 9.64 33.91
C ALA C 140 24.93 9.50 32.41
N ARG C 141 24.56 10.55 31.67
CA ARG C 141 24.69 10.52 30.20
C ARG C 141 26.10 10.18 29.75
N ALA C 142 27.12 10.60 30.50
CA ALA C 142 28.49 10.34 30.10
C ALA C 142 28.85 8.87 30.15
N ASP C 143 28.09 8.08 30.90
CA ASP C 143 28.36 6.66 31.04
C ASP C 143 27.61 5.83 30.02
N TRP C 144 26.76 6.42 29.19
CA TRP C 144 25.98 5.62 28.26
C TRP C 144 26.89 5.00 27.20
N GLN C 145 26.64 3.74 26.86
CA GLN C 145 27.45 3.09 25.84
C GLN C 145 26.55 2.88 24.63
N LEU C 146 26.63 3.79 23.65
CA LEU C 146 25.75 3.77 22.49
C LEU C 146 26.46 3.14 21.30
N SER C 147 25.69 2.51 20.42
CA SER C 147 26.20 1.77 19.27
CA SER C 147 26.25 1.81 19.28
C SER C 147 25.99 2.56 17.99
N ARG C 148 27.03 2.67 17.15
CA ARG C 148 26.94 3.44 15.91
C ARG C 148 25.93 2.85 14.93
N ASP C 149 25.81 1.51 14.90
CA ASP C 149 24.87 0.85 14.00
C ASP C 149 23.50 0.62 14.61
N ALA C 150 23.18 1.27 15.73
CA ALA C 150 21.87 1.03 16.34
C ALA C 150 20.73 1.54 15.46
N ALA C 151 19.62 0.79 15.48
CA ALA C 151 18.42 1.21 14.76
C ALA C 151 17.78 2.42 15.43
N TYR C 152 17.91 2.53 16.74
CA TYR C 152 17.34 3.64 17.49
C TYR C 152 17.90 3.58 18.89
N VAL C 153 17.68 4.66 19.65
CA VAL C 153 17.90 4.70 21.09
C VAL C 153 16.54 4.91 21.74
N HIS C 154 16.17 4.03 22.67
CA HIS C 154 14.87 4.10 23.34
C HIS C 154 15.06 4.56 24.78
N ILE C 155 14.34 5.60 25.17
CA ILE C 155 14.29 6.09 26.55
C ILE C 155 12.84 6.11 27.01
N THR C 156 12.67 6.16 28.33
CA THR C 156 11.36 6.34 28.97
C THR C 156 11.40 7.72 29.60
N ALA C 157 10.63 8.67 29.04
CA ALA C 157 10.80 10.07 29.44
C ALA C 157 10.50 10.25 30.92
N ASN C 158 9.45 9.58 31.41
CA ASN C 158 9.04 9.67 32.80
C ASN C 158 8.72 8.27 33.29
N GLU C 159 9.38 7.83 34.34
CA GLU C 159 9.15 6.50 34.90
C GLU C 159 8.15 6.62 36.04
N THR C 160 6.99 6.03 35.80
N THR C 160 6.91 6.16 35.82
CA THR C 160 5.76 6.33 36.50
CA THR C 160 5.83 6.49 36.77
C THR C 160 5.70 5.69 37.88
C THR C 160 6.03 5.85 38.12
N ILE C 161 6.45 4.59 38.10
CA ILE C 161 6.51 3.88 39.39
C ILE C 161 7.62 4.45 40.25
N HIS C 162 8.73 4.83 39.64
CA HIS C 162 9.94 5.21 40.35
C HIS C 162 10.10 6.73 40.48
N GLY C 163 9.31 7.53 39.77
CA GLY C 163 9.37 8.98 39.87
C GLY C 163 10.65 9.58 39.33
N VAL C 164 11.18 9.02 38.23
CA VAL C 164 12.44 9.41 37.60
C VAL C 164 12.15 9.97 36.21
N GLU C 165 12.58 11.20 35.93
CA GLU C 165 12.16 11.90 34.72
C GLU C 165 13.36 12.59 34.07
N PHE C 166 13.43 12.47 32.74
CA PHE C 166 14.39 13.24 31.94
C PHE C 166 14.02 14.72 31.88
N ARG C 167 15.03 15.57 31.96
CA ARG C 167 14.85 17.01 31.77
CA ARG C 167 14.87 17.02 31.79
C ARG C 167 15.54 17.56 30.54
N ASP C 168 16.48 16.84 29.96
CA ASP C 168 17.25 17.24 28.78
C ASP C 168 17.05 16.16 27.72
N VAL C 169 16.88 16.56 26.46
CA VAL C 169 16.80 15.59 25.35
C VAL C 169 18.21 15.08 25.06
N PRO C 170 18.48 13.78 25.23
CA PRO C 170 19.85 13.29 24.98
C PRO C 170 20.21 13.37 23.50
N ASP C 171 21.47 13.73 23.24
CA ASP C 171 22.06 13.64 21.90
C ASP C 171 22.40 12.20 21.58
N THR C 172 21.85 11.69 20.49
CA THR C 172 22.16 10.31 20.08
C THR C 172 22.77 10.29 18.68
N GLY C 173 23.41 11.39 18.28
CA GLY C 173 24.03 11.40 16.95
C GLY C 173 22.97 11.32 15.87
N ASN C 174 23.25 10.54 14.84
CA ASN C 174 22.32 10.36 13.74
CA ASN C 174 22.28 10.39 13.76
C ASN C 174 21.34 9.23 14.00
N VAL C 175 21.43 8.59 15.17
CA VAL C 175 20.54 7.47 15.52
C VAL C 175 19.24 8.06 16.09
N PRO C 176 18.08 7.68 15.55
CA PRO C 176 16.83 8.31 16.00
C PRO C 176 16.52 8.00 17.45
N LEU C 177 16.04 9.03 18.17
CA LEU C 177 15.61 8.87 19.55
C LEU C 177 14.14 8.48 19.59
N ILE C 178 13.83 7.43 20.36
CA ILE C 178 12.46 6.95 20.50
C ILE C 178 12.13 7.02 21.99
N ALA C 179 11.00 7.64 22.33
CA ALA C 179 10.76 7.92 23.73
C ALA C 179 9.33 7.61 24.14
N ASP C 180 9.21 6.84 25.23
CA ASP C 180 7.92 6.53 25.86
C ASP C 180 7.52 7.71 26.73
N PHE C 181 6.52 8.46 26.28
CA PHE C 181 5.99 9.61 27.00
C PHE C 181 4.62 9.34 27.61
N SER C 182 4.26 8.07 27.87
CA SER C 182 2.92 7.74 28.38
C SER C 182 2.50 8.61 29.55
N SER C 183 3.40 8.82 30.51
CA SER C 183 2.96 9.52 31.71
C SER C 183 3.32 11.01 31.74
N SER C 184 3.91 11.56 30.68
CA SER C 184 4.22 12.98 30.68
C SER C 184 3.91 13.71 29.39
N ILE C 185 3.35 13.04 28.36
CA ILE C 185 3.10 13.73 27.11
C ILE C 185 2.14 14.89 27.34
N ALA C 186 2.45 16.03 26.70
CA ALA C 186 1.71 17.27 26.80
C ALA C 186 1.70 17.84 28.23
N SER C 187 2.68 17.47 29.07
CA SER C 187 2.80 18.05 30.41
C SER C 187 3.61 19.34 30.42
N GLU C 188 4.17 19.75 29.27
CA GLU C 188 5.09 20.86 29.06
C GLU C 188 5.46 20.81 27.59
N PRO C 189 6.14 21.83 27.06
CA PRO C 189 6.51 21.79 25.64
C PRO C 189 7.35 20.57 25.32
N LEU C 190 7.10 20.01 24.15
CA LEU C 190 7.78 18.82 23.64
C LEU C 190 8.37 19.20 22.29
N ASP C 191 9.69 19.20 22.18
CA ASP C 191 10.37 19.57 20.94
C ASP C 191 10.37 18.36 20.03
N VAL C 192 9.25 18.18 19.32
CA VAL C 192 9.00 16.97 18.56
C VAL C 192 10.12 16.71 17.54
N ARG C 193 10.68 17.79 16.96
CA ARG C 193 11.69 17.64 15.91
C ARG C 193 12.96 16.95 16.38
N ARG C 194 13.20 16.92 17.70
CA ARG C 194 14.35 16.19 18.25
C ARG C 194 14.14 14.67 18.30
N TYR C 195 12.96 14.16 18.01
CA TYR C 195 12.66 12.74 18.19
C TYR C 195 12.42 12.05 16.86
N GLY C 196 12.79 10.77 16.80
CA GLY C 196 12.33 9.93 15.72
C GLY C 196 10.93 9.41 15.98
N VAL C 197 10.64 8.97 17.21
CA VAL C 197 9.32 8.46 17.57
C VAL C 197 9.01 8.94 18.98
N ILE C 198 7.79 9.47 19.17
CA ILE C 198 7.23 9.74 20.48
C ILE C 198 5.98 8.89 20.60
N TYR C 199 5.83 8.15 21.70
CA TYR C 199 4.59 7.39 21.83
C TYR C 199 4.07 7.46 23.26
N ALA C 200 2.78 7.17 23.40
CA ALA C 200 2.16 7.23 24.71
C ALA C 200 0.99 6.26 24.75
N GLY C 201 0.98 5.38 25.75
CA GLY C 201 -0.21 4.58 26.01
C GLY C 201 -1.33 5.41 26.62
N ALA C 202 -2.47 4.75 26.79
CA ALA C 202 -3.67 5.34 27.36
C ALA C 202 -3.67 5.28 28.89
N GLN C 203 -4.59 6.06 29.44
N GLN C 203 -4.67 5.92 29.48
CA GLN C 203 -4.98 6.19 30.84
CA GLN C 203 -4.92 6.08 30.93
C GLN C 203 -3.88 6.75 31.74
C GLN C 203 -3.72 6.56 31.75
N LYS C 204 -2.80 7.30 31.16
CA LYS C 204 -1.83 8.10 31.91
C LYS C 204 -2.09 9.58 31.61
N ASN C 205 -1.17 10.30 30.93
N ASN C 205 -1.05 10.37 31.32
CA ASN C 205 -1.41 11.75 30.83
CA ASN C 205 -1.27 11.80 31.27
C ASN C 205 -2.27 12.23 29.64
C ASN C 205 -2.33 12.18 30.25
N LEU C 206 -2.48 11.45 28.56
N LEU C 206 -2.70 11.27 29.35
CA LEU C 206 -3.06 12.03 27.34
CA LEU C 206 -3.93 11.46 28.58
C LEU C 206 -4.36 11.33 26.94
C LEU C 206 -5.16 11.03 29.37
N GLY C 207 -4.31 10.39 25.99
N GLY C 207 -5.00 10.24 30.42
CA GLY C 207 -5.49 9.70 25.56
CA GLY C 207 -6.13 9.68 31.09
C GLY C 207 -6.10 8.92 26.70
C GLY C 207 -6.68 8.50 30.33
N PRO C 208 -7.42 9.01 26.86
N PRO C 208 -7.71 7.88 30.86
CA PRO C 208 -8.11 8.18 27.85
CA PRO C 208 -8.23 6.64 30.28
C PRO C 208 -8.31 6.77 27.33
C PRO C 208 -8.98 6.84 28.99
N VAL C 209 -9.29 6.09 27.91
N VAL C 209 -8.27 7.22 27.93
CA VAL C 209 -9.55 4.69 27.61
CA VAL C 209 -8.93 7.48 26.65
C VAL C 209 -9.36 4.28 26.15
C VAL C 209 -8.96 6.26 25.76
N GLY C 210 -8.39 3.39 25.91
N GLY C 210 -8.36 5.15 26.18
CA GLY C 210 -8.24 2.69 24.64
CA GLY C 210 -8.49 3.91 25.44
C GLY C 210 -7.55 3.44 23.52
C GLY C 210 -7.87 3.98 24.07
N VAL C 211 -6.87 4.55 23.81
N VAL C 211 -7.00 4.95 23.86
CA VAL C 211 -6.26 5.37 22.76
CA VAL C 211 -6.26 5.11 22.62
C VAL C 211 -4.77 5.50 23.06
C VAL C 211 -4.84 5.44 22.99
N ALA C 212 -3.91 4.79 22.31
CA ALA C 212 -2.49 5.10 22.35
C ALA C 212 -2.17 6.06 21.20
N VAL C 213 -1.10 6.84 21.37
CA VAL C 213 -0.73 7.82 20.37
C VAL C 213 0.69 7.53 19.93
N MET C 214 0.95 7.58 18.62
CA MET C 214 2.32 7.55 18.14
CA MET C 214 2.31 7.54 18.11
C MET C 214 2.57 8.70 17.18
N ILE C 215 3.75 9.32 17.32
CA ILE C 215 4.17 10.46 16.50
C ILE C 215 5.48 10.03 15.87
N ILE C 216 5.52 9.94 14.53
CA ILE C 216 6.59 9.24 13.82
C ILE C 216 7.22 10.16 12.79
N ARG C 217 8.52 10.43 12.91
CA ARG C 217 9.26 11.12 11.86
C ARG C 217 9.16 10.34 10.54
N ARG C 218 8.67 10.99 9.47
CA ARG C 218 8.24 10.21 8.31
C ARG C 218 9.40 9.49 7.61
N ASP C 219 10.63 9.99 7.73
CA ASP C 219 11.75 9.29 7.09
C ASP C 219 11.90 7.87 7.65
N LEU C 220 11.54 7.66 8.91
CA LEU C 220 11.61 6.31 9.47
C LEU C 220 10.70 5.35 8.75
N LEU C 221 9.60 5.84 8.15
CA LEU C 221 8.70 4.93 7.44
C LEU C 221 9.28 4.49 6.10
N GLU C 222 10.46 4.99 5.70
CA GLU C 222 11.13 4.48 4.52
C GLU C 222 11.97 3.25 4.84
N ARG C 223 12.10 2.89 6.11
CA ARG C 223 12.83 1.70 6.51
C ARG C 223 12.01 0.48 6.18
N SER C 224 12.70 -0.65 5.93
CA SER C 224 11.99 -1.89 5.61
CA SER C 224 11.94 -1.86 5.61
C SER C 224 11.43 -2.57 6.86
N GLY C 225 12.09 -2.42 7.99
CA GLY C 225 11.65 -3.21 9.13
C GLY C 225 11.90 -4.71 8.93
N GLN C 226 11.06 -5.49 9.60
CA GLN C 226 11.11 -6.95 9.65
C GLN C 226 9.85 -7.52 9.01
N PRO C 227 9.94 -8.69 8.39
CA PRO C 227 8.73 -9.30 7.79
C PRO C 227 7.63 -9.35 8.84
N ARG C 228 6.45 -8.87 8.45
CA ARG C 228 5.40 -8.73 9.46
C ARG C 228 4.05 -8.61 8.76
N ALA C 229 3.01 -9.04 9.47
CA ALA C 229 1.65 -8.85 8.99
C ALA C 229 1.35 -7.36 8.77
N ASP C 230 0.47 -7.11 7.81
CA ASP C 230 0.09 -5.73 7.48
C ASP C 230 -0.47 -5.01 8.70
N ILE C 231 -1.26 -5.71 9.52
CA ILE C 231 -1.81 -5.07 10.73
C ILE C 231 -0.70 -4.58 11.66
N PHE C 232 0.52 -5.14 11.56
CA PHE C 232 1.65 -4.75 12.39
C PHE C 232 2.60 -3.79 11.68
N ASP C 233 2.16 -3.18 10.58
CA ASP C 233 3.01 -2.34 9.74
C ASP C 233 2.51 -0.90 9.82
N TYR C 234 3.29 -0.04 10.47
CA TYR C 234 2.91 1.36 10.59
C TYR C 234 2.79 2.06 9.24
N ARG C 235 3.53 1.60 8.24
CA ARG C 235 3.40 2.18 6.91
C ARG C 235 1.99 1.99 6.36
N SER C 236 1.41 0.81 6.58
CA SER C 236 0.04 0.58 6.13
C SER C 236 -0.94 1.46 6.90
N HIS C 237 -0.74 1.58 8.21
CA HIS C 237 -1.60 2.43 9.03
C HIS C 237 -1.59 3.86 8.52
N VAL C 238 -0.41 4.37 8.14
CA VAL C 238 -0.28 5.75 7.68
C VAL C 238 -0.91 5.93 6.30
N ALA C 239 -0.88 4.89 5.46
CA ALA C 239 -1.49 4.93 4.13
C ALA C 239 -2.99 5.17 4.19
N ARG C 240 -3.75 4.20 4.72
CA ARG C 240 -5.20 4.31 4.79
C ARG C 240 -5.71 3.80 6.13
N ASN C 245 -6.16 -1.00 13.05
CA ASN C 245 -5.91 -1.19 14.48
C ASN C 245 -6.08 0.12 15.24
N THR C 246 -7.24 1.02 14.77
CA THR C 246 -7.65 2.30 15.35
C THR C 246 -8.68 2.07 16.44
N PRO C 247 -8.73 2.97 17.41
CA PRO C 247 -9.62 2.78 18.52
C PRO C 247 -11.07 2.81 18.06
N PRO C 248 -11.97 2.30 18.87
CA PRO C 248 -13.40 2.54 18.65
C PRO C 248 -13.70 4.02 18.55
N THR C 249 -14.85 4.35 17.96
CA THR C 249 -15.13 5.76 17.73
C THR C 249 -15.28 6.50 19.04
N TRP C 250 -15.92 5.90 20.04
CA TRP C 250 -16.19 6.67 21.25
C TRP C 250 -14.89 6.95 21.99
N ASN C 251 -13.97 5.98 21.98
CA ASN C 251 -12.66 6.19 22.60
C ASN C 251 -11.90 7.30 21.90
N TRP C 252 -11.89 7.27 20.57
CA TRP C 252 -11.22 8.31 19.80
C TRP C 252 -11.89 9.66 20.02
N TYR C 253 -13.20 9.67 20.10
CA TYR C 253 -13.92 10.91 20.41
C TYR C 253 -13.56 11.43 21.80
N LEU C 254 -13.43 10.53 22.78
CA LEU C 254 -13.07 10.96 24.13
C LEU C 254 -11.67 11.54 24.17
N ALA C 255 -10.71 10.93 23.46
CA ALA C 255 -9.38 11.51 23.35
C ALA C 255 -9.45 12.89 22.72
N GLY C 256 -10.26 13.03 21.66
CA GLY C 256 -10.48 14.34 21.05
C GLY C 256 -11.00 15.38 22.03
N LEU C 257 -11.93 14.99 22.91
CA LEU C 257 -12.41 15.94 23.92
C LEU C 257 -11.29 16.33 24.87
N VAL C 258 -10.45 15.37 25.25
CA VAL C 258 -9.32 15.68 26.13
C VAL C 258 -8.38 16.68 25.46
N PHE C 259 -8.08 16.49 24.16
CA PHE C 259 -7.18 17.42 23.48
C PHE C 259 -7.79 18.81 23.44
N LYS C 260 -9.10 18.90 23.16
CA LYS C 260 -9.77 20.20 23.13
C LYS C 260 -9.72 20.88 24.49
N TRP C 261 -9.93 20.10 25.56
CA TRP C 261 -9.84 20.63 26.90
C TRP C 261 -8.43 21.16 27.17
N MET C 262 -7.42 20.40 26.76
CA MET C 262 -6.06 20.84 27.01
C MET C 262 -5.76 22.16 26.28
N LEU C 263 -6.21 22.27 25.02
CA LEU C 263 -6.05 23.52 24.30
C LEU C 263 -6.78 24.65 25.01
N ALA C 264 -8.02 24.40 25.44
CA ALA C 264 -8.80 25.49 26.02
C ALA C 264 -8.23 25.96 27.36
N GLU C 265 -7.52 25.09 28.08
CA GLU C 265 -6.89 25.47 29.35
C GLU C 265 -5.65 26.33 29.14
N GLY C 266 -5.15 26.41 27.90
CA GLY C 266 -3.95 27.18 27.63
C GLY C 266 -2.82 26.39 27.01
N GLY C 267 -3.01 25.11 26.72
CA GLY C 267 -1.99 24.31 26.07
C GLY C 267 -0.81 23.96 26.97
N VAL C 268 0.24 23.49 26.33
CA VAL C 268 1.37 22.96 27.08
C VAL C 268 2.11 24.07 27.81
N THR C 269 2.03 25.32 27.35
CA THR C 269 2.61 26.42 28.13
CA THR C 269 2.65 26.38 28.14
C THR C 269 1.97 26.50 29.51
N GLU C 270 0.64 26.33 29.55
CA GLU C 270 -0.08 26.36 30.83
C GLU C 270 0.22 25.12 31.67
N PHE C 271 0.22 23.92 31.05
CA PHE C 271 0.48 22.74 31.86
C PHE C 271 1.91 22.72 32.39
N ALA C 272 2.88 23.29 31.66
CA ALA C 272 4.23 23.41 32.21
C ALA C 272 4.21 24.16 33.53
N LYS C 273 3.50 25.30 33.56
CA LYS C 273 3.44 26.07 34.80
C LYS C 273 2.67 25.33 35.89
N ARG C 274 1.52 24.74 35.53
CA ARG C 274 0.67 24.08 36.52
CA ARG C 274 0.68 24.09 36.54
C ARG C 274 1.39 22.88 37.13
N ASN C 275 2.00 22.07 36.28
CA ASN C 275 2.67 20.86 36.74
C ASN C 275 3.92 21.21 37.52
N ALA C 276 4.68 22.22 37.08
CA ALA C 276 5.81 22.65 37.89
C ALA C 276 5.34 23.09 39.28
N ALA C 277 4.22 23.80 39.35
CA ALA C 277 3.76 24.31 40.64
C ALA C 277 3.26 23.19 41.55
N LYS C 278 2.48 22.25 41.00
CA LYS C 278 2.06 21.09 41.80
C LYS C 278 3.27 20.32 42.34
N ALA C 279 4.22 19.98 41.47
CA ALA C 279 5.37 19.21 41.93
C ALA C 279 6.18 19.98 42.98
N ALA C 280 6.36 21.30 42.79
CA ALA C 280 7.16 22.05 43.75
C ALA C 280 6.49 22.09 45.11
N LEU C 281 5.16 22.17 45.15
CA LEU C 281 4.47 22.15 46.43
C LEU C 281 4.68 20.84 47.16
N VAL C 282 4.51 19.72 46.43
CA VAL C 282 4.63 18.41 47.04
C VAL C 282 6.07 18.11 47.45
N TYR C 283 7.06 18.38 46.59
CA TYR C 283 8.44 18.18 47.04
C TYR C 283 8.80 19.14 48.18
N GLY C 284 8.23 20.35 48.18
CA GLY C 284 8.49 21.26 49.28
C GLY C 284 7.96 20.71 50.59
N ALA C 285 6.79 20.04 50.52
CA ALA C 285 6.22 19.43 51.72
C ALA C 285 7.06 18.25 52.18
N ILE C 286 7.57 17.46 51.22
CA ILE C 286 8.45 16.36 51.58
C ILE C 286 9.75 16.88 52.20
N ASP C 287 10.44 17.78 51.49
CA ASP C 287 11.77 18.20 51.92
C ASP C 287 11.75 19.03 53.19
N GLY C 288 10.67 19.76 53.45
CA GLY C 288 10.59 20.51 54.69
C GLY C 288 10.08 19.74 55.89
N SER C 289 9.86 18.44 55.77
CA SER C 289 9.18 17.69 56.81
C SER C 289 10.13 17.17 57.89
N GLY C 290 11.39 17.59 57.86
CA GLY C 290 12.32 17.15 58.88
C GLY C 290 12.57 15.66 58.84
N GLY C 291 12.41 15.04 57.69
CA GLY C 291 12.65 13.63 57.52
C GLY C 291 11.44 12.75 57.71
N PHE C 292 10.31 13.32 58.12
CA PHE C 292 9.10 12.51 58.35
C PHE C 292 8.59 11.90 57.04
N TYR C 293 8.54 12.71 55.97
CA TYR C 293 8.32 12.23 54.61
C TYR C 293 9.66 12.25 53.88
N ARG C 294 9.92 11.18 53.12
CA ARG C 294 11.21 11.02 52.45
C ARG C 294 11.01 10.62 51.00
N ASN C 295 11.64 11.35 50.09
CA ASN C 295 11.77 10.94 48.70
C ASN C 295 13.24 10.66 48.40
N GLU C 296 13.51 9.58 47.67
CA GLU C 296 14.87 9.09 47.53
C GLU C 296 15.45 9.36 46.15
N VAL C 297 14.77 10.12 45.32
CA VAL C 297 15.19 10.30 43.93
C VAL C 297 16.13 11.49 43.83
N ALA C 298 17.18 11.33 43.02
CA ALA C 298 18.14 12.41 42.81
C ALA C 298 17.39 13.66 42.37
N TYR C 299 17.78 14.80 42.94
CA TYR C 299 17.06 16.04 42.65
C TYR C 299 16.96 16.32 41.16
N ALA C 300 18.03 16.02 40.40
CA ALA C 300 18.02 16.34 38.99
C ALA C 300 17.03 15.49 38.22
N ALA C 301 16.55 14.39 38.82
CA ALA C 301 15.69 13.45 38.10
C ALA C 301 14.29 13.36 38.68
N ARG C 302 13.96 14.17 39.67
CA ARG C 302 12.65 14.07 40.33
C ARG C 302 11.51 14.40 39.37
N SER C 303 10.63 13.43 39.17
CA SER C 303 9.48 13.59 38.27
C SER C 303 8.54 14.68 38.77
N ARG C 304 7.98 15.44 37.82
CA ARG C 304 6.88 16.34 38.13
C ARG C 304 5.55 15.62 38.18
N MET C 305 5.47 14.43 37.62
CA MET C 305 4.19 13.78 37.35
C MET C 305 3.86 12.68 38.32
N ASN C 306 4.85 11.98 38.87
CA ASN C 306 4.58 10.87 39.79
C ASN C 306 5.62 10.97 40.89
N ILE C 307 5.17 11.18 42.13
CA ILE C 307 6.08 11.49 43.23
C ILE C 307 5.95 10.40 44.29
N PRO C 308 6.91 9.48 44.35
CA PRO C 308 6.91 8.49 45.43
C PRO C 308 7.60 9.02 46.68
N PHE C 309 7.02 8.72 47.84
CA PHE C 309 7.69 9.09 49.10
C PHE C 309 7.29 8.11 50.19
N PHE C 310 8.02 8.18 51.30
CA PHE C 310 7.92 7.22 52.39
C PHE C 310 7.76 7.93 53.73
N LEU C 311 6.85 7.41 54.55
CA LEU C 311 6.76 7.76 55.96
C LEU C 311 7.74 6.87 56.72
N PRO C 312 7.91 7.08 58.03
CA PRO C 312 8.95 6.34 58.75
C PRO C 312 8.77 4.82 58.76
N ASP C 313 7.56 4.29 58.60
CA ASP C 313 7.40 2.85 58.52
C ASP C 313 6.16 2.52 57.67
N ALA C 314 6.02 1.23 57.34
CA ALA C 314 4.91 0.83 56.49
C ALA C 314 3.57 0.98 57.21
N GLU C 315 3.56 0.84 58.54
CA GLU C 315 2.31 1.03 59.27
C GLU C 315 1.81 2.46 59.09
N LEU C 316 2.71 3.44 59.19
CA LEU C 316 2.33 4.83 58.96
C LEU C 316 1.96 5.08 57.52
N ASP C 317 2.62 4.41 56.57
CA ASP C 317 2.21 4.50 55.17
C ASP C 317 0.74 4.13 55.02
N ALA C 318 0.36 2.95 55.53
CA ALA C 318 -1.01 2.47 55.43
C ALA C 318 -1.98 3.46 56.08
N ARG C 319 -1.65 3.94 57.27
CA ARG C 319 -2.50 4.93 57.91
CA ARG C 319 -2.49 4.93 57.92
C ARG C 319 -2.62 6.19 57.08
N PHE C 320 -1.53 6.59 56.43
CA PHE C 320 -1.59 7.78 55.58
C PHE C 320 -2.57 7.56 54.43
N VAL C 321 -2.48 6.41 53.75
CA VAL C 321 -3.36 6.15 52.61
C VAL C 321 -4.82 6.16 53.06
N ALA C 322 -5.10 5.52 54.20
CA ALA C 322 -6.48 5.40 54.69
C ALA C 322 -7.05 6.75 55.10
N GLU C 323 -6.30 7.51 55.90
CA GLU C 323 -6.77 8.83 56.31
C GLU C 323 -6.88 9.78 55.13
N ALA C 324 -5.92 9.71 54.20
CA ALA C 324 -6.01 10.53 52.99
C ALA C 324 -7.32 10.22 52.26
N LYS C 325 -7.59 8.93 52.05
CA LYS C 325 -8.81 8.53 51.38
C LYS C 325 -10.04 9.09 52.07
N ALA C 326 -10.06 9.03 53.41
CA ALA C 326 -11.19 9.57 54.16
C ALA C 326 -11.34 11.06 53.94
N ALA C 327 -10.24 11.74 53.66
CA ALA C 327 -10.24 13.18 53.41
C ALA C 327 -10.46 13.52 51.95
N GLY C 328 -10.88 12.55 51.13
CA GLY C 328 -11.09 12.81 49.72
C GLY C 328 -9.84 12.82 48.88
N LEU C 329 -8.77 12.16 49.31
CA LEU C 329 -7.49 12.14 48.61
C LEU C 329 -7.26 10.67 48.24
N LEU C 330 -7.57 10.33 46.99
CA LEU C 330 -7.76 8.95 46.58
C LEU C 330 -6.50 8.38 45.91
N ALA C 331 -6.32 7.06 46.06
CA ALA C 331 -5.39 6.29 45.23
C ALA C 331 -3.94 6.71 45.44
N LEU C 332 -3.55 6.91 46.69
CA LEU C 332 -2.19 7.35 47.01
C LEU C 332 -1.24 6.21 47.37
N LYS C 333 -1.72 4.97 47.45
CA LYS C 333 -0.83 3.86 47.81
C LYS C 333 0.23 3.67 46.73
N GLY C 334 1.49 3.56 47.14
CA GLY C 334 2.56 3.38 46.19
C GLY C 334 2.44 2.06 45.45
N HIS C 335 3.12 1.96 44.31
CA HIS C 335 3.13 0.72 43.55
C HIS C 335 3.76 -0.38 44.38
N LYS C 336 3.34 -1.63 44.12
CA LYS C 336 3.81 -2.76 44.91
C LYS C 336 5.33 -2.87 44.91
N VAL C 337 5.99 -2.56 43.78
CA VAL C 337 7.43 -2.81 43.72
C VAL C 337 8.22 -1.77 44.51
N VAL C 338 7.59 -0.65 44.88
CA VAL C 338 8.25 0.40 45.64
C VAL C 338 7.78 0.45 47.09
N GLY C 339 6.49 0.20 47.33
CA GLY C 339 5.89 0.51 48.62
C GLY C 339 5.60 1.99 48.77
N GLY C 340 5.32 2.38 50.01
CA GLY C 340 5.16 3.79 50.33
C GLY C 340 3.93 4.44 49.71
N ILE C 341 4.09 5.72 49.40
CA ILE C 341 3.06 6.61 48.90
C ILE C 341 3.47 7.04 47.50
N ARG C 342 2.49 7.23 46.60
CA ARG C 342 2.79 7.84 45.32
C ARG C 342 1.67 8.80 44.94
N ALA C 343 2.02 10.06 44.77
CA ALA C 343 1.08 11.09 44.35
C ALA C 343 1.30 11.38 42.87
N SER C 344 0.31 11.07 42.05
CA SER C 344 0.41 11.34 40.63
C SER C 344 -0.36 12.62 40.34
N LEU C 345 0.22 13.46 39.49
CA LEU C 345 -0.21 14.85 39.34
C LEU C 345 -0.35 15.19 37.85
N TYR C 346 -1.19 14.42 37.18
CA TYR C 346 -1.37 14.52 35.73
C TYR C 346 -2.05 15.85 35.36
N ASN C 347 -2.17 16.11 34.05
CA ASN C 347 -2.63 17.41 33.60
C ASN C 347 -4.00 17.77 34.19
N ALA C 348 -4.91 16.79 34.30
CA ALA C 348 -6.24 17.11 34.80
C ALA C 348 -6.30 17.28 36.30
N MET C 349 -5.21 17.01 37.03
CA MET C 349 -5.18 17.31 38.47
C MET C 349 -4.95 18.80 38.68
N PRO C 350 -5.91 19.53 39.25
CA PRO C 350 -5.69 20.96 39.46
C PRO C 350 -4.68 21.22 40.55
N LEU C 351 -4.09 22.43 40.49
CA LEU C 351 -3.22 22.89 41.57
C LEU C 351 -3.88 22.72 42.94
N ALA C 352 -5.19 22.97 43.03
CA ALA C 352 -5.88 22.84 44.32
C ALA C 352 -5.76 21.45 44.90
N GLY C 353 -5.62 20.44 44.05
CA GLY C 353 -5.42 19.09 44.56
C GLY C 353 -4.07 18.90 45.20
N ALA C 354 -3.02 19.48 44.60
CA ALA C 354 -1.72 19.47 45.26
C ALA C 354 -1.79 20.21 46.59
N GLU C 355 -2.46 21.37 46.62
CA GLU C 355 -2.57 22.13 47.86
C GLU C 355 -3.28 21.32 48.93
N ALA C 356 -4.36 20.63 48.54
CA ALA C 356 -5.10 19.81 49.48
C ALA C 356 -4.24 18.69 50.04
N LEU C 357 -3.41 18.07 49.17
CA LEU C 357 -2.54 17.00 49.62
C LEU C 357 -1.48 17.52 50.58
N VAL C 358 -0.90 18.69 50.27
CA VAL C 358 0.10 19.27 51.16
C VAL C 358 -0.51 19.64 52.51
N ALA C 359 -1.72 20.21 52.51
CA ALA C 359 -2.34 20.56 53.78
C ALA C 359 -2.62 19.31 54.61
N PHE C 360 -3.04 18.22 53.95
CA PHE C 360 -3.24 16.96 54.65
C PHE C 360 -1.92 16.41 55.18
N MET C 361 -0.85 16.49 54.38
CA MET C 361 0.45 16.00 54.84
C MET C 361 0.89 16.72 56.11
N ALA C 362 0.62 18.01 56.20
CA ALA C 362 0.99 18.76 57.40
C ALA C 362 0.15 18.33 58.60
N ASP C 363 -1.16 18.18 58.41
CA ASP C 363 -2.01 17.77 59.53
C ASP C 363 -1.68 16.35 59.97
N PHE C 364 -1.52 15.43 59.02
CA PHE C 364 -1.17 14.06 59.36
C PHE C 364 0.11 14.02 60.19
N GLN C 365 1.12 14.79 59.78
CA GLN C 365 2.38 14.80 60.50
C GLN C 365 2.21 15.37 61.90
N GLN C 366 1.40 16.44 62.03
CA GLN C 366 1.15 17.02 63.34
C GLN C 366 0.43 16.04 64.25
N ARG C 367 -0.37 15.14 63.68
CA ARG C 367 -1.13 14.16 64.46
C ARG C 367 -0.39 12.84 64.69
N HIS C 368 0.60 12.50 63.87
CA HIS C 368 1.17 11.16 63.92
C HIS C 368 2.69 11.08 64.10
N GLY C 369 3.42 12.18 63.96
CA GLY C 369 4.86 12.08 64.04
C GLY C 369 5.56 13.21 64.77
N ARG D 11 -40.72 2.94 13.27
CA ARG D 11 -39.29 3.02 13.53
C ARG D 11 -38.51 3.16 12.23
N ALA D 12 -37.34 3.79 12.28
CA ALA D 12 -36.34 3.60 11.25
C ALA D 12 -35.54 2.38 11.61
N PHE D 13 -35.41 1.46 10.67
CA PHE D 13 -34.63 0.26 10.91
C PHE D 13 -33.28 0.41 10.22
N ASN D 14 -32.23 0.00 10.92
CA ASN D 14 -30.86 0.17 10.46
C ASN D 14 -30.28 -1.17 10.04
N PHE D 15 -30.17 -1.38 8.72
CA PHE D 15 -29.69 -2.65 8.17
C PHE D 15 -28.18 -2.68 7.96
N SER D 16 -27.45 -1.76 8.57
CA SER D 16 -26.00 -1.72 8.45
C SER D 16 -25.32 -3.03 8.85
N ALA D 17 -24.39 -3.47 8.01
CA ALA D 17 -23.53 -4.60 8.33
C ALA D 17 -22.44 -4.26 9.34
N GLY D 18 -22.22 -2.98 9.60
CA GLY D 18 -21.18 -2.58 10.53
C GLY D 18 -20.98 -1.09 10.45
N PRO D 19 -21.13 -0.38 11.59
CA PRO D 19 -21.51 -0.90 12.92
CA PRO D 19 -21.52 -0.92 12.91
C PRO D 19 -22.99 -1.33 13.02
N ALA D 20 -23.23 -2.47 13.67
CA ALA D 20 -24.54 -3.06 13.78
C ALA D 20 -25.46 -2.27 14.70
N THR D 21 -26.77 -2.33 14.42
CA THR D 21 -27.77 -1.70 15.28
C THR D 21 -27.60 -2.24 16.71
N LEU D 22 -27.63 -1.32 17.70
CA LEU D 22 -27.30 -1.70 19.07
C LEU D 22 -28.52 -1.54 19.95
N PRO D 23 -28.80 -2.48 20.87
CA PRO D 23 -30.07 -2.40 21.59
C PRO D 23 -30.16 -1.07 22.31
N GLU D 24 -31.31 -0.41 22.14
CA GLU D 24 -31.49 0.91 22.72
C GLU D 24 -31.30 0.86 24.23
N SER D 25 -31.73 -0.24 24.87
CA SER D 25 -31.62 -0.32 26.32
C SER D 25 -30.17 -0.29 26.79
N VAL D 26 -29.26 -0.88 26.01
CA VAL D 26 -27.85 -0.94 26.41
C VAL D 26 -27.22 0.45 26.44
N LEU D 27 -27.48 1.28 25.43
CA LEU D 27 -26.94 2.64 25.48
C LEU D 27 -27.62 3.49 26.54
N ARG D 28 -28.91 3.25 26.79
CA ARG D 28 -29.58 3.97 27.87
C ARG D 28 -28.92 3.65 29.20
N GLN D 29 -28.65 2.35 29.45
CA GLN D 29 -28.00 1.94 30.68
CA GLN D 29 -28.01 1.97 30.70
C GLN D 29 -26.60 2.51 30.77
N ALA D 30 -25.83 2.40 29.68
CA ALA D 30 -24.47 2.90 29.72
C ALA D 30 -24.44 4.40 29.97
N GLN D 31 -25.35 5.17 29.34
CA GLN D 31 -25.35 6.60 29.61
C GLN D 31 -25.72 6.90 31.06
N ALA D 32 -26.75 6.23 31.58
CA ALA D 32 -27.22 6.52 32.93
C ALA D 32 -26.15 6.24 33.98
N GLU D 33 -25.35 5.18 33.81
CA GLU D 33 -24.37 4.71 34.78
CA GLU D 33 -24.42 4.90 34.89
C GLU D 33 -22.98 5.25 34.56
N MET D 34 -22.75 6.00 33.47
CA MET D 34 -21.39 6.35 33.08
C MET D 34 -20.60 7.01 34.21
N LEU D 35 -21.26 7.87 34.98
CA LEU D 35 -20.63 8.56 36.10
C LEU D 35 -21.11 8.06 37.46
N ASP D 36 -21.84 6.94 37.49
CA ASP D 36 -22.51 6.48 38.69
C ASP D 36 -22.75 4.97 38.58
N TRP D 37 -21.69 4.21 38.38
CA TRP D 37 -21.85 2.78 38.16
C TRP D 37 -22.46 2.11 39.38
N HIS D 38 -23.62 1.45 39.19
CA HIS D 38 -24.29 0.74 40.27
C HIS D 38 -24.51 1.64 41.46
N GLY D 39 -24.76 2.92 41.19
CA GLY D 39 -25.11 3.83 42.27
C GLY D 39 -23.94 4.24 43.12
N SER D 40 -22.73 3.90 42.71
CA SER D 40 -21.53 4.08 43.52
C SER D 40 -20.90 5.45 43.38
N GLY D 41 -21.36 6.26 42.41
CA GLY D 41 -20.71 7.52 42.10
C GLY D 41 -19.41 7.39 41.34
N ALA D 42 -19.04 6.19 40.91
CA ALA D 42 -17.78 5.95 40.24
C ALA D 42 -18.01 5.88 38.74
N SER D 43 -17.07 6.38 37.94
CA SER D 43 -17.17 6.26 36.49
CA SER D 43 -17.18 6.24 36.49
C SER D 43 -16.39 5.04 36.03
N ILE D 44 -17.02 4.23 35.20
CA ILE D 44 -16.38 3.07 34.58
C ILE D 44 -15.11 3.49 33.88
N VAL D 45 -15.12 4.66 33.22
CA VAL D 45 -13.99 5.09 32.42
CA VAL D 45 -13.96 5.00 32.42
C VAL D 45 -12.74 5.30 33.28
N GLU D 46 -12.91 5.58 34.57
CA GLU D 46 -11.77 5.86 35.43
C GLU D 46 -11.45 4.71 36.40
N MET D 47 -12.15 3.59 36.27
CA MET D 47 -11.84 2.45 37.13
C MET D 47 -10.51 1.81 36.79
N SER D 48 -9.75 1.45 37.82
CA SER D 48 -8.56 0.63 37.65
CA SER D 48 -8.56 0.64 37.65
C SER D 48 -8.96 -0.79 37.30
N HIS D 49 -8.33 -1.35 36.24
CA HIS D 49 -8.68 -2.72 35.88
CA HIS D 49 -8.58 -2.73 35.84
C HIS D 49 -8.31 -3.71 36.97
N ARG D 50 -7.37 -3.36 37.86
CA ARG D 50 -6.98 -4.24 38.95
C ARG D 50 -7.75 -3.95 40.23
N GLY D 51 -8.67 -2.96 40.22
CA GLY D 51 -9.48 -2.69 41.40
C GLY D 51 -10.64 -3.66 41.52
N ALA D 52 -11.15 -3.81 42.75
CA ALA D 52 -12.20 -4.80 42.97
C ALA D 52 -13.46 -4.52 42.17
N GLU D 53 -13.79 -3.25 41.93
CA GLU D 53 -15.00 -2.96 41.16
C GLU D 53 -14.86 -3.47 39.72
N PHE D 54 -13.79 -3.08 39.04
CA PHE D 54 -13.73 -3.55 37.66
C PHE D 54 -13.43 -5.04 37.58
N MET D 55 -12.68 -5.59 38.55
CA MET D 55 -12.49 -7.03 38.52
CA MET D 55 -12.49 -7.04 38.58
C MET D 55 -13.84 -7.75 38.61
N SER D 56 -14.81 -7.17 39.35
CA SER D 56 -16.12 -7.85 39.38
C SER D 56 -16.84 -7.73 38.04
N VAL D 57 -16.67 -6.60 37.35
CA VAL D 57 -17.23 -6.42 36.01
C VAL D 57 -16.65 -7.43 35.04
N ALA D 58 -15.33 -7.58 35.06
CA ALA D 58 -14.67 -8.54 34.18
C ALA D 58 -15.10 -9.97 34.51
N ALA D 59 -15.24 -10.28 35.80
CA ALA D 59 -15.70 -11.62 36.15
C ALA D 59 -17.11 -11.88 35.62
N GLU D 60 -18.01 -10.89 35.75
CA GLU D 60 -19.36 -11.08 35.21
C GLU D 60 -19.34 -11.22 33.70
N ALA D 61 -18.47 -10.47 33.02
CA ALA D 61 -18.44 -10.51 31.57
C ALA D 61 -18.03 -11.89 31.09
N GLU D 62 -17.00 -12.46 31.69
CA GLU D 62 -16.60 -13.82 31.34
C GLU D 62 -17.67 -14.83 31.71
N ALA D 63 -18.25 -14.73 32.92
CA ALA D 63 -19.25 -15.71 33.33
C ALA D 63 -20.48 -15.65 32.43
N ASP D 64 -20.93 -14.45 32.09
CA ASP D 64 -22.10 -14.28 31.24
C ASP D 64 -21.85 -14.84 29.85
N LEU D 65 -20.64 -14.60 29.30
CA LEU D 65 -20.32 -15.15 27.98
C LEU D 65 -20.22 -16.66 28.02
N ARG D 66 -19.64 -17.21 29.09
CA ARG D 66 -19.62 -18.67 29.23
C ARG D 66 -21.03 -19.25 29.33
N ARG D 67 -21.93 -18.54 30.00
CA ARG D 67 -23.32 -19.01 30.11
CA ARG D 67 -23.28 -19.11 30.07
C ARG D 67 -24.03 -18.89 28.77
N LEU D 68 -23.79 -17.77 28.08
CA LEU D 68 -24.45 -17.50 26.81
C LEU D 68 -24.12 -18.56 25.77
N LEU D 69 -22.86 -18.95 25.67
CA LEU D 69 -22.41 -19.89 24.64
C LEU D 69 -22.18 -21.30 25.16
N ASP D 70 -22.45 -21.56 26.44
CA ASP D 70 -22.17 -22.85 27.05
C ASP D 70 -20.72 -23.26 26.80
N ILE D 71 -19.82 -22.39 27.21
CA ILE D 71 -18.39 -22.62 27.04
C ILE D 71 -17.87 -23.53 28.15
N PRO D 72 -17.27 -24.67 27.82
CA PRO D 72 -16.77 -25.58 28.86
C PRO D 72 -15.56 -25.01 29.59
N ASP D 73 -15.31 -25.57 30.79
CA ASP D 73 -14.17 -25.10 31.59
C ASP D 73 -12.82 -25.36 30.92
N ASP D 74 -12.70 -26.33 30.01
CA ASP D 74 -11.39 -26.57 29.41
C ASP D 74 -11.15 -25.71 28.17
N TYR D 75 -11.91 -24.61 28.03
CA TYR D 75 -11.65 -23.54 27.08
C TYR D 75 -11.37 -22.29 27.88
N ALA D 76 -10.36 -21.51 27.44
CA ALA D 76 -10.07 -20.20 27.98
C ALA D 76 -10.84 -19.12 27.22
N VAL D 77 -11.14 -18.02 27.91
CA VAL D 77 -11.87 -16.89 27.33
C VAL D 77 -11.01 -15.65 27.49
N LEU D 78 -10.72 -14.99 26.38
CA LEU D 78 -9.92 -13.77 26.37
C LEU D 78 -10.74 -12.61 25.80
N PHE D 79 -10.60 -11.44 26.44
CA PHE D 79 -11.10 -10.18 25.92
C PHE D 79 -9.90 -9.36 25.49
N LEU D 80 -9.88 -8.91 24.23
CA LEU D 80 -8.66 -8.38 23.63
C LEU D 80 -8.91 -7.10 22.83
N SER D 81 -7.91 -6.22 22.78
CA SER D 81 -7.96 -5.10 21.85
CA SER D 81 -7.95 -5.11 21.85
C SER D 81 -7.40 -5.52 20.48
N GLY D 82 -7.61 -4.69 19.47
CA GLY D 82 -6.97 -4.91 18.17
C GLY D 82 -7.84 -5.49 17.08
N GLY D 83 -9.04 -5.92 17.39
CA GLY D 83 -9.98 -6.39 16.40
C GLY D 83 -9.61 -7.75 15.84
N ALA D 84 -10.46 -8.21 14.91
CA ALA D 84 -10.25 -9.52 14.31
C ALA D 84 -8.95 -9.56 13.53
N THR D 85 -8.59 -8.46 12.86
CA THR D 85 -7.39 -8.45 12.01
CA THR D 85 -7.41 -8.53 12.01
C THR D 85 -6.14 -8.70 12.83
N THR D 86 -6.06 -8.10 14.03
CA THR D 86 -4.93 -8.37 14.92
C THR D 86 -4.87 -9.84 15.29
N GLN D 87 -6.03 -10.45 15.59
CA GLN D 87 -6.02 -11.86 15.98
C GLN D 87 -5.65 -12.72 14.79
N GLN D 88 -5.95 -12.28 13.56
CA GLN D 88 -5.55 -13.05 12.40
C GLN D 88 -4.02 -13.10 12.21
N ALA D 89 -3.29 -12.11 12.71
CA ALA D 89 -1.83 -12.18 12.75
C ALA D 89 -1.36 -13.00 13.95
N LEU D 90 -2.04 -12.85 15.10
CA LEU D 90 -1.58 -13.53 16.32
C LEU D 90 -1.84 -15.04 16.28
N ILE D 91 -2.86 -15.46 15.53
CA ILE D 91 -3.20 -16.88 15.49
C ILE D 91 -2.04 -17.74 14.95
N PRO D 92 -1.47 -17.47 13.78
CA PRO D 92 -0.30 -18.27 13.36
C PRO D 92 0.89 -18.09 14.29
N LEU D 93 1.07 -16.92 14.90
CA LEU D 93 2.23 -16.73 15.78
C LEU D 93 2.10 -17.53 17.07
N ASN D 94 0.87 -17.83 17.50
CA ASN D 94 0.64 -18.57 18.73
C ASN D 94 0.42 -20.06 18.52
N PHE D 95 -0.16 -20.48 17.40
CA PHE D 95 -0.62 -21.86 17.27
C PHE D 95 0.08 -22.63 16.17
N ALA D 96 1.10 -22.05 15.55
CA ALA D 96 1.85 -22.73 14.51
C ALA D 96 3.33 -22.53 14.77
N ALA D 97 4.12 -23.51 14.35
CA ALA D 97 5.57 -23.34 14.30
C ALA D 97 5.93 -22.43 13.12
N PRO D 98 7.07 -21.73 13.19
CA PRO D 98 7.46 -20.88 12.05
C PRO D 98 7.47 -21.67 10.74
N GLY D 99 6.78 -21.13 9.75
CA GLY D 99 6.72 -21.76 8.44
C GLY D 99 5.87 -23.00 8.35
N GLN D 100 5.20 -23.41 9.43
CA GLN D 100 4.34 -24.58 9.38
C GLN D 100 3.19 -24.36 8.40
N ARG D 101 2.72 -25.45 7.80
CA ARG D 101 1.53 -25.39 6.98
C ARG D 101 0.34 -24.96 7.83
N ALA D 102 -0.48 -24.06 7.27
CA ALA D 102 -1.77 -23.72 7.86
C ALA D 102 -2.80 -23.64 6.74
N ASP D 103 -3.95 -24.31 6.94
CA ASP D 103 -4.97 -24.38 5.89
C ASP D 103 -5.98 -23.27 6.10
N TYR D 104 -6.37 -22.61 4.99
CA TYR D 104 -7.41 -21.59 5.03
C TYR D 104 -8.50 -21.94 4.05
N VAL D 105 -9.75 -21.65 4.42
CA VAL D 105 -10.90 -21.83 3.54
C VAL D 105 -11.46 -20.45 3.27
N VAL D 106 -11.49 -20.06 2.00
CA VAL D 106 -11.95 -18.73 1.59
C VAL D 106 -13.35 -18.89 1.01
N SER D 107 -14.36 -18.44 1.76
CA SER D 107 -15.76 -18.46 1.33
C SER D 107 -16.28 -17.06 1.07
N GLY D 108 -15.43 -16.06 1.16
CA GLY D 108 -15.87 -14.71 0.87
C GLY D 108 -14.73 -13.75 1.10
N HIS D 109 -15.07 -12.47 1.02
CA HIS D 109 -14.06 -11.44 1.05
CA HIS D 109 -14.10 -11.38 1.09
C HIS D 109 -13.21 -11.48 2.33
N TRP D 110 -13.82 -11.66 3.50
CA TRP D 110 -13.04 -11.41 4.69
CA TRP D 110 -13.13 -11.49 4.79
C TRP D 110 -12.10 -12.56 5.06
N GLY D 111 -12.33 -13.77 4.56
CA GLY D 111 -11.34 -14.82 4.68
C GLY D 111 -10.02 -14.43 4.03
N LYS D 112 -10.09 -13.63 2.96
CA LYS D 112 -8.86 -13.16 2.32
C LYS D 112 -8.04 -12.28 3.24
N THR D 113 -8.71 -11.52 4.12
CA THR D 113 -7.94 -10.68 5.04
C THR D 113 -7.20 -11.54 6.05
N ALA D 114 -7.83 -12.63 6.49
CA ALA D 114 -7.14 -13.56 7.40
C ALA D 114 -5.94 -14.20 6.71
N VAL D 115 -6.12 -14.60 5.45
CA VAL D 115 -4.99 -15.15 4.67
C VAL D 115 -3.86 -14.13 4.59
N LYS D 116 -4.20 -12.88 4.33
CA LYS D 116 -3.17 -11.85 4.16
C LYS D 116 -2.34 -11.65 5.42
N GLN D 117 -2.99 -11.64 6.60
CA GLN D 117 -2.22 -11.41 7.82
C GLN D 117 -1.30 -12.57 8.16
N ALA D 118 -1.61 -13.76 7.68
CA ALA D 118 -0.90 -14.93 8.12
C ALA D 118 0.26 -15.31 7.22
N GLY D 119 0.28 -14.84 5.97
CA GLY D 119 1.15 -15.42 4.97
C GLY D 119 2.64 -15.31 5.27
N VAL D 120 3.04 -14.30 6.02
CA VAL D 120 4.45 -14.10 6.36
CA VAL D 120 4.46 -14.13 6.32
C VAL D 120 4.91 -15.06 7.45
N TYR D 121 3.97 -15.63 8.21
CA TYR D 121 4.33 -16.42 9.37
C TYR D 121 4.18 -17.92 9.20
N VAL D 122 3.32 -18.36 8.28
CA VAL D 122 3.03 -19.77 8.07
C VAL D 122 2.96 -20.01 6.58
N ASP D 123 3.07 -21.28 6.19
CA ASP D 123 2.92 -21.65 4.79
C ASP D 123 1.42 -21.77 4.55
N VAL D 124 0.79 -20.67 4.10
CA VAL D 124 -0.65 -20.69 3.89
C VAL D 124 -0.99 -21.58 2.71
N ASN D 125 -1.88 -22.54 2.94
CA ASN D 125 -2.47 -23.37 1.89
C ASN D 125 -3.95 -23.05 1.80
N ILE D 126 -4.43 -22.75 0.59
CA ILE D 126 -5.85 -22.48 0.39
C ILE D 126 -6.49 -23.85 0.16
N ALA D 127 -7.11 -24.39 1.20
CA ALA D 127 -7.67 -25.74 1.11
C ALA D 127 -8.95 -25.75 0.28
N ALA D 128 -9.64 -24.62 0.23
CA ALA D 128 -10.83 -24.50 -0.61
C ALA D 128 -11.12 -23.01 -0.74
N SER D 129 -11.55 -22.61 -1.93
CA SER D 129 -11.96 -21.25 -2.19
C SER D 129 -13.11 -21.23 -3.19
N SER D 130 -14.09 -20.35 -2.95
CA SER D 130 -15.16 -20.13 -3.90
C SER D 130 -14.93 -18.88 -4.74
N GLU D 131 -13.73 -18.30 -4.70
CA GLU D 131 -13.53 -17.03 -5.39
C GLU D 131 -13.72 -17.21 -6.89
N ALA D 132 -13.35 -18.36 -7.44
CA ALA D 132 -13.47 -18.51 -8.89
C ALA D 132 -14.91 -18.75 -9.35
N ASN D 133 -15.90 -18.81 -8.46
CA ASN D 133 -17.27 -18.68 -8.95
C ASN D 133 -17.99 -17.50 -8.28
N GLY D 134 -17.23 -16.48 -7.90
CA GLY D 134 -17.83 -15.31 -7.28
C GLY D 134 -18.44 -15.57 -5.93
N TYR D 135 -17.96 -16.61 -5.23
CA TYR D 135 -18.33 -16.96 -3.86
C TYR D 135 -19.70 -17.58 -3.75
N ARG D 136 -20.27 -18.04 -4.87
CA ARG D 136 -21.56 -18.72 -4.83
CA ARG D 136 -21.56 -18.68 -4.79
C ARG D 136 -21.48 -20.00 -4.03
N GLU D 137 -20.40 -20.75 -4.21
CA GLU D 137 -20.38 -22.11 -3.70
C GLU D 137 -18.97 -22.61 -3.49
N LEU D 138 -18.69 -23.09 -2.28
CA LEU D 138 -17.41 -23.76 -2.04
C LEU D 138 -17.37 -25.09 -2.79
N PRO D 139 -16.17 -25.53 -3.17
CA PRO D 139 -16.01 -26.88 -3.71
C PRO D 139 -16.57 -27.91 -2.75
N ALA D 140 -16.98 -29.05 -3.33
CA ALA D 140 -17.37 -30.20 -2.54
C ALA D 140 -16.27 -30.53 -1.53
N ARG D 141 -16.69 -30.98 -0.35
CA ARG D 141 -15.75 -31.31 0.72
CA ARG D 141 -15.74 -31.32 0.72
C ARG D 141 -14.65 -32.27 0.22
N ALA D 142 -15.01 -33.24 -0.63
CA ALA D 142 -14.02 -34.20 -1.12
C ALA D 142 -12.93 -33.55 -1.96
N ASP D 143 -13.17 -32.34 -2.47
CA ASP D 143 -12.20 -31.65 -3.30
C ASP D 143 -11.38 -30.63 -2.51
N TRP D 144 -11.64 -30.48 -1.21
CA TRP D 144 -10.76 -29.66 -0.38
C TRP D 144 -9.37 -30.26 -0.30
N GLN D 145 -8.36 -29.40 -0.26
CA GLN D 145 -6.97 -29.83 -0.16
C GLN D 145 -6.47 -29.57 1.25
N LEU D 146 -6.86 -30.42 2.19
CA LEU D 146 -6.44 -30.28 3.58
C LEU D 146 -5.07 -30.94 3.78
N SER D 147 -4.25 -30.30 4.60
CA SER D 147 -2.88 -30.74 4.84
C SER D 147 -2.83 -31.56 6.12
N ARG D 148 -2.23 -32.75 6.04
CA ARG D 148 -2.05 -33.58 7.22
C ARG D 148 -1.23 -32.88 8.28
N ASP D 149 -0.26 -32.06 7.88
CA ASP D 149 0.68 -31.42 8.78
C ASP D 149 0.26 -30.02 9.20
N ALA D 150 -0.97 -29.62 8.92
CA ALA D 150 -1.37 -28.24 9.17
C ALA D 150 -1.49 -27.98 10.66
N ALA D 151 -1.14 -26.74 11.04
CA ALA D 151 -1.30 -26.32 12.44
C ALA D 151 -2.77 -26.17 12.79
N TYR D 152 -3.59 -25.81 11.82
CA TYR D 152 -5.01 -25.53 12.03
C TYR D 152 -5.65 -25.38 10.65
N VAL D 153 -6.97 -25.41 10.64
CA VAL D 153 -7.78 -25.03 9.49
C VAL D 153 -8.57 -23.80 9.90
N HIS D 154 -8.44 -22.70 9.16
CA HIS D 154 -9.14 -21.46 9.49
C HIS D 154 -10.31 -21.30 8.54
N ILE D 155 -11.50 -21.07 9.10
CA ILE D 155 -12.71 -20.77 8.32
C ILE D 155 -13.30 -19.46 8.81
N THR D 156 -14.13 -18.84 7.95
CA THR D 156 -14.93 -17.66 8.32
C THR D 156 -16.38 -18.12 8.44
N ALA D 157 -16.94 -18.08 9.66
CA ALA D 157 -18.22 -18.75 9.88
C ALA D 157 -19.30 -18.08 9.06
N ASN D 158 -19.25 -16.76 8.99
CA ASN D 158 -20.24 -16.00 8.25
C ASN D 158 -19.53 -14.89 7.50
N GLU D 159 -19.79 -14.80 6.20
CA GLU D 159 -19.16 -13.82 5.31
C GLU D 159 -20.15 -12.69 5.01
N THR D 160 -19.89 -11.49 5.53
CA THR D 160 -20.94 -10.44 5.51
C THR D 160 -21.17 -9.82 4.16
N ILE D 161 -20.16 -9.75 3.29
CA ILE D 161 -20.31 -9.07 2.00
C ILE D 161 -21.02 -9.98 1.01
N HIS D 162 -20.76 -11.28 1.09
CA HIS D 162 -21.25 -12.23 0.14
C HIS D 162 -22.45 -13.04 0.65
N GLY D 163 -22.74 -12.95 1.95
CA GLY D 163 -23.94 -13.61 2.45
C GLY D 163 -23.80 -15.12 2.49
N VAL D 164 -22.62 -15.60 2.88
CA VAL D 164 -22.31 -17.04 2.87
C VAL D 164 -22.00 -17.47 4.29
N GLU D 165 -22.65 -18.55 4.74
CA GLU D 165 -22.49 -18.97 6.12
C GLU D 165 -22.37 -20.48 6.19
N PHE D 166 -21.45 -20.95 7.04
CA PHE D 166 -21.41 -22.36 7.38
C PHE D 166 -22.61 -22.70 8.23
N ARG D 167 -23.39 -23.64 7.75
CA ARG D 167 -24.49 -24.16 8.55
C ARG D 167 -24.14 -25.51 9.15
N ASP D 168 -22.87 -25.88 9.08
CA ASP D 168 -22.35 -27.06 9.74
C ASP D 168 -20.94 -26.75 10.24
N VAL D 169 -20.25 -27.77 10.72
CA VAL D 169 -18.86 -27.67 11.12
C VAL D 169 -18.08 -28.64 10.22
N PRO D 170 -17.15 -28.16 9.37
CA PRO D 170 -16.37 -29.10 8.54
C PRO D 170 -15.52 -30.05 9.37
N ASP D 171 -15.40 -31.28 8.86
CA ASP D 171 -14.55 -32.30 9.48
C ASP D 171 -13.11 -32.08 9.07
N THR D 172 -12.24 -31.76 10.05
CA THR D 172 -10.82 -31.54 9.78
C THR D 172 -9.95 -32.55 10.50
N GLY D 173 -10.50 -33.71 10.83
CA GLY D 173 -9.71 -34.75 11.45
C GLY D 173 -9.17 -34.27 12.78
N ASN D 174 -7.88 -34.53 13.02
CA ASN D 174 -7.26 -34.13 14.28
CA ASN D 174 -7.26 -34.14 14.28
C ASN D 174 -6.61 -32.76 14.19
N VAL D 175 -6.85 -32.02 13.11
CA VAL D 175 -6.31 -30.66 12.98
C VAL D 175 -7.33 -29.70 13.57
N PRO D 176 -6.94 -28.81 14.50
CA PRO D 176 -7.94 -27.95 15.15
C PRO D 176 -8.60 -26.97 14.17
N LEU D 177 -9.90 -26.77 14.37
CA LEU D 177 -10.64 -25.80 13.56
C LEU D 177 -10.64 -24.43 14.25
N ILE D 178 -10.27 -23.39 13.50
CA ILE D 178 -10.24 -22.03 14.02
C ILE D 178 -11.24 -21.24 13.20
N ALA D 179 -12.16 -20.56 13.85
CA ALA D 179 -13.29 -19.98 13.11
C ALA D 179 -13.52 -18.53 13.52
N ASP D 180 -13.60 -17.66 12.51
CA ASP D 180 -13.95 -16.25 12.70
C ASP D 180 -15.47 -16.13 12.77
N PHE D 181 -15.99 -15.83 13.97
CA PHE D 181 -17.42 -15.66 14.20
C PHE D 181 -17.80 -14.19 14.41
N SER D 182 -16.98 -13.27 13.89
CA SER D 182 -17.26 -11.84 14.11
C SER D 182 -18.71 -11.45 13.78
N SER D 183 -19.26 -11.95 12.68
CA SER D 183 -20.63 -11.52 12.34
C SER D 183 -21.73 -12.51 12.73
N SER D 184 -21.40 -13.59 13.42
CA SER D 184 -22.47 -14.51 13.78
C SER D 184 -22.36 -15.05 15.20
N ILE D 185 -21.40 -14.60 16.00
CA ILE D 185 -21.28 -15.19 17.34
C ILE D 185 -22.56 -14.96 18.14
N ALA D 186 -22.98 -15.98 18.89
CA ALA D 186 -24.18 -15.92 19.73
C ALA D 186 -25.46 -15.70 18.92
N SER D 187 -25.45 -16.10 17.65
CA SER D 187 -26.66 -16.02 16.84
C SER D 187 -27.50 -17.28 16.85
N GLU D 188 -27.05 -18.31 17.57
CA GLU D 188 -27.66 -19.64 17.66
C GLU D 188 -26.75 -20.44 18.58
N PRO D 189 -27.23 -21.57 19.10
CA PRO D 189 -26.35 -22.47 19.87
C PRO D 189 -25.15 -22.90 19.04
N LEU D 190 -24.03 -23.04 19.74
CA LEU D 190 -22.76 -23.47 19.15
CA LEU D 190 -22.78 -23.47 19.14
C LEU D 190 -22.16 -24.54 20.04
N ASP D 191 -21.78 -25.67 19.45
CA ASP D 191 -21.06 -26.70 20.22
C ASP D 191 -19.60 -26.29 20.17
N VAL D 192 -19.17 -25.54 21.19
CA VAL D 192 -17.81 -25.02 21.28
C VAL D 192 -16.77 -26.14 21.20
N ARG D 193 -17.13 -27.34 21.68
CA ARG D 193 -16.14 -28.41 21.71
CA ARG D 193 -16.19 -28.46 21.71
C ARG D 193 -15.72 -28.85 20.32
N ARG D 194 -16.49 -28.52 19.28
CA ARG D 194 -16.08 -28.88 17.93
C ARG D 194 -15.03 -27.93 17.35
N TYR D 195 -14.61 -26.90 18.09
CA TYR D 195 -13.67 -25.91 17.60
C TYR D 195 -12.40 -25.93 18.44
N GLY D 196 -11.26 -25.63 17.81
CA GLY D 196 -10.04 -25.30 18.54
C GLY D 196 -10.08 -23.87 19.03
N VAL D 197 -10.52 -22.94 18.18
CA VAL D 197 -10.57 -21.52 18.54
C VAL D 197 -11.79 -20.92 17.87
N ILE D 198 -12.57 -20.16 18.64
CA ILE D 198 -13.64 -19.30 18.12
C ILE D 198 -13.22 -17.88 18.46
N TYR D 199 -13.26 -16.97 17.49
CA TYR D 199 -12.96 -15.58 17.82
C TYR D 199 -13.92 -14.65 17.11
N ALA D 200 -14.08 -13.45 17.67
CA ALA D 200 -14.97 -12.47 17.09
C ALA D 200 -14.46 -11.08 17.42
N GLY D 201 -14.28 -10.24 16.40
CA GLY D 201 -14.13 -8.82 16.59
C GLY D 201 -15.48 -8.11 16.83
N ALA D 202 -15.40 -6.83 17.17
CA ALA D 202 -16.63 -6.08 17.41
C ALA D 202 -17.21 -5.58 16.09
N GLN D 203 -18.32 -4.84 16.21
CA GLN D 203 -18.96 -4.05 15.14
CA GLN D 203 -18.99 -4.04 15.19
C GLN D 203 -20.05 -4.82 14.42
N LYS D 204 -20.07 -6.15 14.52
CA LYS D 204 -21.05 -6.95 13.76
C LYS D 204 -22.07 -7.55 14.72
N ASN D 205 -22.07 -8.87 14.92
CA ASN D 205 -23.15 -9.38 15.76
C ASN D 205 -22.98 -9.03 17.24
N LEU D 206 -21.79 -8.64 17.69
CA LEU D 206 -21.65 -8.07 19.03
C LEU D 206 -22.04 -6.60 19.11
N GLY D 207 -22.19 -5.92 18.00
CA GLY D 207 -22.40 -4.50 18.03
C GLY D 207 -21.08 -3.78 18.25
N PRO D 208 -21.12 -2.44 18.25
CA PRO D 208 -19.92 -1.59 18.41
C PRO D 208 -19.48 -1.47 19.87
N VAL D 209 -19.00 -2.60 20.41
CA VAL D 209 -18.58 -2.66 21.80
C VAL D 209 -17.09 -2.41 22.00
N GLY D 210 -16.28 -2.50 20.95
CA GLY D 210 -14.91 -2.04 21.07
C GLY D 210 -13.96 -3.02 21.69
N VAL D 211 -14.30 -4.31 21.69
CA VAL D 211 -13.42 -5.36 22.20
C VAL D 211 -13.65 -6.59 21.35
N ALA D 212 -12.62 -7.43 21.26
CA ALA D 212 -12.69 -8.72 20.59
C ALA D 212 -12.67 -9.83 21.62
N VAL D 213 -13.28 -10.96 21.27
CA VAL D 213 -13.30 -12.11 22.17
CA VAL D 213 -13.39 -12.13 22.13
C VAL D 213 -12.68 -13.32 21.47
N MET D 214 -11.98 -14.12 22.27
CA MET D 214 -11.41 -15.37 21.80
CA MET D 214 -11.39 -15.36 21.81
C MET D 214 -11.72 -16.47 22.79
N ILE D 215 -12.04 -17.63 22.27
CA ILE D 215 -12.37 -18.80 23.04
C ILE D 215 -11.40 -19.87 22.56
N ILE D 216 -10.52 -20.34 23.44
CA ILE D 216 -9.40 -21.17 23.05
C ILE D 216 -9.41 -22.50 23.80
N ARG D 217 -9.40 -23.61 23.05
CA ARG D 217 -9.27 -24.91 23.66
C ARG D 217 -7.92 -24.97 24.37
N ARG D 218 -7.94 -25.34 25.66
CA ARG D 218 -6.77 -25.03 26.49
C ARG D 218 -5.54 -25.83 26.06
N ASP D 219 -5.73 -27.01 25.47
CA ASP D 219 -4.55 -27.75 25.07
C ASP D 219 -3.74 -27.03 24.01
N LEU D 220 -4.39 -26.14 23.24
CA LEU D 220 -3.66 -25.41 22.21
C LEU D 220 -2.68 -24.44 22.82
N LEU D 221 -2.91 -24.02 24.07
CA LEU D 221 -1.96 -23.14 24.76
C LEU D 221 -0.72 -23.89 25.21
N GLU D 222 -0.69 -25.21 25.08
CA GLU D 222 0.54 -25.96 25.34
C GLU D 222 1.50 -25.91 24.15
N ARG D 223 1.07 -25.37 23.01
CA ARG D 223 1.97 -25.23 21.86
C ARG D 223 2.97 -24.09 22.07
N SER D 224 4.10 -24.19 21.41
CA SER D 224 5.15 -23.17 21.56
CA SER D 224 5.12 -23.15 21.59
C SER D 224 4.94 -21.98 20.64
N GLY D 225 4.33 -22.20 19.47
CA GLY D 225 4.15 -21.12 18.51
C GLY D 225 5.50 -20.61 18.02
N GLN D 226 5.55 -19.31 17.71
CA GLN D 226 6.74 -18.73 17.13
C GLN D 226 7.37 -17.71 18.08
N PRO D 227 8.70 -17.54 18.06
CA PRO D 227 9.31 -16.55 18.95
C PRO D 227 8.62 -15.20 18.78
N ARG D 228 8.22 -14.60 19.91
CA ARG D 228 7.37 -13.41 19.79
C ARG D 228 7.37 -12.68 21.11
N ALA D 229 7.11 -11.38 21.04
CA ALA D 229 7.00 -10.59 22.25
C ALA D 229 5.90 -11.14 23.17
N ASP D 230 6.11 -10.96 24.48
CA ASP D 230 5.11 -11.37 25.46
C ASP D 230 3.72 -10.78 25.16
N ILE D 231 3.66 -9.52 24.73
CA ILE D 231 2.36 -8.88 24.46
C ILE D 231 1.63 -9.55 23.30
N PHE D 232 2.34 -10.36 22.50
CA PHE D 232 1.73 -11.13 21.41
C PHE D 232 1.52 -12.61 21.79
N ASP D 233 1.59 -12.93 23.08
CA ASP D 233 1.55 -14.33 23.54
C ASP D 233 0.25 -14.58 24.28
N TYR D 234 -0.66 -15.34 23.66
CA TYR D 234 -1.93 -15.64 24.33
C TYR D 234 -1.75 -16.37 25.64
N ARG D 235 -0.68 -17.16 25.77
CA ARG D 235 -0.41 -17.85 27.03
C ARG D 235 -0.23 -16.86 28.16
N SER D 236 0.45 -15.74 27.87
CA SER D 236 0.64 -14.71 28.88
C SER D 236 -0.67 -13.96 29.13
N HIS D 237 -1.46 -13.74 28.08
CA HIS D 237 -2.78 -13.12 28.21
C HIS D 237 -3.70 -13.97 29.10
N VAL D 238 -3.61 -15.30 28.96
CA VAL D 238 -4.45 -16.17 29.79
C VAL D 238 -3.95 -16.19 31.24
N ALA D 239 -2.63 -16.19 31.42
CA ALA D 239 -2.03 -16.09 32.75
C ALA D 239 -2.49 -14.84 33.49
N ARG D 240 -2.72 -13.74 32.77
CA ARG D 240 -3.06 -12.44 33.34
C ARG D 240 -4.55 -12.08 33.20
N ASP D 241 -5.39 -13.04 32.82
CA ASP D 241 -6.84 -12.85 32.74
C ASP D 241 -7.22 -11.64 31.88
N SER D 242 -6.66 -11.58 30.66
CA SER D 242 -6.95 -10.50 29.71
C SER D 242 -6.51 -9.13 30.23
N MET D 243 -5.61 -9.10 31.19
CA MET D 243 -5.07 -7.83 31.72
C MET D 243 -3.56 -7.88 31.73
N LEU D 244 -2.97 -8.44 30.65
CA LEU D 244 -1.53 -8.48 30.52
C LEU D 244 -0.94 -7.08 30.45
N ASN D 245 -1.62 -6.17 29.75
CA ASN D 245 -1.34 -4.75 29.88
C ASN D 245 -2.67 -4.04 30.11
N THR D 246 -2.69 -2.73 29.96
CA THR D 246 -3.91 -1.98 30.23
C THR D 246 -5.01 -2.38 29.26
N PRO D 247 -6.11 -2.94 29.73
N PRO D 247 -8.34 -4.57 26.96
CA PRO D 247 -7.20 -3.31 28.82
CA PRO D 247 -9.24 -3.53 26.47
C PRO D 247 -8.09 -2.12 28.54
C PRO D 247 -9.67 -2.58 27.57
N PRO D 248 -9.03 -2.25 27.59
N PRO D 248 -9.99 -1.33 27.20
CA PRO D 248 -10.02 -1.18 27.37
CA PRO D 248 -10.37 -0.33 28.20
C PRO D 248 -11.31 -1.37 28.18
C PRO D 248 -11.58 -0.79 29.01
N THR D 249 -11.36 -0.73 29.35
N THR D 249 -11.58 -0.41 30.30
CA THR D 249 -12.33 -1.08 30.39
CA THR D 249 -12.69 -0.80 31.18
C THR D 249 -13.77 -0.76 29.98
C THR D 249 -14.02 -0.50 30.54
N TRP D 250 -14.07 0.52 29.69
CA TRP D 250 -15.37 0.93 29.19
C TRP D 250 -15.89 -0.02 28.11
N ASN D 251 -15.02 -0.47 27.23
CA ASN D 251 -15.43 -1.36 26.15
C ASN D 251 -15.76 -2.75 26.69
N TRP D 252 -14.94 -3.24 27.60
CA TRP D 252 -15.23 -4.51 28.24
C TRP D 252 -16.58 -4.44 28.98
N TYR D 253 -16.85 -3.31 29.64
CA TYR D 253 -18.15 -3.08 30.30
C TYR D 253 -19.30 -3.10 29.29
N LEU D 254 -19.14 -2.41 28.17
CA LEU D 254 -20.20 -2.39 27.15
CA LEU D 254 -20.18 -2.39 27.13
C LEU D 254 -20.45 -3.78 26.59
N ALA D 255 -19.39 -4.52 26.26
CA ALA D 255 -19.59 -5.90 25.83
C ALA D 255 -20.34 -6.69 26.90
N GLY D 256 -20.04 -6.45 28.17
CA GLY D 256 -20.77 -7.13 29.23
C GLY D 256 -22.24 -6.78 29.26
N LEU D 257 -22.58 -5.50 28.99
CA LEU D 257 -24.00 -5.14 28.91
C LEU D 257 -24.68 -5.86 27.77
N VAL D 258 -23.98 -6.01 26.65
CA VAL D 258 -24.56 -6.73 25.53
C VAL D 258 -24.79 -8.21 25.86
N PHE D 259 -23.83 -8.87 26.52
CA PHE D 259 -24.07 -10.26 26.91
C PHE D 259 -25.29 -10.35 27.82
N LYS D 260 -25.42 -9.42 28.77
CA LYS D 260 -26.57 -9.45 29.67
C LYS D 260 -27.86 -9.25 28.90
N TRP D 261 -27.85 -8.31 27.96
CA TRP D 261 -29.05 -8.09 27.16
C TRP D 261 -29.41 -9.37 26.40
N MET D 262 -28.43 -10.02 25.76
CA MET D 262 -28.73 -11.26 25.05
C MET D 262 -29.28 -12.34 25.99
N LEU D 263 -28.72 -12.47 27.20
CA LEU D 263 -29.26 -13.45 28.14
C LEU D 263 -30.69 -13.10 28.55
N ALA D 264 -30.97 -11.81 28.78
CA ALA D 264 -32.27 -11.34 29.22
C ALA D 264 -33.32 -11.48 28.12
N GLU D 265 -32.90 -11.57 26.85
CA GLU D 265 -33.82 -11.84 25.76
C GLU D 265 -34.18 -13.31 25.62
N GLY D 266 -33.45 -14.20 26.29
CA GLY D 266 -33.66 -15.64 26.21
C GLY D 266 -32.47 -16.42 25.70
N GLY D 267 -31.35 -15.76 25.46
CA GLY D 267 -30.15 -16.49 25.09
C GLY D 267 -30.16 -16.96 23.65
N VAL D 268 -29.13 -17.77 23.33
CA VAL D 268 -28.93 -18.11 21.91
C VAL D 268 -30.04 -19.00 21.35
N THR D 269 -30.78 -19.77 22.16
CA THR D 269 -31.90 -20.50 21.55
C THR D 269 -32.96 -19.54 21.04
N GLU D 270 -33.18 -18.43 21.74
CA GLU D 270 -34.12 -17.41 21.26
C GLU D 270 -33.60 -16.71 20.03
N PHE D 271 -32.30 -16.33 20.01
CA PHE D 271 -31.78 -15.72 18.79
C PHE D 271 -31.77 -16.68 17.62
N ALA D 272 -31.56 -17.99 17.85
CA ALA D 272 -31.69 -18.92 16.73
C ALA D 272 -33.05 -18.82 16.09
N LYS D 273 -34.10 -18.79 16.93
CA LYS D 273 -35.47 -18.72 16.42
CA LYS D 273 -35.47 -18.70 16.43
C LYS D 273 -35.71 -17.40 15.70
N ARG D 274 -35.27 -16.27 16.30
CA ARG D 274 -35.53 -14.96 15.70
C ARG D 274 -34.77 -14.80 14.41
N ASN D 275 -33.52 -15.24 14.40
CA ASN D 275 -32.68 -15.06 13.22
C ASN D 275 -33.16 -15.98 12.08
N ALA D 276 -33.56 -17.22 12.40
CA ALA D 276 -34.12 -18.08 11.36
C ALA D 276 -35.37 -17.45 10.77
N ALA D 277 -36.20 -16.81 11.62
CA ALA D 277 -37.45 -16.24 11.12
C ALA D 277 -37.19 -15.01 10.25
N LYS D 278 -36.26 -14.15 10.67
CA LYS D 278 -35.97 -12.96 9.85
C LYS D 278 -35.43 -13.38 8.51
N ALA D 279 -34.47 -14.32 8.51
CA ALA D 279 -33.89 -14.77 7.24
C ALA D 279 -34.93 -15.42 6.35
N ALA D 280 -35.81 -16.26 6.91
CA ALA D 280 -36.82 -16.91 6.08
C ALA D 280 -37.71 -15.88 5.41
N LEU D 281 -38.03 -14.77 6.10
CA LEU D 281 -38.88 -13.76 5.47
C LEU D 281 -38.20 -13.15 4.27
N VAL D 282 -36.94 -12.76 4.44
CA VAL D 282 -36.25 -12.05 3.37
C VAL D 282 -35.95 -12.99 2.20
N TYR D 283 -35.46 -14.22 2.47
CA TYR D 283 -35.25 -15.15 1.37
C TYR D 283 -36.57 -15.54 0.72
N GLY D 284 -37.67 -15.55 1.48
CA GLY D 284 -38.96 -15.76 0.84
C GLY D 284 -39.30 -14.65 -0.16
N ALA D 285 -39.02 -13.41 0.20
CA ALA D 285 -39.27 -12.31 -0.72
C ALA D 285 -38.39 -12.43 -1.96
N ILE D 286 -37.14 -12.83 -1.78
CA ILE D 286 -36.23 -13.03 -2.91
C ILE D 286 -36.72 -14.18 -3.78
N ASP D 287 -36.99 -15.34 -3.16
CA ASP D 287 -37.25 -16.56 -3.90
C ASP D 287 -38.57 -16.52 -4.64
N GLY D 288 -39.52 -15.70 -4.16
CA GLY D 288 -40.78 -15.57 -4.87
C GLY D 288 -40.82 -14.48 -5.93
N SER D 289 -39.70 -13.82 -6.22
CA SER D 289 -39.71 -12.60 -7.04
C SER D 289 -39.47 -12.87 -8.52
N GLY D 290 -39.34 -14.12 -8.94
CA GLY D 290 -39.12 -14.42 -10.34
C GLY D 290 -37.79 -13.92 -10.87
N GLY D 291 -36.77 -13.82 -10.01
CA GLY D 291 -35.47 -13.36 -10.39
C GLY D 291 -35.32 -11.86 -10.34
N PHE D 292 -36.39 -11.12 -10.03
CA PHE D 292 -36.30 -9.67 -9.91
C PHE D 292 -35.34 -9.26 -8.80
N TYR D 293 -35.35 -9.98 -7.65
CA TYR D 293 -34.32 -9.85 -6.63
C TYR D 293 -33.41 -11.07 -6.80
N ARG D 294 -32.14 -10.85 -7.18
CA ARG D 294 -31.24 -11.94 -7.51
C ARG D 294 -30.31 -12.22 -6.35
N ASN D 295 -30.23 -13.49 -5.95
CA ASN D 295 -29.22 -13.96 -4.98
C ASN D 295 -28.84 -15.35 -5.45
N GLU D 296 -27.54 -15.58 -5.65
CA GLU D 296 -27.10 -16.83 -6.26
C GLU D 296 -26.41 -17.77 -5.29
N VAL D 297 -26.41 -17.44 -3.99
CA VAL D 297 -25.72 -18.27 -3.01
C VAL D 297 -26.44 -19.61 -2.88
N ALA D 298 -25.67 -20.68 -2.93
CA ALA D 298 -26.23 -22.03 -2.75
C ALA D 298 -27.11 -22.06 -1.51
N TYR D 299 -28.29 -22.66 -1.63
CA TYR D 299 -29.28 -22.58 -0.57
CA TYR D 299 -29.29 -22.59 -0.56
C TYR D 299 -28.72 -23.03 0.78
N ALA D 300 -27.93 -24.10 0.81
CA ALA D 300 -27.42 -24.63 2.06
C ALA D 300 -26.34 -23.76 2.69
N ALA D 301 -25.90 -22.72 1.97
CA ALA D 301 -24.85 -21.83 2.46
C ALA D 301 -25.37 -20.41 2.68
N ARG D 302 -26.67 -20.20 2.59
CA ARG D 302 -27.22 -18.85 2.70
C ARG D 302 -27.09 -18.32 4.12
N SER D 303 -26.45 -17.16 4.27
CA SER D 303 -26.33 -16.52 5.57
C SER D 303 -27.70 -16.16 6.14
N ARG D 304 -27.88 -16.36 7.44
CA ARG D 304 -29.04 -15.82 8.14
C ARG D 304 -28.83 -14.36 8.52
N MET D 305 -27.58 -13.91 8.55
CA MET D 305 -27.24 -12.65 9.20
C MET D 305 -27.04 -11.52 8.23
N ASN D 306 -26.59 -11.81 7.01
CA ASN D 306 -26.34 -10.77 6.02
C ASN D 306 -26.84 -11.29 4.68
N ILE D 307 -27.81 -10.60 4.09
CA ILE D 307 -28.50 -11.13 2.92
C ILE D 307 -28.37 -10.14 1.77
N PRO D 308 -27.46 -10.40 0.84
CA PRO D 308 -27.32 -9.54 -0.34
C PRO D 308 -28.31 -9.95 -1.43
N PHE D 309 -28.65 -8.98 -2.26
CA PHE D 309 -29.42 -9.33 -3.44
C PHE D 309 -29.28 -8.20 -4.44
N PHE D 310 -29.58 -8.50 -5.71
CA PHE D 310 -29.33 -7.56 -6.78
C PHE D 310 -30.58 -7.34 -7.64
N LEU D 311 -30.85 -6.07 -7.98
CA LEU D 311 -31.95 -5.75 -8.88
C LEU D 311 -31.49 -6.01 -10.31
N PRO D 312 -32.40 -5.97 -11.30
CA PRO D 312 -31.97 -6.25 -12.67
C PRO D 312 -30.90 -5.32 -13.23
N ASP D 313 -30.77 -4.09 -12.71
CA ASP D 313 -29.64 -3.26 -13.11
C ASP D 313 -29.29 -2.33 -11.96
N ALA D 314 -28.14 -1.67 -12.12
CA ALA D 314 -27.62 -0.79 -11.07
C ALA D 314 -28.52 0.41 -10.84
N GLU D 315 -29.23 0.86 -11.89
CA GLU D 315 -30.17 1.96 -11.72
C GLU D 315 -31.30 1.55 -10.78
N LEU D 316 -31.81 0.34 -10.92
CA LEU D 316 -32.83 -0.11 -9.99
C LEU D 316 -32.26 -0.41 -8.59
N ASP D 317 -30.98 -0.85 -8.50
CA ASP D 317 -30.36 -0.94 -7.17
C ASP D 317 -30.38 0.41 -6.49
N ALA D 318 -30.04 1.47 -7.23
CA ALA D 318 -29.99 2.79 -6.62
C ALA D 318 -31.36 3.27 -6.23
N ARG D 319 -32.36 3.02 -7.09
CA ARG D 319 -33.73 3.36 -6.73
C ARG D 319 -34.18 2.59 -5.49
N PHE D 320 -33.79 1.31 -5.38
CA PHE D 320 -34.15 0.54 -4.21
C PHE D 320 -33.57 1.16 -2.94
N VAL D 321 -32.27 1.47 -2.95
CA VAL D 321 -31.66 2.07 -1.77
C VAL D 321 -32.37 3.37 -1.40
N ALA D 322 -32.62 4.23 -2.39
CA ALA D 322 -33.18 5.56 -2.13
C ALA D 322 -34.64 5.47 -1.66
N GLU D 323 -35.47 4.71 -2.37
CA GLU D 323 -36.86 4.59 -1.96
C GLU D 323 -36.98 3.90 -0.62
N ALA D 324 -36.09 2.93 -0.33
CA ALA D 324 -36.14 2.27 0.97
C ALA D 324 -35.76 3.24 2.08
N LYS D 325 -34.74 4.06 1.85
CA LYS D 325 -34.35 5.07 2.85
C LYS D 325 -35.52 5.97 3.20
N ALA D 326 -36.24 6.44 2.17
CA ALA D 326 -37.38 7.31 2.39
C ALA D 326 -38.51 6.58 3.09
N ALA D 327 -38.52 5.25 3.08
CA ALA D 327 -39.48 4.45 3.82
C ALA D 327 -38.99 4.11 5.22
N GLY D 328 -37.86 4.68 5.64
CA GLY D 328 -37.31 4.40 6.95
C GLY D 328 -36.49 3.14 7.04
N LEU D 329 -35.94 2.66 5.94
CA LEU D 329 -35.18 1.41 5.89
C LEU D 329 -33.76 1.81 5.50
N LEU D 330 -32.84 1.84 6.46
CA LEU D 330 -31.57 2.53 6.28
C LEU D 330 -30.42 1.56 6.00
N ALA D 331 -29.39 2.09 5.32
CA ALA D 331 -28.09 1.44 5.18
C ALA D 331 -28.19 0.11 4.44
N LEU D 332 -29.02 0.09 3.37
CA LEU D 332 -29.23 -1.11 2.58
C LEU D 332 -28.32 -1.21 1.37
N LYS D 333 -27.51 -0.19 1.05
CA LYS D 333 -26.60 -0.31 -0.09
C LYS D 333 -25.59 -1.43 0.17
N GLY D 334 -25.40 -2.28 -0.83
CA GLY D 334 -24.40 -3.33 -0.71
C GLY D 334 -23.00 -2.76 -0.58
N HIS D 335 -22.10 -3.61 -0.09
CA HIS D 335 -20.70 -3.23 0.02
C HIS D 335 -20.13 -2.86 -1.34
N LYS D 336 -19.21 -1.88 -1.38
CA LYS D 336 -18.63 -1.47 -2.67
C LYS D 336 -17.94 -2.61 -3.39
N VAL D 337 -17.52 -3.67 -2.68
CA VAL D 337 -16.87 -4.84 -3.28
C VAL D 337 -17.78 -5.52 -4.28
N VAL D 338 -19.10 -5.43 -4.07
CA VAL D 338 -20.06 -6.19 -4.88
C VAL D 338 -21.18 -5.36 -5.47
N GLY D 339 -21.52 -4.18 -4.90
CA GLY D 339 -22.71 -3.48 -5.37
C GLY D 339 -23.99 -4.06 -4.80
N GLY D 340 -25.10 -3.84 -5.52
CA GLY D 340 -26.40 -4.38 -5.11
C GLY D 340 -26.89 -3.88 -3.77
N ILE D 341 -27.69 -4.71 -3.13
CA ILE D 341 -28.37 -4.44 -1.86
C ILE D 341 -27.83 -5.41 -0.83
N ARG D 342 -27.82 -5.00 0.45
CA ARG D 342 -27.50 -5.95 1.51
C ARG D 342 -28.30 -5.62 2.76
N ALA D 343 -29.10 -6.60 3.22
CA ALA D 343 -29.86 -6.44 4.45
C ALA D 343 -29.12 -7.19 5.55
N SER D 344 -28.59 -6.49 6.55
CA SER D 344 -27.99 -7.19 7.68
C SER D 344 -29.00 -7.30 8.80
N LEU D 345 -29.03 -8.47 9.44
CA LEU D 345 -30.13 -8.88 10.31
C LEU D 345 -29.56 -9.40 11.63
N TYR D 346 -28.74 -8.59 12.28
CA TYR D 346 -28.03 -9.04 13.49
C TYR D 346 -29.00 -9.25 14.66
N ASN D 347 -28.45 -9.78 15.76
CA ASN D 347 -29.31 -10.14 16.90
C ASN D 347 -30.21 -8.98 17.32
N ALA D 348 -29.68 -7.76 17.33
CA ALA D 348 -30.45 -6.63 17.79
C ALA D 348 -31.53 -6.19 16.80
N MET D 349 -31.51 -6.65 15.56
CA MET D 349 -32.56 -6.32 14.60
C MET D 349 -33.83 -7.11 14.91
N PRO D 350 -34.94 -6.46 15.22
CA PRO D 350 -36.16 -7.20 15.53
C PRO D 350 -36.77 -7.79 14.28
N LEU D 351 -37.62 -8.82 14.49
CA LEU D 351 -38.35 -9.40 13.38
C LEU D 351 -39.11 -8.32 12.61
N ALA D 352 -39.62 -7.30 13.31
CA ALA D 352 -40.40 -6.25 12.67
C ALA D 352 -39.60 -5.54 11.58
N GLY D 353 -38.28 -5.46 11.74
CA GLY D 353 -37.46 -4.87 10.70
C GLY D 353 -37.47 -5.70 9.42
N ALA D 354 -37.35 -7.01 9.55
CA ALA D 354 -37.42 -7.84 8.35
C ALA D 354 -38.82 -7.77 7.73
N GLU D 355 -39.86 -7.74 8.57
CA GLU D 355 -41.22 -7.58 8.04
C GLU D 355 -41.34 -6.29 7.24
N ALA D 356 -40.74 -5.21 7.74
CA ALA D 356 -40.88 -3.94 7.04
C ALA D 356 -40.11 -3.97 5.72
N LEU D 357 -38.94 -4.59 5.73
CA LEU D 357 -38.18 -4.73 4.49
C LEU D 357 -38.96 -5.54 3.45
N VAL D 358 -39.57 -6.66 3.86
CA VAL D 358 -40.28 -7.54 2.92
CA VAL D 358 -40.20 -7.47 2.82
C VAL D 358 -41.50 -6.85 2.34
N ALA D 359 -42.21 -6.07 3.18
CA ALA D 359 -43.33 -5.27 2.69
C ALA D 359 -42.86 -4.24 1.67
N PHE D 360 -41.72 -3.61 1.94
CA PHE D 360 -41.18 -2.66 0.95
C PHE D 360 -40.78 -3.39 -0.32
N MET D 361 -40.19 -4.58 -0.19
CA MET D 361 -39.73 -5.31 -1.38
C MET D 361 -40.91 -5.68 -2.27
N ALA D 362 -42.02 -6.08 -1.66
CA ALA D 362 -43.19 -6.44 -2.44
C ALA D 362 -43.74 -5.24 -3.18
N ASP D 363 -43.82 -4.09 -2.49
CA ASP D 363 -44.34 -2.90 -3.15
C ASP D 363 -43.39 -2.39 -4.22
N PHE D 364 -42.08 -2.45 -3.98
CA PHE D 364 -41.10 -2.01 -4.96
C PHE D 364 -41.23 -2.80 -6.26
N GLN D 365 -41.36 -4.14 -6.17
CA GLN D 365 -41.54 -4.92 -7.38
C GLN D 365 -42.89 -4.65 -8.03
N GLN D 366 -43.95 -4.49 -7.24
CA GLN D 366 -45.24 -4.15 -7.85
CA GLN D 366 -45.24 -4.14 -7.82
C GLN D 366 -45.15 -2.86 -8.66
N ARG D 367 -44.37 -1.88 -8.18
CA ARG D 367 -44.27 -0.60 -8.89
C ARG D 367 -43.31 -0.65 -10.07
N HIS D 368 -42.15 -1.29 -9.90
CA HIS D 368 -41.08 -1.25 -10.90
C HIS D 368 -40.96 -2.50 -11.73
N GLY D 369 -41.57 -3.61 -11.31
CA GLY D 369 -41.29 -4.92 -11.90
C GLY D 369 -42.00 -5.19 -13.19
CL CL E . 13.69 7.61 -18.18
C1 EDO F . 18.48 6.33 -4.72
O1 EDO F . 18.55 5.70 -5.99
C2 EDO F . 17.67 7.58 -4.88
O2 EDO F . 16.83 7.50 -6.03
CA CA G . -5.07 -22.23 -19.83
C1 EDO H . -1.74 -3.28 -37.68
O1 EDO H . -2.19 -2.78 -36.44
C2 EDO H . -0.25 -3.10 -37.94
O2 EDO H . 0.10 -1.72 -37.93
C1 EDO I . -21.67 -8.28 -31.39
O1 EDO I . -22.35 -7.01 -31.34
C2 EDO I . -21.89 -8.96 -32.72
O2 EDO I . -23.28 -9.26 -32.94
N1 PLP J . -4.18 -4.08 -29.74
C2 PLP J . -4.72 -3.40 -30.76
C2A PLP J . -6.22 -3.42 -30.91
C3 PLP J . -3.91 -2.69 -31.66
O3 PLP J . -4.49 -1.93 -32.62
C4 PLP J . -2.52 -2.69 -31.51
C4A PLP J . -1.67 -1.88 -32.37
C5 PLP J . -1.98 -3.43 -30.45
C6 PLP J . -2.85 -4.09 -29.61
C5A PLP J . -0.49 -3.54 -30.28
O4P PLP J . -0.11 -4.22 -29.10
P PLP J . 1.22 -3.61 -28.35
O1P PLP J . 2.25 -3.53 -29.50
O2P PLP J . 1.63 -4.65 -27.31
O3P PLP J . 0.89 -2.22 -27.83
CA CA K . 17.63 -10.12 20.48
C1 EDO L . 2.33 2.21 37.58
O1 EDO L . 2.19 3.10 36.47
C2 EDO L . 1.08 2.12 38.43
O2 EDO L . 0.05 1.29 37.91
C1 EDO M . 19.95 11.80 31.34
O1 EDO M . 19.98 13.23 31.27
C2 EDO M . 21.23 11.21 31.90
O2 EDO M . 21.97 12.15 32.70
N1 PLP N . 4.66 3.09 29.72
C2 PLP N . 4.58 4.00 30.71
C2A PLP N . 5.71 4.97 30.85
C3 PLP N . 3.49 4.03 31.58
O3 PLP N . 3.45 4.98 32.54
C4 PLP N . 2.45 3.10 31.45
C4A PLP N . 1.26 3.16 32.30
C5 PLP N . 2.58 2.12 30.44
C6 PLP N . 3.67 2.19 29.61
C5A PLP N . 1.63 0.96 30.39
O4P PLP N . 1.73 0.24 29.21
P PLP N . 0.33 -0.20 28.51
O1P PLP N . 0.66 -1.30 27.56
O2P PLP N . -0.55 -0.74 29.68
O3P PLP N . -0.33 1.05 27.89
CL CL O . -16.39 -0.85 18.22
#